data_5VQF
#
_entry.id   5VQF
#
_cell.length_a   54.660
_cell.length_b   126.920
_cell.length_c   137.920
_cell.angle_alpha   90.00
_cell.angle_beta   96.70
_cell.angle_gamma   90.00
#
_symmetry.space_group_name_H-M   'P 1 21 1'
#
loop_
_entity.id
_entity.type
_entity.pdbx_description
1 polymer 'Transforming growth factor beta-1'
2 branched beta-D-mannopyranose-(1-4)-2-acetamido-2-deoxy-beta-D-glucopyranose-(1-4)-2-acetamido-2-deoxy-beta-D-glucopyranose
3 branched 2-acetamido-2-deoxy-beta-D-glucopyranose-(1-4)-2-acetamido-2-deoxy-beta-D-glucopyranose
#
_entity_poly.entity_id   1
_entity_poly.type   'polypeptide(L)'
_entity_poly.pdbx_seq_one_letter_code
;GPLSTSKTIDMELVKRKRIEAIRGQILSKLRLASPPSQGDVPPGPLPEAVLALYNSTRDRVAGESVEPEPEPEADYYAKE
VTRVLMVESGNQIYDKFKGTPHSLYMLFNTSELREAVPEPVLLSRAELRLLRLKLKVEQHVELYQKYSQDSWRYLSNRLL
APSDSPEWLSFDVTGVVRQWLTRREAIEGFRLSAHCSCDSKDNTLHVEINGFNSGRRGDLATIHGMNRPFLLLMATPLER
AQHLHSSRHRRALDTNYCFSSTEKNCCVRQLYIDFRKDLGWKWIHEPKGYHANFCLGPCPYIWSLDTQYSKVLALYNQHN
PGASAAPCCVPQALEPLPIVYYVGRKPKVEQLSNMIVRSCKCS
;
_entity_poly.pdbx_strand_id   A,B,C,D
#
loop_
_chem_comp.id
_chem_comp.type
_chem_comp.name
_chem_comp.formula
BMA D-saccharide, beta linking beta-D-mannopyranose 'C6 H12 O6'
NAG D-saccharide, beta linking 2-acetamido-2-deoxy-beta-D-glucopyranose 'C8 H15 N O6'
#
# COMPACT_ATOMS: atom_id res chain seq x y z
N SER A 4 41.34 44.97 45.68
CA SER A 4 41.34 44.58 44.28
C SER A 4 42.43 45.30 43.50
N THR A 5 43.07 46.27 44.15
CA THR A 5 44.20 46.96 43.52
C THR A 5 45.37 46.01 43.26
N SER A 6 45.66 45.12 44.21
CA SER A 6 46.76 44.18 44.04
C SER A 6 46.30 42.78 43.62
N LYS A 7 45.03 42.58 43.29
CA LYS A 7 44.59 41.31 42.74
C LYS A 7 44.29 41.37 41.24
N THR A 8 43.77 42.50 40.75
CA THR A 8 43.52 42.63 39.32
C THR A 8 44.81 42.49 38.51
N ILE A 9 45.91 43.05 39.00
CA ILE A 9 47.18 42.95 38.28
C ILE A 9 47.65 41.50 38.25
N ASP A 10 47.42 40.76 39.34
CA ASP A 10 47.72 39.33 39.35
C ASP A 10 46.91 38.61 38.28
N MET A 11 45.64 39.03 38.09
CA MET A 11 44.78 38.42 37.10
C MET A 11 45.34 38.62 35.69
N GLU A 12 45.85 39.82 35.40
CA GLU A 12 46.43 40.12 34.09
C GLU A 12 47.61 39.23 33.78
N LEU A 13 48.41 38.88 34.79
CA LEU A 13 49.54 37.97 34.57
C LEU A 13 49.04 36.58 34.18
N VAL A 14 47.93 36.14 34.78
CA VAL A 14 47.33 34.87 34.38
C VAL A 14 46.81 34.96 32.95
N LYS A 15 46.16 36.07 32.61
CA LYS A 15 45.66 36.24 31.25
C LYS A 15 46.81 36.24 30.25
N ARG A 16 47.95 36.83 30.62
CA ARG A 16 49.11 36.84 29.73
C ARG A 16 49.72 35.44 29.63
N LYS A 17 49.71 34.69 30.73
CA LYS A 17 50.16 33.31 30.70
C LYS A 17 49.28 32.47 29.78
N ARG A 18 47.97 32.70 29.84
CA ARG A 18 47.05 32.01 28.94
C ARG A 18 47.31 32.36 27.48
N ILE A 19 47.55 33.64 27.19
CA ILE A 19 47.79 34.09 25.82
C ILE A 19 49.04 33.44 25.25
N GLU A 20 50.11 33.38 26.04
CA GLU A 20 51.37 32.81 25.53
C GLU A 20 51.22 31.31 25.26
N ALA A 21 50.45 30.61 26.08
CA ALA A 21 50.21 29.19 25.81
C ALA A 21 49.45 29.02 24.50
N ILE A 22 48.50 29.93 24.23
CA ILE A 22 47.74 29.88 22.99
C ILE A 22 48.63 30.12 21.78
N ARG A 23 49.66 30.96 21.92
CA ARG A 23 50.58 31.18 20.81
C ARG A 23 51.24 29.87 20.37
N GLY A 24 51.75 29.09 21.31
CA GLY A 24 52.28 27.79 20.96
C GLY A 24 51.17 26.81 20.65
N GLN A 25 50.01 27.03 21.25
CA GLN A 25 48.86 26.16 21.06
C GLN A 25 48.43 26.12 19.59
N ILE A 26 48.18 27.31 19.02
CA ILE A 26 47.73 27.41 17.62
C ILE A 26 48.81 26.90 16.66
N LEU A 27 50.07 27.29 16.91
CA LEU A 27 51.14 26.90 15.99
C LEU A 27 51.37 25.39 16.01
N SER A 28 51.23 24.75 17.17
CA SER A 28 51.46 23.31 17.25
C SER A 28 50.33 22.55 16.57
N LYS A 29 49.11 23.08 16.65
CA LYS A 29 47.98 22.46 15.98
C LYS A 29 48.16 22.47 14.46
N LEU A 30 48.60 23.61 13.93
CA LEU A 30 48.90 23.79 12.52
C LEU A 30 50.21 23.15 12.11
N ARG A 31 50.94 22.54 13.05
CA ARG A 31 52.21 21.88 12.76
C ARG A 31 53.19 22.85 12.11
N LEU A 32 53.27 24.05 12.69
CA LEU A 32 54.18 25.10 12.22
C LEU A 32 55.07 25.56 13.37
N ALA A 33 56.37 25.73 13.07
CA ALA A 33 57.28 26.26 14.06
C ALA A 33 57.16 27.77 14.17
N SER A 34 56.81 28.45 13.09
CA SER A 34 56.67 29.88 13.05
C SER A 34 55.50 30.22 12.14
N PRO A 35 54.95 31.43 12.25
CA PRO A 35 53.86 31.85 11.34
C PRO A 35 54.29 31.77 9.89
N PRO A 36 53.38 31.37 8.99
CA PRO A 36 53.75 31.19 7.59
C PRO A 36 53.99 32.51 6.88
N SER A 37 54.81 32.44 5.83
CA SER A 37 55.19 33.63 5.07
C SER A 37 54.00 34.24 4.33
N GLN A 38 53.95 35.57 4.31
CA GLN A 38 52.85 36.33 3.74
C GLN A 38 53.23 37.20 2.56
N GLY A 39 54.47 37.12 2.07
CA GLY A 39 54.91 37.99 1.01
C GLY A 39 54.12 37.86 -0.28
N ASP A 40 53.54 36.68 -0.52
CA ASP A 40 52.83 36.42 -1.77
C ASP A 40 51.33 36.73 -1.70
N VAL A 41 50.81 37.03 -0.52
CA VAL A 41 49.36 37.08 -0.29
C VAL A 41 48.78 38.34 -0.91
N PRO A 42 47.69 38.24 -1.66
CA PRO A 42 47.02 39.43 -2.21
C PRO A 42 46.31 40.22 -1.13
N PRO A 43 46.49 41.54 -1.10
CA PRO A 43 45.73 42.37 -0.15
C PRO A 43 44.27 42.52 -0.58
N GLY A 44 43.44 42.90 0.40
CA GLY A 44 42.03 43.14 0.15
C GLY A 44 41.12 42.12 0.80
N PRO A 45 39.85 42.11 0.39
CA PRO A 45 38.88 41.20 1.00
C PRO A 45 39.10 39.76 0.55
N LEU A 46 38.67 38.84 1.39
CA LEU A 46 38.81 37.42 1.08
C LEU A 46 37.92 37.02 -0.10
N PRO A 47 38.33 36.02 -0.88
CA PRO A 47 37.53 35.56 -2.03
C PRO A 47 36.14 35.11 -1.64
N GLU A 48 35.28 35.03 -2.66
CA GLU A 48 33.87 34.68 -2.45
C GLU A 48 33.73 33.28 -1.86
N ALA A 49 34.50 32.31 -2.38
CA ALA A 49 34.38 30.94 -1.89
C ALA A 49 35.00 30.77 -0.51
N VAL A 50 36.02 31.56 -0.18
CA VAL A 50 36.67 31.44 1.12
C VAL A 50 35.76 31.97 2.22
N LEU A 51 35.13 33.12 1.99
CA LEU A 51 34.26 33.64 3.04
C LEU A 51 33.07 32.69 3.25
N ALA A 52 32.46 32.24 2.16
CA ALA A 52 31.29 31.37 2.27
C ALA A 52 31.61 30.07 2.99
N LEU A 53 32.80 29.52 2.73
CA LEU A 53 33.23 28.30 3.42
C LEU A 53 33.35 28.55 4.92
N TYR A 54 34.00 29.65 5.30
CA TYR A 54 34.16 30.00 6.71
C TYR A 54 32.82 30.33 7.36
N ASN A 55 31.86 30.84 6.56
CA ASN A 55 30.56 31.28 7.09
C ASN A 55 29.80 30.14 7.77
N SER A 56 29.68 29.00 7.07
CA SER A 56 28.86 27.89 7.55
C SER A 56 29.47 27.16 8.73
N THR A 57 30.79 27.19 8.86
CA THR A 57 31.43 26.55 10.01
C THR A 57 31.01 27.20 11.33
N ARG A 58 30.69 28.49 11.31
CA ARG A 58 30.23 29.15 12.52
C ARG A 58 28.73 29.03 12.72
N ASP A 59 27.99 28.86 11.62
CA ASP A 59 26.53 28.88 11.63
C ASP A 59 25.93 27.75 12.44
N ARG A 60 24.82 28.03 13.11
CA ARG A 60 24.08 27.03 13.86
C ARG A 60 23.45 26.02 12.91
N VAL A 61 23.74 24.73 13.15
CA VAL A 61 23.28 23.62 12.33
C VAL A 61 22.62 22.60 13.25
N ALA A 62 21.90 21.66 12.65
CA ALA A 62 21.19 20.64 13.42
C ALA A 62 22.06 19.40 13.55
N GLY A 63 22.38 19.04 14.79
CA GLY A 63 23.15 17.86 15.12
C GLY A 63 22.38 16.56 14.98
N GLU A 64 23.13 15.46 15.12
CA GLU A 64 22.52 14.14 15.07
C GLU A 64 21.68 13.87 16.32
N SER A 65 22.15 14.34 17.47
CA SER A 65 21.42 14.14 18.71
C SER A 65 21.80 15.20 19.74
N PRO A 72 36.20 7.31 16.28
CA PRO A 72 37.12 7.52 17.41
C PRO A 72 37.26 9.00 17.75
N GLU A 73 37.65 9.29 18.99
CA GLU A 73 37.79 10.67 19.45
C GLU A 73 38.64 11.50 18.48
N ALA A 74 38.31 12.78 18.34
CA ALA A 74 39.03 13.65 17.43
C ALA A 74 40.41 13.98 17.97
N ASP A 75 41.34 14.23 17.06
CA ASP A 75 42.74 14.43 17.41
C ASP A 75 43.00 15.89 17.81
N TYR A 76 44.23 16.14 18.26
CA TYR A 76 44.63 17.48 18.70
C TYR A 76 44.84 18.43 17.52
N TYR A 77 45.42 17.94 16.43
CA TYR A 77 45.84 18.82 15.34
C TYR A 77 44.64 19.28 14.50
N ALA A 78 44.82 20.42 13.85
CA ALA A 78 43.76 21.06 13.09
C ALA A 78 43.39 20.24 11.84
N LYS A 79 42.15 20.41 11.41
CA LYS A 79 41.60 19.74 10.24
C LYS A 79 41.29 20.76 9.16
N GLU A 80 41.69 20.44 7.93
CA GLU A 80 41.36 21.25 6.76
C GLU A 80 39.89 21.02 6.38
N VAL A 81 39.14 22.11 6.25
CA VAL A 81 37.72 22.03 5.91
C VAL A 81 37.54 22.34 4.43
N THR A 82 36.84 21.45 3.72
CA THR A 82 36.47 21.65 2.32
C THR A 82 35.01 21.29 2.16
N ARG A 83 34.42 21.74 1.05
CA ARG A 83 33.04 21.41 0.74
C ARG A 83 32.86 21.17 -0.74
N VAL A 84 31.92 20.29 -1.07
CA VAL A 84 31.61 19.93 -2.44
C VAL A 84 30.09 19.96 -2.61
N LEU A 85 29.62 20.84 -3.46
CA LEU A 85 28.19 20.93 -3.74
C LEU A 85 27.76 19.75 -4.61
N MET A 86 26.49 19.38 -4.49
CA MET A 86 25.99 18.25 -5.26
C MET A 86 25.97 18.56 -6.76
N VAL A 87 25.78 17.49 -7.54
CA VAL A 87 25.67 17.66 -8.99
C VAL A 87 24.43 18.51 -9.28
N GLU A 88 24.54 19.40 -10.26
CA GLU A 88 23.51 20.39 -10.49
C GLU A 88 22.15 19.73 -10.76
N SER A 89 21.09 20.49 -10.47
CA SER A 89 19.74 19.95 -10.53
C SER A 89 19.31 19.63 -11.96
N GLY A 90 19.51 20.56 -12.89
CA GLY A 90 18.91 20.45 -14.20
C GLY A 90 19.29 19.20 -14.97
N ASN A 91 20.43 18.60 -14.67
CA ASN A 91 20.98 17.52 -15.47
C ASN A 91 21.12 16.25 -14.64
N GLN A 92 20.67 15.13 -15.22
CA GLN A 92 20.96 13.77 -14.74
C GLN A 92 20.17 13.34 -13.51
N ILE A 93 19.91 14.23 -12.56
CA ILE A 93 19.32 13.81 -11.29
C ILE A 93 17.80 13.74 -11.34
N TYR A 94 17.19 14.12 -12.47
CA TYR A 94 15.74 14.10 -12.59
C TYR A 94 15.20 12.92 -13.39
N ASP A 95 15.94 12.44 -14.40
CA ASP A 95 15.40 11.41 -15.27
C ASP A 95 15.35 10.05 -14.59
N LYS A 96 16.29 9.76 -13.70
CA LYS A 96 16.28 8.47 -13.03
C LYS A 96 15.28 8.42 -11.89
N PHE A 97 15.00 9.57 -11.26
CA PHE A 97 14.03 9.67 -10.17
C PHE A 97 12.99 10.74 -10.54
N LYS A 98 12.17 10.43 -11.53
CA LYS A 98 11.28 11.43 -12.11
C LYS A 98 9.95 11.44 -11.35
N GLY A 99 9.60 12.59 -10.80
CA GLY A 99 8.30 12.77 -10.17
C GLY A 99 8.15 12.11 -8.82
N THR A 100 9.23 12.03 -8.05
CA THR A 100 9.16 11.48 -6.70
C THR A 100 8.63 12.55 -5.75
N PRO A 101 7.42 12.39 -5.22
CA PRO A 101 6.81 13.47 -4.44
C PRO A 101 7.41 13.66 -3.05
N HIS A 102 7.93 12.59 -2.46
CA HIS A 102 8.36 12.63 -1.07
C HIS A 102 9.78 12.10 -0.91
N SER A 103 10.66 12.41 -1.87
CA SER A 103 12.03 11.94 -1.83
C SER A 103 12.95 12.98 -2.47
N LEU A 104 14.03 13.31 -1.79
CA LEU A 104 15.04 14.25 -2.30
C LEU A 104 16.36 13.51 -2.45
N TYR A 105 17.01 13.70 -3.62
CA TYR A 105 18.22 12.97 -3.98
C TYR A 105 19.40 13.92 -4.06
N MET A 106 20.53 13.52 -3.49
CA MET A 106 21.75 14.31 -3.51
C MET A 106 22.91 13.41 -3.91
N LEU A 107 23.48 13.67 -5.08
CA LEU A 107 24.58 12.87 -5.62
C LEU A 107 25.80 13.75 -5.87
N PHE A 108 26.99 13.16 -5.69
CA PHE A 108 28.25 13.90 -5.75
C PHE A 108 29.24 13.19 -6.66
N ASN A 109 30.08 13.98 -7.32
CA ASN A 109 31.19 13.47 -8.11
C ASN A 109 32.30 13.01 -7.17
N THR A 110 32.66 11.73 -7.24
CA THR A 110 33.66 11.19 -6.32
C THR A 110 35.03 11.77 -6.56
N SER A 111 35.32 12.22 -7.80
CA SER A 111 36.64 12.79 -8.08
C SER A 111 36.79 14.13 -7.39
N GLU A 112 35.71 14.91 -7.31
CA GLU A 112 35.75 16.16 -6.56
C GLU A 112 36.03 15.92 -5.09
N LEU A 113 35.56 14.80 -4.55
CA LEU A 113 35.89 14.46 -3.16
C LEU A 113 37.35 14.07 -3.02
N ARG A 114 37.87 13.26 -3.95
CA ARG A 114 39.29 12.91 -3.89
C ARG A 114 40.20 14.09 -4.18
N GLU A 115 39.70 15.12 -4.86
CA GLU A 115 40.50 16.33 -5.05
C GLU A 115 40.67 17.06 -3.73
N ALA A 116 39.62 17.09 -2.90
CA ALA A 116 39.74 17.70 -1.59
C ALA A 116 40.50 16.80 -0.62
N VAL A 117 40.13 15.53 -0.56
CA VAL A 117 40.77 14.55 0.31
C VAL A 117 41.32 13.42 -0.54
N PRO A 118 42.64 13.42 -0.82
CA PRO A 118 43.19 12.37 -1.70
C PRO A 118 43.00 10.96 -1.16
N GLU A 119 43.33 10.71 0.10
CA GLU A 119 43.24 9.37 0.66
C GLU A 119 42.31 9.34 1.87
N PRO A 120 41.54 8.26 2.04
CA PRO A 120 40.49 8.24 3.07
C PRO A 120 41.00 8.32 4.51
N VAL A 121 42.23 7.86 4.79
CA VAL A 121 42.71 7.85 6.16
C VAL A 121 42.77 9.25 6.74
N LEU A 122 42.97 10.28 5.89
CA LEU A 122 43.04 11.65 6.40
C LEU A 122 41.68 12.18 6.82
N LEU A 123 40.60 11.71 6.19
CA LEU A 123 39.28 12.23 6.50
C LEU A 123 38.90 11.89 7.94
N SER A 124 38.43 12.90 8.67
CA SER A 124 38.00 12.72 10.05
C SER A 124 36.52 12.94 10.26
N ARG A 125 35.88 13.77 9.44
CA ARG A 125 34.46 14.02 9.55
C ARG A 125 33.93 14.53 8.21
N ALA A 126 32.72 14.07 7.86
CA ALA A 126 32.04 14.50 6.65
C ALA A 126 30.58 14.70 6.98
N GLU A 127 30.06 15.90 6.69
CA GLU A 127 28.70 16.26 7.01
C GLU A 127 27.94 16.60 5.74
N LEU A 128 26.69 16.14 5.67
CA LEU A 128 25.78 16.49 4.60
C LEU A 128 24.90 17.64 5.06
N ARG A 129 24.83 18.70 4.28
CA ARG A 129 24.18 19.95 4.66
C ARG A 129 22.98 20.21 3.77
N LEU A 130 21.87 20.59 4.39
CA LEU A 130 20.60 20.88 3.73
C LEU A 130 20.06 22.20 4.23
N LEU A 131 19.45 22.97 3.34
CA LEU A 131 18.85 24.25 3.72
C LEU A 131 17.33 24.03 3.84
N ARG A 132 16.90 23.73 5.05
CA ARG A 132 15.49 23.45 5.30
C ARG A 132 14.67 24.74 5.23
N LEU A 133 13.50 24.64 4.61
CA LEU A 133 12.64 25.81 4.35
C LEU A 133 11.26 25.71 4.98
N LYS A 134 10.73 24.50 5.17
CA LYS A 134 9.37 24.32 5.68
C LYS A 134 9.24 24.86 7.10
N LEU A 135 8.62 26.03 7.23
CA LEU A 135 8.65 26.76 8.50
C LEU A 135 7.67 26.22 9.52
N LYS A 136 6.43 25.95 9.10
CA LYS A 136 5.31 25.88 10.05
C LYS A 136 4.94 24.48 10.50
N VAL A 137 5.28 23.43 9.76
CA VAL A 137 4.78 22.09 10.03
C VAL A 137 5.92 21.18 10.42
N GLU A 138 5.65 20.29 11.37
CA GLU A 138 6.61 19.27 11.80
C GLU A 138 6.69 18.15 10.77
N GLN A 139 7.91 17.68 10.52
CA GLN A 139 8.13 16.62 9.54
C GLN A 139 9.14 15.63 10.08
N HIS A 140 8.98 14.37 9.66
CA HIS A 140 9.83 13.27 10.07
C HIS A 140 10.47 12.69 8.81
N VAL A 141 11.81 12.73 8.75
CA VAL A 141 12.53 12.33 7.54
C VAL A 141 13.50 11.21 7.89
N GLU A 142 14.00 10.55 6.84
CA GLU A 142 14.98 9.48 6.95
C GLU A 142 16.01 9.63 5.83
N LEU A 143 17.26 9.29 6.15
CA LEU A 143 18.37 9.40 5.22
C LEU A 143 18.78 8.01 4.74
N TYR A 144 19.10 7.91 3.46
CA TYR A 144 19.50 6.65 2.84
C TYR A 144 20.76 6.86 2.00
N GLN A 145 21.56 5.80 1.89
CA GLN A 145 22.79 5.83 1.12
C GLN A 145 22.63 4.99 -0.14
N LYS A 146 23.07 5.55 -1.27
CA LYS A 146 23.10 4.81 -2.53
C LYS A 146 24.34 3.90 -2.55
N TYR A 147 24.19 2.72 -1.95
CA TYR A 147 25.27 1.73 -1.98
C TYR A 147 25.52 1.26 -3.41
N SER A 148 24.50 0.69 -4.02
CA SER A 148 24.53 0.23 -5.40
C SER A 148 23.48 0.96 -6.21
N GLN A 149 23.50 0.68 -7.51
CA GLN A 149 22.53 1.22 -8.46
C GLN A 149 21.12 0.70 -8.27
N ASP A 150 20.92 -0.34 -7.45
CA ASP A 150 19.61 -0.97 -7.37
C ASP A 150 18.90 -0.79 -6.04
N SER A 151 19.63 -0.81 -4.93
CA SER A 151 19.01 -0.80 -3.61
C SER A 151 19.51 0.39 -2.81
N TRP A 152 18.71 0.80 -1.83
CA TRP A 152 19.10 1.83 -0.88
C TRP A 152 19.14 1.22 0.52
N ARG A 153 20.00 1.81 1.35
CA ARG A 153 20.23 1.34 2.71
C ARG A 153 19.94 2.42 3.73
N TYR A 154 19.24 2.04 4.79
CA TYR A 154 18.89 3.01 5.82
C TYR A 154 20.15 3.48 6.53
N LEU A 155 20.26 4.80 6.71
CA LEU A 155 21.35 5.39 7.47
C LEU A 155 20.87 5.96 8.81
N SER A 156 19.99 6.95 8.78
CA SER A 156 19.53 7.59 10.01
C SER A 156 18.17 8.20 9.76
N ASN A 157 17.62 8.83 10.79
CA ASN A 157 16.37 9.55 10.70
C ASN A 157 16.46 10.81 11.54
N ARG A 158 15.46 11.67 11.41
CA ARG A 158 15.45 12.91 12.17
C ARG A 158 14.02 13.40 12.30
N LEU A 159 13.60 13.66 13.53
CA LEU A 159 12.32 14.29 13.80
C LEU A 159 12.53 15.80 13.83
N LEU A 160 11.88 16.51 12.91
CA LEU A 160 12.12 17.94 12.70
C LEU A 160 10.92 18.73 13.22
N ALA A 161 11.13 19.45 14.32
CA ALA A 161 10.11 20.33 14.87
C ALA A 161 9.98 21.58 14.01
N PRO A 162 8.81 22.24 14.06
CA PRO A 162 8.65 23.47 13.27
C PRO A 162 9.55 24.57 13.77
N SER A 163 10.06 25.37 12.83
CA SER A 163 10.96 26.47 13.13
C SER A 163 10.60 27.66 12.26
N ASP A 164 10.48 28.83 12.88
CA ASP A 164 10.01 30.02 12.17
C ASP A 164 10.96 30.46 11.07
N SER A 165 12.25 30.08 11.14
CA SER A 165 13.21 30.53 10.16
C SER A 165 13.80 29.34 9.40
N PRO A 166 14.22 29.54 8.15
CA PRO A 166 14.95 28.48 7.44
C PRO A 166 16.22 28.10 8.19
N GLU A 167 16.46 26.80 8.29
CA GLU A 167 17.55 26.26 9.10
C GLU A 167 18.39 25.31 8.25
N TRP A 168 19.70 25.32 8.51
CA TRP A 168 20.61 24.39 7.85
C TRP A 168 20.63 23.08 8.64
N LEU A 169 20.30 21.98 7.98
CA LEU A 169 20.33 20.66 8.58
C LEU A 169 21.66 19.97 8.26
N SER A 170 22.13 19.15 9.20
CA SER A 170 23.39 18.43 9.04
C SER A 170 23.19 16.95 9.30
N PHE A 171 23.86 16.12 8.50
CA PHE A 171 23.84 14.67 8.67
C PHE A 171 25.29 14.18 8.62
N ASP A 172 25.72 13.54 9.70
CA ASP A 172 27.07 12.97 9.78
C ASP A 172 27.15 11.72 8.92
N VAL A 173 27.86 11.81 7.80
CA VAL A 173 28.00 10.68 6.88
C VAL A 173 29.47 10.34 6.72
N THR A 174 30.25 10.55 7.78
CA THR A 174 31.69 10.34 7.73
C THR A 174 32.02 8.92 7.28
N GLY A 175 31.44 7.92 7.95
CA GLY A 175 31.71 6.54 7.57
C GLY A 175 31.33 6.23 6.14
N VAL A 176 30.27 6.88 5.64
CA VAL A 176 29.86 6.66 4.26
C VAL A 176 30.86 7.29 3.31
N VAL A 177 31.25 8.54 3.57
CA VAL A 177 32.18 9.23 2.68
C VAL A 177 33.54 8.57 2.68
N ARG A 178 33.95 7.97 3.81
CA ARG A 178 35.22 7.24 3.82
C ARG A 178 35.18 6.07 2.85
N GLN A 179 34.06 5.35 2.80
CA GLN A 179 33.92 4.28 1.82
C GLN A 179 33.91 4.82 0.40
N TRP A 180 33.36 6.02 0.20
CA TRP A 180 33.37 6.62 -1.13
C TRP A 180 34.79 6.93 -1.58
N LEU A 181 35.64 7.43 -0.67
CA LEU A 181 37.02 7.71 -1.04
C LEU A 181 37.76 6.42 -1.40
N THR A 182 37.37 5.30 -0.80
CA THR A 182 37.93 4.01 -1.18
C THR A 182 37.48 3.62 -2.59
N ARG A 183 36.21 3.85 -2.92
CA ARG A 183 35.70 3.50 -4.24
C ARG A 183 36.20 4.46 -5.32
N ARG A 184 36.36 3.92 -6.53
CA ARG A 184 36.71 4.70 -7.70
C ARG A 184 35.48 5.12 -8.51
N GLU A 185 34.31 4.57 -8.20
CA GLU A 185 33.09 4.88 -8.95
C GLU A 185 32.83 6.37 -8.97
N ALA A 186 32.54 6.90 -10.16
CA ALA A 186 32.54 8.35 -10.36
C ALA A 186 31.42 9.06 -9.60
N ILE A 187 30.26 8.42 -9.45
CA ILE A 187 29.09 9.07 -8.88
C ILE A 187 28.61 8.27 -7.67
N GLU A 188 28.32 8.98 -6.58
CA GLU A 188 27.74 8.41 -5.38
C GLU A 188 26.70 9.40 -4.84
N GLY A 189 25.82 8.93 -3.97
CA GLY A 189 24.78 9.82 -3.51
C GLY A 189 23.98 9.31 -2.32
N PHE A 190 23.10 10.19 -1.83
CA PHE A 190 22.21 9.94 -0.71
C PHE A 190 20.76 10.10 -1.15
N ARG A 191 19.83 9.70 -0.29
CA ARG A 191 18.40 9.89 -0.53
C ARG A 191 17.72 10.27 0.78
N LEU A 192 17.04 11.41 0.79
CA LEU A 192 16.26 11.86 1.93
C LEU A 192 14.78 11.75 1.60
N SER A 193 14.06 10.89 2.31
CA SER A 193 12.65 10.66 2.07
C SER A 193 11.87 10.82 3.37
N ALA A 194 10.57 11.04 3.23
CA ALA A 194 9.70 11.21 4.39
C ALA A 194 9.49 9.89 5.12
N HIS A 195 9.22 9.99 6.42
CA HIS A 195 9.09 8.82 7.28
C HIS A 195 7.82 8.06 6.95
N CYS A 196 7.96 6.74 6.81
CA CYS A 196 6.86 5.84 6.53
C CYS A 196 6.36 5.22 7.83
N SER A 197 5.07 5.33 8.08
CA SER A 197 4.42 4.77 9.27
C SER A 197 3.32 3.82 8.84
N CYS A 198 3.44 2.55 9.22
CA CYS A 198 2.43 1.57 8.83
C CYS A 198 2.30 0.52 9.92
N ASP A 199 1.16 -0.17 9.89
CA ASP A 199 0.88 -1.26 10.82
C ASP A 199 -0.22 -2.14 10.25
N SER A 200 -0.08 -3.45 10.43
CA SER A 200 -1.04 -4.42 9.95
C SER A 200 -1.97 -4.83 11.10
N LYS A 201 -3.25 -5.03 10.79
CA LYS A 201 -4.24 -5.36 11.80
C LYS A 201 -5.45 -6.00 11.12
N ASP A 202 -5.67 -7.28 11.39
CA ASP A 202 -6.83 -8.01 10.86
C ASP A 202 -6.92 -7.89 9.33
N ASN A 203 -5.83 -8.25 8.67
CA ASN A 203 -5.70 -8.23 7.21
C ASN A 203 -5.88 -6.83 6.62
N THR A 204 -5.87 -5.80 7.45
CA THR A 204 -5.92 -4.41 7.01
C THR A 204 -4.55 -3.79 7.20
N LEU A 205 -4.35 -2.61 6.61
CA LEU A 205 -3.04 -1.96 6.69
C LEU A 205 -3.21 -0.47 6.52
N HIS A 206 -2.74 0.30 7.49
CA HIS A 206 -2.76 1.76 7.45
C HIS A 206 -1.35 2.26 7.15
N VAL A 207 -1.25 3.26 6.29
CA VAL A 207 0.04 3.84 5.91
C VAL A 207 -0.06 5.35 5.95
N GLU A 208 0.91 6.00 6.62
CA GLU A 208 1.04 7.44 6.60
C GLU A 208 2.47 7.80 6.22
N ILE A 209 2.62 8.93 5.55
CA ILE A 209 3.94 9.40 5.15
C ILE A 209 4.24 10.77 5.74
N ASP A 219 8.90 21.34 -2.98
CA ASP A 219 10.29 21.03 -2.65
C ASP A 219 10.65 21.59 -1.28
N LEU A 220 11.37 20.79 -0.49
CA LEU A 220 11.73 21.20 0.87
C LEU A 220 12.90 22.18 0.91
N ALA A 221 13.92 21.97 0.09
CA ALA A 221 15.16 22.73 0.23
C ALA A 221 15.63 23.25 -1.11
N THR A 222 16.56 24.21 -1.03
CA THR A 222 17.18 24.74 -2.23
C THR A 222 17.98 23.64 -2.92
N ILE A 223 17.78 23.53 -4.23
CA ILE A 223 18.32 22.41 -5.01
C ILE A 223 19.21 22.87 -6.16
N HIS A 224 19.23 24.16 -6.48
CA HIS A 224 19.93 24.68 -7.64
C HIS A 224 20.90 25.78 -7.25
N GLY A 225 21.99 25.88 -8.01
CA GLY A 225 22.95 26.94 -7.80
C GLY A 225 23.66 26.82 -6.46
N MET A 226 24.08 27.97 -5.95
CA MET A 226 24.69 28.04 -4.64
C MET A 226 23.63 27.76 -3.57
N ASN A 227 24.11 27.33 -2.39
CA ASN A 227 23.28 26.94 -1.25
C ASN A 227 22.47 25.67 -1.49
N ARG A 228 22.84 24.87 -2.49
CA ARG A 228 22.26 23.55 -2.67
C ARG A 228 22.94 22.58 -1.71
N PRO A 229 22.38 21.37 -1.53
CA PRO A 229 23.01 20.43 -0.58
C PRO A 229 24.46 20.14 -0.94
N PHE A 230 25.28 19.96 0.10
CA PHE A 230 26.69 19.72 -0.12
C PHE A 230 27.27 18.87 1.01
N LEU A 231 28.46 18.34 0.76
CA LEU A 231 29.23 17.59 1.74
C LEU A 231 30.34 18.48 2.28
N LEU A 232 30.39 18.62 3.60
CA LEU A 232 31.43 19.39 4.28
C LEU A 232 32.46 18.41 4.83
N LEU A 233 33.69 18.51 4.36
CA LEU A 233 34.75 17.55 4.67
C LEU A 233 35.76 18.17 5.61
N MET A 234 36.04 17.49 6.71
CA MET A 234 37.10 17.88 7.63
C MET A 234 38.15 16.77 7.64
N ALA A 235 39.36 17.10 7.19
CA ALA A 235 40.42 16.11 7.06
C ALA A 235 41.76 16.74 7.38
N THR A 236 42.70 15.92 7.79
CA THR A 236 44.07 16.39 7.94
C THR A 236 44.67 16.60 6.55
N PRO A 237 45.29 17.75 6.28
CA PRO A 237 45.87 17.98 4.95
C PRO A 237 47.00 17.00 4.66
N LEU A 238 47.23 16.78 3.36
CA LEU A 238 48.25 15.82 2.94
C LEU A 238 49.65 16.27 3.33
N GLU A 239 49.92 17.58 3.29
CA GLU A 239 51.24 18.08 3.69
C GLU A 239 51.55 17.79 5.15
N ARG A 240 50.51 17.68 5.99
CA ARG A 240 50.71 17.34 7.39
C ARG A 240 50.57 15.85 7.65
N ALA A 241 50.16 15.07 6.64
CA ALA A 241 50.05 13.62 6.76
C ALA A 241 51.44 13.00 6.85
N ALA A 252 40.88 9.23 24.70
CA ALA A 252 42.27 9.39 25.14
C ALA A 252 42.96 8.04 25.27
N LEU A 253 43.58 7.79 26.42
CA LEU A 253 44.26 6.52 26.70
C LEU A 253 43.42 5.74 27.69
N ASP A 254 42.75 4.70 27.20
CA ASP A 254 41.87 3.89 28.03
C ASP A 254 42.67 2.81 28.75
N THR A 255 41.96 1.97 29.51
CA THR A 255 42.60 0.93 30.30
C THR A 255 43.24 -0.15 29.43
N ASN A 256 42.79 -0.29 28.18
CA ASN A 256 43.31 -1.37 27.33
C ASN A 256 44.76 -1.16 26.90
N TYR A 257 45.32 0.03 27.13
CA TYR A 257 46.71 0.31 26.82
C TYR A 257 47.50 0.72 28.05
N CYS A 258 46.83 1.28 29.05
CA CYS A 258 47.45 1.76 30.26
C CYS A 258 47.79 0.63 31.21
N PHE A 259 47.01 -0.45 31.16
CA PHE A 259 47.27 -1.59 32.02
C PHE A 259 48.38 -2.48 31.46
N SER A 260 48.53 -2.51 30.14
CA SER A 260 49.52 -3.33 29.48
C SER A 260 50.92 -2.73 29.53
N SER A 261 51.04 -1.42 29.31
CA SER A 261 52.35 -0.79 29.17
C SER A 261 52.67 0.11 30.36
N THR A 262 53.96 0.18 30.70
CA THR A 262 54.46 1.07 31.73
C THR A 262 54.93 2.38 31.09
N GLU A 263 54.28 3.48 31.45
CA GLU A 263 54.49 4.76 30.79
C GLU A 263 54.97 5.83 31.76
N LYS A 264 55.91 6.66 31.30
CA LYS A 264 56.33 7.81 32.08
C LYS A 264 55.26 8.89 32.11
N ASN A 265 54.49 9.05 31.03
CA ASN A 265 53.52 10.12 30.93
C ASN A 265 52.23 9.77 31.67
N CYS A 266 51.31 10.75 31.71
CA CYS A 266 50.01 10.63 32.36
C CYS A 266 49.18 9.50 31.77
N CYS A 267 48.64 8.66 32.64
CA CYS A 267 47.92 7.47 32.21
C CYS A 267 47.08 6.97 33.38
N VAL A 268 46.27 5.96 33.12
CA VAL A 268 45.45 5.32 34.14
C VAL A 268 46.30 4.32 34.89
N ARG A 269 46.10 4.23 36.20
CA ARG A 269 46.82 3.29 37.04
C ARG A 269 45.83 2.40 37.77
N GLN A 270 46.13 1.10 37.81
CA GLN A 270 45.21 0.14 38.40
C GLN A 270 45.13 0.31 39.91
N LEU A 271 43.91 0.20 40.44
CA LEU A 271 43.71 0.19 41.88
C LEU A 271 42.37 -0.50 42.16
N TYR A 272 42.45 -1.74 42.64
CA TYR A 272 41.26 -2.43 43.13
C TYR A 272 41.06 -2.10 44.61
N ILE A 273 39.83 -1.80 44.97
CA ILE A 273 39.49 -1.35 46.32
C ILE A 273 38.56 -2.36 46.96
N ASP A 274 39.01 -2.98 48.03
CA ASP A 274 38.17 -3.89 48.80
C ASP A 274 37.49 -3.12 49.92
N PHE A 275 36.16 -3.16 49.96
CA PHE A 275 35.41 -2.41 50.97
C PHE A 275 35.76 -2.88 52.37
N ARG A 276 36.19 -4.13 52.51
CA ARG A 276 36.64 -4.69 53.77
C ARG A 276 38.13 -4.46 54.00
N LYS A 277 38.97 -4.81 53.02
CA LYS A 277 40.40 -4.78 53.20
C LYS A 277 40.96 -3.36 53.17
N ASP A 278 40.43 -2.50 52.31
CA ASP A 278 41.00 -1.17 52.12
C ASP A 278 40.27 -0.07 52.86
N LEU A 279 38.95 -0.17 53.02
CA LEU A 279 38.19 0.86 53.73
C LEU A 279 37.72 0.43 55.11
N GLY A 280 37.79 -0.86 55.43
CA GLY A 280 37.29 -1.31 56.72
C GLY A 280 35.79 -1.23 56.88
N TRP A 281 35.05 -1.28 55.77
CA TRP A 281 33.61 -1.17 55.76
C TRP A 281 32.99 -2.54 55.55
N LYS A 282 31.86 -2.78 56.21
CA LYS A 282 31.07 -3.99 56.01
C LYS A 282 29.65 -3.75 55.54
N TRP A 283 29.22 -2.49 55.39
CA TRP A 283 27.82 -2.22 55.11
C TRP A 283 27.49 -2.33 53.63
N ILE A 284 28.50 -2.39 52.76
CA ILE A 284 28.29 -2.57 51.33
C ILE A 284 28.33 -4.07 51.04
N HIS A 285 27.15 -4.67 50.88
CA HIS A 285 27.06 -6.11 50.65
C HIS A 285 27.51 -6.47 49.24
N GLU A 286 27.16 -5.64 48.25
CA GLU A 286 27.57 -5.87 46.89
C GLU A 286 27.98 -4.53 46.27
N PRO A 287 29.12 -4.49 45.56
CA PRO A 287 30.02 -5.63 45.48
C PRO A 287 30.97 -5.68 46.68
N LYS A 288 31.88 -6.65 46.67
CA LYS A 288 32.92 -6.67 47.69
C LYS A 288 34.08 -5.75 47.33
N GLY A 289 34.05 -5.16 46.14
CA GLY A 289 35.10 -4.28 45.70
C GLY A 289 34.91 -3.91 44.25
N TYR A 290 35.78 -3.01 43.78
CA TYR A 290 35.69 -2.53 42.42
C TYR A 290 37.01 -1.86 42.03
N HIS A 291 37.20 -1.70 40.72
CA HIS A 291 38.41 -1.10 40.19
C HIS A 291 38.21 0.40 40.08
N ALA A 292 38.49 1.12 41.16
CA ALA A 292 38.54 2.57 41.13
C ALA A 292 39.97 2.94 40.79
N ASN A 293 40.22 3.17 39.51
CA ASN A 293 41.57 3.53 39.10
C ASN A 293 41.78 5.02 39.30
N PHE A 294 43.05 5.41 39.34
CA PHE A 294 43.38 6.83 39.46
C PHE A 294 44.23 7.27 38.27
N CYS A 295 44.25 8.58 38.05
CA CYS A 295 45.12 9.20 37.06
C CYS A 295 46.37 9.73 37.74
N LEU A 296 47.53 9.43 37.15
CA LEU A 296 48.80 9.87 37.71
C LEU A 296 49.82 9.96 36.60
N GLY A 297 50.56 11.07 36.56
CA GLY A 297 51.59 11.24 35.56
C GLY A 297 51.78 12.68 35.14
N PRO A 298 53.00 13.02 34.74
CA PRO A 298 53.29 14.39 34.32
C PRO A 298 52.55 14.73 33.04
N CYS A 299 52.18 15.99 32.90
CA CYS A 299 51.49 16.48 31.70
C CYS A 299 52.26 17.65 31.11
N PRO A 300 53.36 17.38 30.41
CA PRO A 300 54.10 18.46 29.76
C PRO A 300 53.30 19.03 28.60
N TYR A 301 53.66 20.25 28.21
CA TYR A 301 53.01 20.85 27.06
C TYR A 301 53.29 20.02 25.82
N ILE A 302 52.29 19.93 24.93
CA ILE A 302 52.36 18.98 23.82
C ILE A 302 53.50 19.32 22.86
N TRP A 303 53.80 20.61 22.69
CA TRP A 303 54.92 21.00 21.83
C TRP A 303 56.27 20.78 22.51
N SER A 304 56.31 20.75 23.84
CA SER A 304 57.54 20.43 24.55
C SER A 304 57.89 18.96 24.51
N LEU A 305 56.96 18.10 24.13
CA LEU A 305 57.17 16.66 24.06
C LEU A 305 57.79 16.28 22.71
N ASP A 306 58.33 15.07 22.64
CA ASP A 306 58.96 14.57 21.43
C ASP A 306 57.97 14.54 20.27
N THR A 307 58.49 14.26 19.07
CA THR A 307 57.66 14.20 17.89
C THR A 307 56.52 13.20 18.08
N GLN A 308 55.42 13.46 17.39
CA GLN A 308 54.14 12.86 17.79
C GLN A 308 54.09 11.38 17.49
N TYR A 309 53.75 10.60 18.51
CA TYR A 309 53.45 9.19 18.40
C TYR A 309 51.98 8.96 18.71
N SER A 310 51.42 7.88 18.14
CA SER A 310 49.98 7.66 18.25
C SER A 310 49.56 7.41 19.69
N LYS A 311 50.40 6.77 20.49
CA LYS A 311 50.05 6.45 21.87
C LYS A 311 50.13 7.67 22.77
N VAL A 312 51.05 8.60 22.50
CA VAL A 312 51.16 9.79 23.33
C VAL A 312 50.17 10.86 22.90
N LEU A 313 49.78 10.87 21.62
CA LEU A 313 48.89 11.92 21.10
C LEU A 313 47.50 11.83 21.70
N ALA A 314 47.04 10.62 22.04
CA ALA A 314 45.67 10.43 22.49
C ALA A 314 45.34 11.29 23.71
N LEU A 315 46.26 11.33 24.68
CA LEU A 315 46.05 12.09 25.91
C LEU A 315 45.62 13.52 25.63
N TYR A 316 46.28 14.17 24.68
CA TYR A 316 46.12 15.57 24.31
C TYR A 316 44.87 15.87 23.46
N ASN A 317 43.87 14.99 23.37
CA ASN A 317 42.72 15.30 22.52
C ASN A 317 41.98 16.53 23.04
N GLN A 318 41.81 16.66 24.36
CA GLN A 318 41.21 17.86 24.93
C GLN A 318 42.25 18.81 25.49
N HIS A 319 43.40 18.94 24.83
CA HIS A 319 44.51 19.73 25.36
C HIS A 319 44.29 21.21 25.10
N ASN A 320 44.34 21.99 26.19
CA ASN A 320 44.15 23.44 26.17
C ASN A 320 45.16 23.98 27.17
N PRO A 321 46.38 24.25 26.70
CA PRO A 321 47.47 24.56 27.65
C PRO A 321 47.21 25.75 28.56
N GLY A 322 46.60 26.81 28.05
CA GLY A 322 46.39 27.98 28.89
C GLY A 322 45.16 27.94 29.76
N ALA A 323 44.23 27.00 29.48
CA ALA A 323 42.94 26.98 30.17
C ALA A 323 43.12 26.90 31.68
N SER A 324 43.83 25.89 32.16
CA SER A 324 44.07 25.71 33.59
C SER A 324 45.45 26.22 34.02
N ALA A 325 46.16 26.94 33.14
CA ALA A 325 47.49 27.48 33.40
C ALA A 325 48.52 26.37 33.62
N ALA A 326 48.11 25.29 34.27
CA ALA A 326 48.96 24.13 34.52
C ALA A 326 48.19 22.87 34.16
N PRO A 327 48.56 22.15 33.11
CA PRO A 327 47.81 20.95 32.74
C PRO A 327 47.99 19.84 33.76
N CYS A 328 46.90 19.12 34.00
CA CYS A 328 46.86 18.06 35.00
C CYS A 328 46.46 16.74 34.36
N CYS A 329 46.85 15.66 35.02
CA CYS A 329 46.47 14.31 34.62
C CYS A 329 45.13 13.99 35.28
N VAL A 330 44.05 14.24 34.55
CA VAL A 330 42.70 14.10 35.07
C VAL A 330 42.00 13.04 34.24
N PRO A 331 40.95 12.42 34.78
CA PRO A 331 40.20 11.42 33.99
C PRO A 331 39.32 12.04 32.92
N GLN A 332 39.12 11.28 31.84
CA GLN A 332 38.17 11.63 30.78
C GLN A 332 36.96 10.72 30.82
N ALA A 333 37.12 9.43 30.51
CA ALA A 333 36.02 8.47 30.52
C ALA A 333 35.88 7.88 31.91
N LEU A 334 34.70 8.02 32.51
CA LEU A 334 34.40 7.48 33.81
C LEU A 334 33.16 6.59 33.71
N GLU A 335 33.06 5.65 34.64
CA GLU A 335 31.98 4.68 34.67
C GLU A 335 31.33 4.68 36.04
N PRO A 336 30.03 4.40 36.10
CA PRO A 336 29.33 4.39 37.39
C PRO A 336 29.59 3.10 38.15
N LEU A 337 29.15 3.10 39.40
CA LEU A 337 29.30 1.94 40.27
C LEU A 337 27.99 1.67 41.00
N PRO A 338 27.29 0.59 40.67
CA PRO A 338 26.12 0.19 41.46
C PRO A 338 26.53 -0.57 42.71
N ILE A 339 25.86 -0.26 43.82
CA ILE A 339 26.14 -0.89 45.10
C ILE A 339 24.83 -1.33 45.74
N VAL A 340 24.95 -2.20 46.72
CA VAL A 340 23.84 -2.69 47.53
C VAL A 340 24.22 -2.53 48.98
N TYR A 341 23.36 -1.86 49.75
CA TYR A 341 23.58 -1.69 51.17
C TYR A 341 22.24 -1.62 51.87
N TYR A 342 22.26 -1.65 53.19
CA TYR A 342 21.06 -1.72 54.01
C TYR A 342 20.87 -0.45 54.81
N VAL A 343 19.61 -0.04 54.93
CA VAL A 343 19.19 1.02 55.85
C VAL A 343 18.19 0.37 56.80
N GLY A 344 18.68 -0.11 57.94
CA GLY A 344 17.84 -0.87 58.84
C GLY A 344 17.59 -2.26 58.26
N ARG A 345 16.32 -2.61 58.14
CA ARG A 345 15.91 -3.86 57.53
C ARG A 345 15.76 -3.77 56.02
N LYS A 346 15.83 -2.57 55.46
CA LYS A 346 15.48 -2.34 54.07
C LYS A 346 16.73 -2.42 53.19
N PRO A 347 16.78 -3.35 52.23
CA PRO A 347 17.88 -3.35 51.26
C PRO A 347 17.67 -2.28 50.21
N LYS A 348 18.76 -1.62 49.82
CA LYS A 348 18.72 -0.54 48.85
C LYS A 348 19.77 -0.78 47.77
N VAL A 349 19.37 -0.63 46.51
CA VAL A 349 20.27 -0.69 45.37
C VAL A 349 20.41 0.73 44.84
N GLU A 350 21.64 1.24 44.82
CA GLU A 350 21.89 2.59 44.36
C GLU A 350 23.05 2.59 43.37
N GLN A 351 23.09 3.62 42.53
CA GLN A 351 24.12 3.77 41.53
C GLN A 351 24.85 5.09 41.77
N LEU A 352 26.18 5.03 41.83
CA LEU A 352 27.03 6.18 42.07
C LEU A 352 27.74 6.54 40.78
N SER A 353 27.74 7.82 40.44
CA SER A 353 28.29 8.28 39.18
C SER A 353 29.79 8.53 39.30
N ASN A 354 30.50 8.35 38.18
CA ASN A 354 31.90 8.78 38.08
C ASN A 354 32.78 8.12 39.16
N MET A 355 32.60 6.82 39.35
CA MET A 355 33.39 6.08 40.32
C MET A 355 34.60 5.38 39.70
N ILE A 356 34.48 4.91 38.46
CA ILE A 356 35.50 4.09 37.82
C ILE A 356 36.19 4.91 36.75
N VAL A 357 37.48 5.14 36.91
CA VAL A 357 38.26 5.88 35.92
C VAL A 357 38.67 4.93 34.81
N ARG A 358 38.23 5.21 33.59
CA ARG A 358 38.56 4.39 32.44
C ARG A 358 39.69 4.98 31.59
N SER A 359 39.80 6.30 31.52
CA SER A 359 40.85 6.94 30.74
C SER A 359 41.29 8.21 31.44
N CYS A 360 42.49 8.67 31.10
CA CYS A 360 43.04 9.91 31.63
C CYS A 360 43.50 10.79 30.48
N LYS A 361 43.50 12.10 30.73
CA LYS A 361 43.92 13.08 29.73
C LYS A 361 44.69 14.21 30.40
N CYS A 362 45.49 14.89 29.61
CA CYS A 362 46.21 16.10 30.05
C CYS A 362 45.44 17.32 29.60
N SER A 363 44.91 18.08 30.56
CA SER A 363 44.20 19.32 30.22
C SER A 363 43.97 20.20 31.44
N LEU B 3 66.03 2.70 41.86
CA LEU B 3 65.58 1.62 42.72
C LEU B 3 64.06 1.57 42.75
N SER B 4 63.51 0.38 42.54
CA SER B 4 62.06 0.22 42.59
C SER B 4 61.53 0.07 44.01
N THR B 5 62.41 -0.10 44.99
CA THR B 5 61.98 -0.16 46.38
C THR B 5 61.39 1.18 46.82
N SER B 6 61.97 2.29 46.37
CA SER B 6 61.46 3.59 46.74
C SER B 6 60.48 4.16 45.72
N LYS B 7 60.10 3.38 44.71
CA LYS B 7 59.01 3.76 43.84
C LYS B 7 57.73 3.05 44.24
N THR B 8 57.86 1.82 44.75
CA THR B 8 56.73 1.12 45.34
C THR B 8 56.13 1.94 46.47
N ILE B 9 56.99 2.55 47.28
CA ILE B 9 56.52 3.32 48.43
C ILE B 9 55.79 4.57 47.97
N ASP B 10 56.31 5.23 46.94
CA ASP B 10 55.65 6.43 46.41
C ASP B 10 54.26 6.12 45.88
N MET B 11 54.12 5.01 45.16
CA MET B 11 52.82 4.63 44.62
C MET B 11 51.85 4.28 45.74
N GLU B 12 52.32 3.60 46.79
CA GLU B 12 51.45 3.24 47.90
C GLU B 12 50.86 4.48 48.57
N LEU B 13 51.64 5.55 48.66
CA LEU B 13 51.13 6.78 49.23
C LEU B 13 50.08 7.43 48.33
N VAL B 14 50.29 7.39 47.02
CA VAL B 14 49.28 7.90 46.10
C VAL B 14 48.03 7.03 46.16
N LYS B 15 48.23 5.70 46.18
CA LYS B 15 47.10 4.79 46.24
C LYS B 15 46.29 4.99 47.52
N ARG B 16 46.95 5.28 48.64
CA ARG B 16 46.22 5.51 49.88
C ARG B 16 45.48 6.84 49.86
N LYS B 17 46.06 7.87 49.23
CA LYS B 17 45.35 9.13 49.10
C LYS B 17 44.09 8.95 48.27
N ARG B 18 44.18 8.18 47.19
CA ARG B 18 43.01 7.87 46.39
C ARG B 18 41.97 7.10 47.21
N ILE B 19 42.43 6.13 48.02
CA ILE B 19 41.52 5.35 48.85
C ILE B 19 40.80 6.24 49.85
N GLU B 20 41.55 7.15 50.50
CA GLU B 20 40.93 8.02 51.49
C GLU B 20 39.95 8.99 50.85
N ALA B 21 40.25 9.51 49.67
CA ALA B 21 39.30 10.37 48.99
C ALA B 21 38.04 9.60 48.64
N ILE B 22 38.21 8.34 48.22
CA ILE B 22 37.07 7.49 47.89
C ILE B 22 36.24 7.20 49.13
N ARG B 23 36.86 7.14 50.30
CA ARG B 23 36.09 7.03 51.52
C ARG B 23 35.12 8.19 51.64
N GLY B 24 35.59 9.42 51.37
CA GLY B 24 34.72 10.57 51.40
C GLY B 24 33.81 10.68 50.19
N GLN B 25 34.26 10.19 49.04
CA GLN B 25 33.42 10.24 47.85
C GLN B 25 32.14 9.43 48.03
N ILE B 26 32.27 8.17 48.44
CA ILE B 26 31.12 7.30 48.60
C ILE B 26 30.16 7.87 49.63
N LEU B 27 30.71 8.33 50.76
CA LEU B 27 29.85 8.88 51.81
C LEU B 27 29.17 10.16 51.37
N SER B 28 29.87 10.99 50.60
CA SER B 28 29.28 12.26 50.18
C SER B 28 28.23 12.05 49.11
N LYS B 29 28.43 11.07 48.23
CA LYS B 29 27.41 10.76 47.24
C LYS B 29 26.14 10.22 47.90
N LEU B 30 26.29 9.31 48.86
CA LEU B 30 25.14 8.85 49.63
C LEU B 30 24.70 9.86 50.68
N ARG B 31 25.43 10.97 50.83
CA ARG B 31 25.11 12.03 51.78
C ARG B 31 24.99 11.48 53.21
N LEU B 32 25.99 10.73 53.62
CA LEU B 32 26.06 10.16 54.96
C LEU B 32 27.33 10.63 55.65
N ALA B 33 27.20 11.00 56.92
CA ALA B 33 28.37 11.42 57.71
C ALA B 33 29.19 10.23 58.20
N SER B 34 28.56 9.11 58.48
CA SER B 34 29.24 7.91 58.95
C SER B 34 28.55 6.69 58.37
N PRO B 35 29.24 5.55 58.31
CA PRO B 35 28.61 4.32 57.84
C PRO B 35 27.39 3.96 58.68
N PRO B 36 26.32 3.48 58.05
CA PRO B 36 25.09 3.19 58.79
C PRO B 36 25.22 1.93 59.64
N SER B 37 24.41 1.89 60.71
CA SER B 37 24.43 0.75 61.62
C SER B 37 23.89 -0.50 60.93
N GLN B 38 24.51 -1.64 61.20
CA GLN B 38 24.16 -2.90 60.55
C GLN B 38 23.62 -3.94 61.53
N GLY B 39 23.38 -3.57 62.79
CA GLY B 39 22.94 -4.54 63.78
C GLY B 39 21.64 -5.23 63.45
N ASP B 40 20.76 -4.57 62.70
CA ASP B 40 19.47 -5.14 62.33
C ASP B 40 19.49 -5.88 61.01
N VAL B 41 20.61 -5.86 60.30
CA VAL B 41 20.64 -6.40 58.94
C VAL B 41 20.52 -7.92 59.00
N PRO B 42 19.62 -8.53 58.23
CA PRO B 42 19.51 -9.99 58.24
C PRO B 42 20.72 -10.63 57.60
N PRO B 43 21.34 -11.60 58.27
CA PRO B 43 22.45 -12.33 57.66
C PRO B 43 21.94 -13.30 56.60
N GLY B 44 22.85 -13.67 55.69
CA GLY B 44 22.52 -14.59 54.64
C GLY B 44 22.47 -13.91 53.28
N PRO B 45 21.93 -14.62 52.29
CA PRO B 45 21.89 -14.06 50.94
C PRO B 45 20.82 -12.99 50.79
N LEU B 46 21.05 -12.10 49.84
CA LEU B 46 20.09 -11.05 49.54
C LEU B 46 18.84 -11.66 48.92
N PRO B 47 17.68 -11.03 49.11
CA PRO B 47 16.43 -11.53 48.53
C PRO B 47 16.48 -11.70 47.02
N GLU B 48 15.49 -12.43 46.52
CA GLU B 48 15.42 -12.76 45.10
C GLU B 48 15.35 -11.51 44.23
N ALA B 49 14.51 -10.56 44.61
CA ALA B 49 14.32 -9.36 43.80
C ALA B 49 15.49 -8.39 43.94
N VAL B 50 16.18 -8.38 45.09
CA VAL B 50 17.25 -7.42 45.29
C VAL B 50 18.45 -7.74 44.40
N LEU B 51 18.82 -9.02 44.33
CA LEU B 51 19.94 -9.37 43.46
C LEU B 51 19.59 -9.09 42.01
N ALA B 52 18.38 -9.47 41.58
CA ALA B 52 18.00 -9.26 40.18
C ALA B 52 17.99 -7.78 39.83
N LEU B 53 17.52 -6.92 40.75
CA LEU B 53 17.55 -5.50 40.51
C LEU B 53 18.99 -5.01 40.33
N TYR B 54 19.89 -5.47 41.20
CA TYR B 54 21.30 -5.09 41.13
C TYR B 54 21.98 -5.61 39.87
N ASN B 55 21.61 -6.84 39.42
CA ASN B 55 22.25 -7.44 38.24
C ASN B 55 22.05 -6.55 37.02
N SER B 56 20.81 -6.11 36.83
CA SER B 56 20.44 -5.36 35.64
C SER B 56 21.15 -4.03 35.59
N THR B 57 21.52 -3.47 36.75
CA THR B 57 22.34 -2.28 36.74
C THR B 57 23.71 -2.55 36.16
N ARG B 58 24.23 -3.77 36.36
CA ARG B 58 25.52 -4.14 35.78
C ARG B 58 25.42 -4.77 34.41
N ASP B 59 24.24 -5.25 34.00
CA ASP B 59 24.10 -6.02 32.77
C ASP B 59 24.61 -5.23 31.57
N ARG B 60 25.38 -5.92 30.72
CA ARG B 60 25.87 -5.32 29.49
C ARG B 60 24.72 -5.18 28.50
N VAL B 61 24.39 -3.95 28.11
CA VAL B 61 23.29 -3.71 27.19
C VAL B 61 23.75 -2.76 26.09
N ALA B 62 23.08 -2.84 24.94
CA ALA B 62 23.36 -1.97 23.81
C ALA B 62 22.24 -0.94 23.69
N GLY B 63 22.59 0.35 23.81
CA GLY B 63 21.62 1.40 23.58
C GLY B 63 22.26 2.55 22.83
N GLU B 64 21.42 3.35 22.19
CA GLU B 64 21.88 4.53 21.49
C GLU B 64 22.05 5.70 22.46
N GLU B 73 23.60 17.67 32.80
CA GLU B 73 24.35 16.45 33.09
C GLU B 73 23.91 15.84 34.42
N ALA B 74 24.21 14.56 34.61
CA ALA B 74 23.83 13.87 35.83
C ALA B 74 24.57 14.48 37.03
N ASP B 75 23.94 14.36 38.21
CA ASP B 75 24.47 14.98 39.41
C ASP B 75 25.52 14.09 40.07
N TYR B 76 26.14 14.63 41.12
CA TYR B 76 27.18 13.95 41.87
C TYR B 76 26.63 12.82 42.75
N TYR B 77 25.48 13.03 43.37
CA TYR B 77 24.94 12.15 44.38
C TYR B 77 24.33 10.88 43.78
N ALA B 78 24.30 9.84 44.60
CA ALA B 78 23.84 8.53 44.15
C ALA B 78 22.35 8.54 43.86
N LYS B 79 21.94 7.66 42.97
CA LYS B 79 20.54 7.50 42.57
C LYS B 79 20.04 6.13 43.00
N GLU B 80 18.86 6.09 43.60
CA GLU B 80 18.22 4.83 43.97
C GLU B 80 17.67 4.16 42.73
N VAL B 81 18.00 2.89 42.54
CA VAL B 81 17.60 2.12 41.36
C VAL B 81 16.42 1.25 41.73
N THR B 82 15.35 1.34 40.95
CA THR B 82 14.18 0.48 41.09
C THR B 82 13.74 0.03 39.70
N ARG B 83 12.95 -1.04 39.66
CA ARG B 83 12.43 -1.54 38.39
C ARG B 83 11.00 -2.02 38.58
N VAL B 84 10.22 -1.91 37.50
CA VAL B 84 8.82 -2.30 37.48
C VAL B 84 8.57 -3.13 36.23
N LEU B 85 8.17 -4.38 36.42
CA LEU B 85 7.88 -5.25 35.30
C LEU B 85 6.55 -4.89 34.65
N MET B 86 6.45 -5.18 33.36
CA MET B 86 5.24 -4.89 32.60
C MET B 86 4.08 -5.75 33.08
N VAL B 87 2.87 -5.38 32.64
CA VAL B 87 1.70 -6.17 32.94
C VAL B 87 1.83 -7.53 32.26
N GLU B 88 1.44 -8.59 32.97
CA GLU B 88 1.66 -9.94 32.49
C GLU B 88 0.94 -10.16 31.16
N SER B 89 1.43 -11.15 30.41
CA SER B 89 0.93 -11.37 29.05
C SER B 89 -0.52 -11.84 29.05
N GLY B 90 -0.85 -12.83 29.87
CA GLY B 90 -2.13 -13.53 29.71
C GLY B 90 -3.35 -12.64 29.82
N ASN B 91 -3.25 -11.53 30.52
CA ASN B 91 -4.41 -10.72 30.87
C ASN B 91 -4.30 -9.30 30.32
N GLN B 92 -5.38 -8.82 29.71
CA GLN B 92 -5.63 -7.42 29.39
C GLN B 92 -4.85 -6.88 28.19
N ILE B 93 -3.57 -7.26 28.06
CA ILE B 93 -2.74 -6.61 27.05
C ILE B 93 -2.81 -7.28 25.67
N TYR B 94 -3.50 -8.41 25.55
CA TYR B 94 -3.65 -9.09 24.26
C TYR B 94 -5.04 -8.97 23.64
N ASP B 95 -6.09 -8.83 24.45
CA ASP B 95 -7.44 -8.85 23.89
C ASP B 95 -7.72 -7.59 23.08
N LYS B 96 -7.15 -6.45 23.48
CA LYS B 96 -7.32 -5.23 22.70
C LYS B 96 -6.37 -5.16 21.51
N PHE B 97 -5.25 -5.86 21.57
CA PHE B 97 -4.29 -5.93 20.48
C PHE B 97 -4.16 -7.40 20.09
N LYS B 98 -5.23 -7.93 19.51
CA LYS B 98 -5.35 -9.37 19.26
C LYS B 98 -4.76 -9.68 17.89
N GLY B 99 -3.74 -10.55 17.86
CA GLY B 99 -3.23 -11.04 16.60
C GLY B 99 -2.40 -10.06 15.82
N THR B 100 -1.65 -9.19 16.49
CA THR B 100 -0.77 -8.25 15.81
C THR B 100 0.50 -8.96 15.37
N PRO B 101 0.74 -9.12 14.07
CA PRO B 101 1.84 -9.97 13.62
C PRO B 101 3.22 -9.37 13.81
N HIS B 102 3.36 -8.04 13.75
CA HIS B 102 4.66 -7.40 13.80
C HIS B 102 4.69 -6.31 14.85
N SER B 103 4.05 -6.54 15.99
CA SER B 103 4.00 -5.53 17.04
C SER B 103 3.99 -6.20 18.41
N LEU B 104 4.84 -5.72 19.31
CA LEU B 104 4.93 -6.20 20.69
C LEU B 104 4.52 -5.06 21.61
N TYR B 105 3.64 -5.35 22.56
CA TYR B 105 3.04 -4.33 23.41
C TYR B 105 3.48 -4.49 24.86
N MET B 106 3.86 -3.38 25.48
CA MET B 106 4.31 -3.36 26.86
C MET B 106 3.60 -2.21 27.57
N LEU B 107 2.75 -2.54 28.55
CA LEU B 107 1.99 -1.55 29.29
C LEU B 107 2.30 -1.67 30.78
N PHE B 108 2.26 -0.54 31.48
CA PHE B 108 2.66 -0.48 32.88
C PHE B 108 1.60 0.20 33.72
N ASN B 109 1.48 -0.24 34.97
CA ASN B 109 0.62 0.40 35.95
C ASN B 109 1.30 1.68 36.45
N THR B 110 0.64 2.83 36.25
CA THR B 110 1.26 4.10 36.60
C THR B 110 1.43 4.25 38.11
N SER B 111 0.59 3.57 38.91
CA SER B 111 0.71 3.67 40.36
C SER B 111 1.97 2.95 40.85
N GLU B 112 2.31 1.81 40.22
CA GLU B 112 3.55 1.13 40.57
C GLU B 112 4.76 1.99 40.26
N LEU B 113 4.70 2.81 39.21
CA LEU B 113 5.80 3.73 38.92
C LEU B 113 5.88 4.82 39.97
N ARG B 114 4.74 5.37 40.39
CA ARG B 114 4.78 6.40 41.43
C ARG B 114 5.20 5.84 42.79
N GLU B 115 4.99 4.55 43.03
CA GLU B 115 5.51 3.96 44.26
C GLU B 115 7.02 3.80 44.21
N ALA B 116 7.56 3.44 43.03
CA ALA B 116 9.01 3.34 42.89
C ALA B 116 9.64 4.74 42.86
N VAL B 117 9.04 5.64 42.10
CA VAL B 117 9.48 7.03 42.01
C VAL B 117 8.34 7.91 42.50
N PRO B 118 8.39 8.38 43.75
CA PRO B 118 7.23 9.11 44.29
C PRO B 118 6.86 10.36 43.50
N GLU B 119 7.84 11.20 43.19
CA GLU B 119 7.59 12.44 42.49
C GLU B 119 8.41 12.50 41.21
N PRO B 120 7.86 13.07 40.14
CA PRO B 120 8.57 13.04 38.85
C PRO B 120 9.87 13.83 38.86
N VAL B 121 9.97 14.87 39.69
CA VAL B 121 11.19 15.68 39.70
C VAL B 121 12.39 14.85 40.16
N LEU B 122 12.15 13.84 41.00
CA LEU B 122 13.25 13.01 41.50
C LEU B 122 13.79 12.08 40.43
N LEU B 123 12.96 11.67 39.48
CA LEU B 123 13.40 10.73 38.46
C LEU B 123 14.49 11.37 37.60
N SER B 124 15.58 10.62 37.41
CA SER B 124 16.70 11.08 36.60
C SER B 124 16.91 10.27 35.34
N ARG B 125 16.51 9.01 35.34
CA ARG B 125 16.66 8.17 34.15
C ARG B 125 15.67 7.02 34.24
N ALA B 126 15.11 6.66 33.09
CA ALA B 126 14.19 5.54 32.98
C ALA B 126 14.52 4.79 31.70
N GLU B 127 14.76 3.49 31.82
CA GLU B 127 15.10 2.65 30.68
C GLU B 127 14.09 1.53 30.51
N LEU B 128 13.76 1.24 29.26
CA LEU B 128 12.92 0.10 28.91
C LEU B 128 13.83 -1.06 28.49
N ARG B 129 13.59 -2.24 29.06
CA ARG B 129 14.49 -3.36 28.89
C ARG B 129 13.79 -4.51 28.17
N LEU B 130 14.45 -5.06 27.14
CA LEU B 130 13.92 -6.14 26.33
C LEU B 130 14.98 -7.22 26.17
N LEU B 131 14.55 -8.48 26.15
CA LEU B 131 15.47 -9.60 25.94
C LEU B 131 15.32 -10.07 24.50
N ARG B 132 16.22 -9.60 23.64
CA ARG B 132 16.15 -9.93 22.22
C ARG B 132 16.49 -11.39 21.98
N LEU B 133 15.76 -12.01 21.06
CA LEU B 133 15.86 -13.44 20.81
C LEU B 133 16.31 -13.78 19.40
N LYS B 134 16.01 -12.96 18.41
CA LYS B 134 16.36 -13.27 17.02
C LYS B 134 17.87 -13.25 16.84
N LEU B 135 18.45 -14.45 16.78
CA LEU B 135 19.91 -14.58 16.82
C LEU B 135 20.54 -14.29 15.47
N LYS B 136 19.95 -14.81 14.39
CA LYS B 136 20.65 -14.96 13.12
C LYS B 136 20.36 -13.85 12.11
N VAL B 137 19.28 -13.10 12.26
CA VAL B 137 18.84 -12.17 11.23
C VAL B 137 18.95 -10.74 11.75
N GLU B 138 19.38 -9.83 10.86
CA GLU B 138 19.41 -8.40 11.16
C GLU B 138 18.00 -7.83 11.06
N GLN B 139 17.66 -6.95 12.01
CA GLN B 139 16.33 -6.40 12.08
C GLN B 139 16.37 -4.92 12.45
N HIS B 140 15.35 -4.19 11.98
CA HIS B 140 15.19 -2.77 12.26
C HIS B 140 13.86 -2.58 12.97
N VAL B 141 13.89 -2.02 14.18
CA VAL B 141 12.70 -1.88 15.00
C VAL B 141 12.50 -0.40 15.33
N GLU B 142 11.30 -0.07 15.81
CA GLU B 142 10.95 1.29 16.22
C GLU B 142 10.12 1.23 17.49
N LEU B 143 10.31 2.23 18.36
CA LEU B 143 9.62 2.31 19.63
C LEU B 143 8.57 3.41 19.59
N TYR B 144 7.40 3.13 20.15
CA TYR B 144 6.30 4.08 20.15
C TYR B 144 5.70 4.20 21.55
N GLN B 145 5.14 5.35 21.85
CA GLN B 145 4.48 5.60 23.12
C GLN B 145 2.98 5.77 22.93
N LYS B 146 2.22 5.18 23.84
CA LYS B 146 0.78 5.34 23.88
C LYS B 146 0.45 6.70 24.50
N TYR B 147 0.47 7.74 23.66
CA TYR B 147 0.10 9.07 24.13
C TYR B 147 -1.37 9.13 24.52
N SER B 148 -2.25 8.83 23.59
CA SER B 148 -3.68 8.84 23.82
C SER B 148 -4.25 7.44 23.71
N GLN B 149 -5.56 7.34 23.96
CA GLN B 149 -6.28 6.07 23.89
C GLN B 149 -6.38 5.55 22.46
N ASP B 150 -6.09 6.41 21.49
CA ASP B 150 -6.20 6.13 20.07
C ASP B 150 -4.87 6.16 19.35
N SER B 151 -3.88 6.88 19.89
CA SER B 151 -2.65 7.19 19.19
C SER B 151 -1.43 6.56 19.85
N TRP B 152 -0.41 6.34 19.02
CA TRP B 152 0.92 5.98 19.44
C TRP B 152 1.87 7.04 18.88
N ARG B 153 2.98 7.27 19.56
CA ARG B 153 3.91 8.31 19.16
C ARG B 153 5.32 7.76 18.95
N TYR B 154 5.96 8.19 17.87
CA TYR B 154 7.32 7.74 17.58
C TYR B 154 8.28 8.25 18.65
N LEU B 155 9.12 7.35 19.17
CA LEU B 155 10.18 7.70 20.11
C LEU B 155 11.56 7.56 19.47
N SER B 156 11.92 6.35 19.03
CA SER B 156 13.23 6.08 18.47
C SER B 156 13.14 4.86 17.56
N ASN B 157 14.28 4.48 17.01
CA ASN B 157 14.42 3.28 16.21
C ASN B 157 15.75 2.62 16.57
N ARG B 158 15.95 1.40 16.05
CA ARG B 158 17.18 0.69 16.35
C ARG B 158 17.46 -0.32 15.25
N LEU B 159 18.66 -0.23 14.67
CA LEU B 159 19.15 -1.24 13.72
C LEU B 159 19.94 -2.30 14.49
N LEU B 160 19.47 -3.54 14.45
CA LEU B 160 20.01 -4.63 15.26
C LEU B 160 20.81 -5.58 14.38
N ALA B 161 22.13 -5.60 14.58
CA ALA B 161 22.99 -6.53 13.86
C ALA B 161 22.83 -7.94 14.44
N PRO B 162 23.14 -8.97 13.66
CA PRO B 162 22.99 -10.34 14.18
C PRO B 162 23.99 -10.64 15.29
N SER B 163 23.53 -11.36 16.31
CA SER B 163 24.35 -11.76 17.44
C SER B 163 23.91 -13.16 17.88
N ASP B 164 24.88 -14.06 18.07
CA ASP B 164 24.58 -15.45 18.38
C ASP B 164 23.88 -15.63 19.73
N SER B 165 23.97 -14.66 20.64
CA SER B 165 23.38 -14.88 21.95
C SER B 165 22.23 -13.92 22.21
N PRO B 166 21.24 -14.33 23.02
CA PRO B 166 20.19 -13.40 23.44
C PRO B 166 20.81 -12.19 24.15
N GLU B 167 20.30 -11.01 23.80
CA GLU B 167 20.85 -9.75 24.26
C GLU B 167 19.76 -8.90 24.89
N TRP B 168 20.12 -8.16 25.93
CA TRP B 168 19.20 -7.22 26.55
C TRP B 168 19.29 -5.89 25.82
N LEU B 169 18.16 -5.42 25.30
CA LEU B 169 18.09 -4.13 24.64
C LEU B 169 17.58 -3.07 25.62
N SER B 170 18.06 -1.84 25.45
CA SER B 170 17.70 -0.74 26.31
C SER B 170 17.18 0.42 25.46
N PHE B 171 16.15 1.09 25.97
CA PHE B 171 15.58 2.26 25.31
C PHE B 171 15.46 3.37 26.36
N ASP B 172 16.10 4.51 26.09
CA ASP B 172 16.00 5.65 27.00
C ASP B 172 14.61 6.24 26.90
N VAL B 173 13.80 6.05 27.94
CA VAL B 173 12.43 6.54 27.95
C VAL B 173 12.23 7.47 29.13
N THR B 174 13.31 8.17 29.51
CA THR B 174 13.25 9.04 30.68
C THR B 174 12.18 10.11 30.52
N GLY B 175 12.22 10.86 29.41
CA GLY B 175 11.23 11.89 29.18
C GLY B 175 9.82 11.35 29.10
N VAL B 176 9.65 10.14 28.56
CA VAL B 176 8.32 9.56 28.46
C VAL B 176 7.82 9.12 29.83
N VAL B 177 8.66 8.41 30.60
CA VAL B 177 8.22 7.94 31.91
C VAL B 177 8.01 9.11 32.85
N ARG B 178 8.82 10.17 32.73
CA ARG B 178 8.60 11.36 33.53
C ARG B 178 7.27 12.01 33.20
N GLN B 179 6.93 12.07 31.91
CA GLN B 179 5.64 12.61 31.50
C GLN B 179 4.48 11.74 32.00
N TRP B 180 4.71 10.42 32.11
CA TRP B 180 3.68 9.55 32.66
C TRP B 180 3.36 9.91 34.11
N LEU B 181 4.39 10.23 34.90
CA LEU B 181 4.16 10.64 36.28
C LEU B 181 3.42 11.96 36.35
N THR B 182 3.61 12.83 35.34
CA THR B 182 2.83 14.05 35.24
C THR B 182 1.36 13.76 34.94
N ARG B 183 1.12 12.79 34.06
CA ARG B 183 -0.24 12.43 33.69
C ARG B 183 -0.96 11.69 34.79
N ARG B 184 -2.28 11.84 34.82
CA ARG B 184 -3.11 11.15 35.80
C ARG B 184 -3.70 9.83 35.29
N GLU B 185 -3.67 9.57 33.99
CA GLU B 185 -4.24 8.36 33.45
C GLU B 185 -3.58 7.11 34.04
N ALA B 186 -4.40 6.13 34.40
CA ALA B 186 -3.94 4.99 35.18
C ALA B 186 -2.99 4.08 34.41
N ILE B 187 -3.14 3.98 33.09
CA ILE B 187 -2.39 3.00 32.30
C ILE B 187 -1.57 3.72 31.24
N GLU B 188 -0.31 3.29 31.09
CA GLU B 188 0.58 3.78 30.04
C GLU B 188 1.37 2.61 29.47
N GLY B 189 1.92 2.79 28.28
CA GLY B 189 2.63 1.70 27.64
C GLY B 189 3.37 2.12 26.40
N PHE B 190 4.14 1.16 25.86
CA PHE B 190 4.97 1.33 24.68
C PHE B 190 4.53 0.38 23.58
N ARG B 191 5.09 0.58 22.39
CA ARG B 191 4.85 -0.29 21.24
C ARG B 191 6.15 -0.45 20.47
N LEU B 192 6.61 -1.68 20.31
CA LEU B 192 7.78 -1.98 19.49
C LEU B 192 7.28 -2.70 18.23
N SER B 193 7.45 -2.05 17.08
CA SER B 193 6.97 -2.58 15.81
C SER B 193 8.11 -2.61 14.80
N ALA B 194 7.92 -3.39 13.74
CA ALA B 194 8.94 -3.48 12.70
C ALA B 194 8.99 -2.18 11.89
N HIS B 195 10.19 -1.90 11.36
CA HIS B 195 10.41 -0.66 10.63
C HIS B 195 9.66 -0.68 9.31
N CYS B 196 8.94 0.40 9.03
CA CYS B 196 8.21 0.55 7.77
C CYS B 196 9.05 1.37 6.80
N SER B 197 9.28 0.82 5.62
CA SER B 197 10.02 1.50 4.56
C SER B 197 9.16 1.53 3.31
N CYS B 198 8.83 2.74 2.84
CA CYS B 198 8.00 2.87 1.65
C CYS B 198 8.37 4.13 0.88
N ASP B 199 7.96 4.16 -0.38
CA ASP B 199 8.13 5.32 -1.24
C ASP B 199 7.12 5.27 -2.37
N SER B 200 6.52 6.40 -2.69
CA SER B 200 5.52 6.51 -3.74
C SER B 200 6.15 7.06 -5.00
N LYS B 201 5.73 6.53 -6.15
CA LYS B 201 6.32 6.94 -7.43
C LYS B 201 5.36 6.58 -8.56
N ASP B 202 4.79 7.60 -9.21
CA ASP B 202 3.91 7.44 -10.36
C ASP B 202 2.73 6.50 -10.04
N ASN B 203 1.97 6.88 -9.02
CA ASN B 203 0.80 6.13 -8.54
C ASN B 203 1.14 4.71 -8.13
N THR B 204 2.43 4.38 -7.98
CA THR B 204 2.87 3.09 -7.48
C THR B 204 3.43 3.29 -6.08
N LEU B 205 3.64 2.18 -5.38
CA LEU B 205 4.10 2.26 -4.00
C LEU B 205 4.82 0.97 -3.64
N HIS B 206 6.06 1.09 -3.16
CA HIS B 206 6.84 -0.04 -2.70
C HIS B 206 6.80 -0.02 -1.18
N VAL B 207 6.57 -1.18 -0.57
CA VAL B 207 6.49 -1.30 0.88
C VAL B 207 7.31 -2.51 1.31
N GLU B 208 8.17 -2.33 2.31
CA GLU B 208 8.91 -3.43 2.90
C GLU B 208 8.79 -3.40 4.41
N ILE B 209 8.85 -4.59 5.02
CA ILE B 209 8.80 -4.75 6.46
C ILE B 209 10.11 -5.40 6.90
N ASN B 210 10.54 -5.07 8.12
CA ASN B 210 11.82 -5.54 8.68
C ASN B 210 12.98 -5.01 7.83
N GLY B 218 7.53 -16.51 15.06
CA GLY B 218 8.32 -16.49 16.27
C GLY B 218 8.35 -15.13 16.96
N ASP B 219 8.46 -15.15 18.28
CA ASP B 219 8.51 -13.91 19.05
C ASP B 219 9.87 -13.23 18.91
N LEU B 220 9.84 -11.89 18.83
CA LEU B 220 11.07 -11.14 18.70
C LEU B 220 11.85 -11.12 20.01
N ALA B 221 11.14 -10.98 21.13
CA ALA B 221 11.77 -10.88 22.44
C ALA B 221 11.00 -11.75 23.41
N THR B 222 11.63 -12.04 24.55
CA THR B 222 10.96 -12.79 25.61
C THR B 222 9.82 -11.94 26.16
N ILE B 223 8.64 -12.54 26.30
CA ILE B 223 7.43 -11.78 26.61
C ILE B 223 6.71 -12.23 27.88
N HIS B 224 6.99 -13.41 28.42
CA HIS B 224 6.25 -13.91 29.58
C HIS B 224 7.20 -14.41 30.65
N GLY B 225 6.74 -14.36 31.90
CA GLY B 225 7.49 -14.83 33.05
C GLY B 225 8.67 -13.93 33.39
N MET B 226 9.69 -14.53 34.00
CA MET B 226 10.88 -13.77 34.33
C MET B 226 11.62 -13.37 33.07
N ASN B 227 12.40 -12.28 33.19
CA ASN B 227 13.12 -11.67 32.07
C ASN B 227 12.18 -11.05 31.04
N ARG B 228 10.92 -10.79 31.42
CA ARG B 228 10.01 -10.07 30.55
C ARG B 228 10.32 -8.57 30.58
N PRO B 229 9.81 -7.81 29.61
CA PRO B 229 10.14 -6.38 29.56
C PRO B 229 9.76 -5.62 30.83
N PHE B 230 10.60 -4.65 31.19
CA PHE B 230 10.34 -3.83 32.36
C PHE B 230 11.01 -2.47 32.19
N LEU B 231 10.63 -1.56 33.08
CA LEU B 231 11.21 -0.23 33.16
C LEU B 231 12.19 -0.18 34.33
N LEU B 232 13.41 0.25 34.05
CA LEU B 232 14.44 0.43 35.07
C LEU B 232 14.48 1.90 35.45
N LEU B 233 14.18 2.19 36.71
CA LEU B 233 14.01 3.56 37.17
C LEU B 233 15.16 3.96 38.09
N MET B 234 15.82 5.06 37.76
CA MET B 234 16.86 5.65 38.59
C MET B 234 16.39 7.03 39.00
N ALA B 235 16.24 7.24 40.31
CA ALA B 235 15.71 8.50 40.82
C ALA B 235 16.43 8.88 42.11
N THR B 236 16.47 10.17 42.38
CA THR B 236 17.00 10.66 43.64
C THR B 236 16.01 10.29 44.74
N PRO B 237 16.46 9.75 45.87
CA PRO B 237 15.51 9.39 46.93
C PRO B 237 14.81 10.63 47.46
N LEU B 238 13.60 10.41 47.99
CA LEU B 238 12.81 11.52 48.51
C LEU B 238 13.47 12.16 49.73
N GLU B 239 14.19 11.36 50.52
CA GLU B 239 14.84 11.87 51.72
C GLU B 239 15.86 12.96 51.40
N ARG B 240 16.39 12.99 50.18
CA ARG B 240 17.38 13.97 49.78
C ARG B 240 16.69 15.16 49.12
N ALA B 241 15.92 15.87 49.92
CA ALA B 241 15.23 17.08 49.47
C ALA B 241 14.85 17.96 50.66
N THR B 255 29.10 29.22 30.73
CA THR B 255 29.59 30.59 30.84
C THR B 255 28.48 31.53 31.32
N ASN B 256 27.23 31.13 31.11
CA ASN B 256 26.08 31.96 31.48
C ASN B 256 25.89 32.07 32.99
N TYR B 257 26.68 31.34 33.78
CA TYR B 257 26.64 31.39 35.24
C TYR B 257 27.93 31.94 35.82
N CYS B 258 29.02 31.78 35.10
CA CYS B 258 30.35 32.19 35.53
C CYS B 258 30.62 33.67 35.29
N PHE B 259 29.99 34.25 34.26
CA PHE B 259 30.22 35.65 33.94
C PHE B 259 29.41 36.59 34.81
N SER B 260 28.24 36.16 35.28
CA SER B 260 27.38 37.01 36.09
C SER B 260 27.87 37.15 37.53
N SER B 261 28.34 36.07 38.13
CA SER B 261 28.70 36.06 39.53
C SER B 261 30.21 35.95 39.69
N THR B 262 30.73 36.60 40.73
CA THR B 262 32.14 36.51 41.09
C THR B 262 32.32 35.41 42.13
N GLU B 263 33.06 34.37 41.78
CA GLU B 263 33.21 33.19 42.63
C GLU B 263 34.66 32.96 43.01
N LYS B 264 34.86 32.58 44.28
CA LYS B 264 36.18 32.18 44.74
C LYS B 264 36.56 30.81 44.17
N ASN B 265 35.58 29.93 43.97
CA ASN B 265 35.84 28.56 43.55
C ASN B 265 36.08 28.49 42.04
N CYS B 266 36.44 27.29 41.59
CA CYS B 266 36.76 27.02 40.18
C CYS B 266 35.58 27.31 39.26
N CYS B 267 35.84 28.13 38.24
CA CYS B 267 34.79 28.58 37.33
C CYS B 267 35.45 29.16 36.08
N VAL B 268 34.62 29.52 35.09
CA VAL B 268 35.09 30.10 33.84
C VAL B 268 35.37 31.59 34.03
N ARG B 269 36.45 32.06 33.41
CA ARG B 269 36.86 33.45 33.48
C ARG B 269 36.94 34.05 32.08
N GLN B 270 36.47 35.29 31.96
CA GLN B 270 36.42 35.97 30.68
C GLN B 270 37.81 36.29 30.15
N LEU B 271 38.02 36.03 28.86
CA LEU B 271 39.23 36.52 28.19
C LEU B 271 38.98 36.54 26.69
N TYR B 272 38.81 37.73 26.12
CA TYR B 272 38.80 37.88 24.67
C TYR B 272 40.22 38.10 24.19
N ILE B 273 40.60 37.40 23.11
CA ILE B 273 41.95 37.45 22.60
C ILE B 273 41.93 38.02 21.19
N ASP B 274 42.52 39.21 21.02
CA ASP B 274 42.72 39.82 19.71
C ASP B 274 44.08 39.39 19.18
N PHE B 275 44.10 38.80 17.99
CA PHE B 275 45.36 38.29 17.45
C PHE B 275 46.39 39.39 17.27
N ARG B 276 45.95 40.63 17.07
CA ARG B 276 46.87 41.74 16.94
C ARG B 276 47.17 42.40 18.30
N LYS B 277 46.12 42.66 19.09
CA LYS B 277 46.31 43.39 20.34
C LYS B 277 46.96 42.49 21.40
N ASP B 278 46.56 41.22 21.45
CA ASP B 278 47.04 40.31 22.48
C ASP B 278 48.17 39.40 22.00
N LEU B 279 48.16 38.99 20.73
CA LEU B 279 49.19 38.12 20.18
C LEU B 279 50.15 38.82 19.23
N GLY B 280 49.81 40.02 18.76
CA GLY B 280 50.67 40.69 17.78
C GLY B 280 50.69 40.03 16.43
N TRP B 281 49.62 39.32 16.07
CA TRP B 281 49.55 38.58 14.82
C TRP B 281 48.72 39.31 13.77
N LYS B 282 49.14 39.17 12.51
CA LYS B 282 48.39 39.63 11.36
C LYS B 282 48.02 38.50 10.41
N TRP B 283 48.44 37.26 10.69
CA TRP B 283 48.28 36.19 9.72
C TRP B 283 46.94 35.49 9.75
N ILE B 284 46.16 35.68 10.80
CA ILE B 284 44.82 35.10 10.87
C ILE B 284 43.87 36.16 10.35
N HIS B 285 43.43 36.00 9.10
CA HIS B 285 42.55 37.00 8.48
C HIS B 285 41.15 36.94 9.08
N GLU B 286 40.67 35.73 9.36
CA GLU B 286 39.38 35.55 10.00
C GLU B 286 39.50 34.43 11.03
N PRO B 287 39.02 34.66 12.26
CA PRO B 287 38.57 36.00 12.65
C PRO B 287 39.76 36.84 13.14
N LYS B 288 39.49 38.07 13.57
CA LYS B 288 40.51 38.87 14.25
C LYS B 288 40.62 38.55 15.73
N GLY B 289 39.77 37.68 16.25
CA GLY B 289 39.83 37.31 17.65
C GLY B 289 38.67 36.42 17.99
N TYR B 290 38.70 35.94 19.23
CA TYR B 290 37.70 34.98 19.70
C TYR B 290 37.71 34.93 21.22
N HIS B 291 36.63 34.39 21.78
CA HIS B 291 36.47 34.29 23.24
C HIS B 291 37.07 32.97 23.70
N ALA B 292 38.37 32.97 23.93
CA ALA B 292 39.06 31.83 24.54
C ALA B 292 39.09 32.05 26.04
N ASN B 293 38.13 31.46 26.75
CA ASN B 293 38.11 31.63 28.19
C ASN B 293 39.07 30.64 28.85
N PHE B 294 39.45 30.94 30.09
CA PHE B 294 40.31 30.06 30.85
C PHE B 294 39.61 29.63 32.14
N CYS B 295 40.07 28.51 32.69
CA CYS B 295 39.59 28.03 33.98
C CYS B 295 40.55 28.49 35.07
N LEU B 296 39.99 29.00 36.16
CA LEU B 296 40.81 29.47 37.26
C LEU B 296 40.02 29.41 38.55
N GLY B 297 40.64 28.89 39.59
CA GLY B 297 40.04 28.78 40.90
C GLY B 297 40.55 27.56 41.61
N PRO B 298 40.66 27.63 42.93
CA PRO B 298 41.19 26.49 43.68
C PRO B 298 40.23 25.31 43.67
N CYS B 299 40.80 24.12 43.63
CA CYS B 299 40.06 22.86 43.77
C CYS B 299 40.79 22.15 44.89
N PRO B 300 40.68 22.65 46.13
CA PRO B 300 41.47 21.98 47.18
C PRO B 300 40.99 20.60 47.60
N ALA B 314 31.07 16.55 53.23
CA ALA B 314 29.95 17.45 53.48
C ALA B 314 29.47 18.09 52.18
N LEU B 315 30.41 18.60 51.39
CA LEU B 315 30.08 19.27 50.14
C LEU B 315 31.18 19.01 49.10
N TYR B 316 31.56 17.75 48.94
CA TYR B 316 32.63 17.37 48.02
C TYR B 316 32.17 17.38 46.56
N ASN B 317 30.96 17.88 46.28
CA ASN B 317 30.46 17.87 44.90
C ASN B 317 31.24 18.83 44.01
N GLN B 318 31.56 20.02 44.50
CA GLN B 318 32.38 20.95 43.72
C GLN B 318 33.83 20.98 44.16
N HIS B 319 34.17 20.23 45.20
CA HIS B 319 35.52 20.23 45.79
C HIS B 319 36.41 19.22 45.06
N ASN B 320 36.04 17.94 45.12
CA ASN B 320 36.77 16.85 44.50
C ASN B 320 35.79 15.83 43.95
N PRO B 321 35.20 16.12 42.78
CA PRO B 321 34.23 15.18 42.20
C PRO B 321 34.84 13.85 41.80
N GLY B 322 36.05 13.87 41.23
CA GLY B 322 36.70 12.66 40.76
C GLY B 322 37.43 11.87 41.82
N ALA B 323 37.67 12.47 42.99
CA ALA B 323 38.40 11.89 44.11
C ALA B 323 39.89 11.69 43.84
N SER B 324 40.41 12.19 42.72
CA SER B 324 41.83 12.07 42.40
C SER B 324 42.71 12.60 43.53
N ALA B 325 44.00 12.23 43.52
CA ALA B 325 44.90 12.64 44.59
C ALA B 325 45.04 14.16 44.66
N ALA B 326 45.10 14.83 43.52
CA ALA B 326 45.16 16.29 43.47
C ALA B 326 44.19 16.81 42.42
N PRO B 327 43.04 17.35 42.83
CA PRO B 327 42.07 17.87 41.86
C PRO B 327 42.48 19.21 41.27
N CYS B 328 42.18 19.39 39.99
CA CYS B 328 42.49 20.61 39.26
C CYS B 328 41.23 21.22 38.67
N CYS B 329 41.29 22.52 38.41
CA CYS B 329 40.22 23.25 37.74
C CYS B 329 40.48 23.19 36.25
N VAL B 330 39.88 22.21 35.59
CA VAL B 330 40.11 21.96 34.17
C VAL B 330 38.81 22.18 33.44
N PRO B 331 38.85 22.47 32.15
CA PRO B 331 37.62 22.64 31.39
C PRO B 331 36.93 21.31 31.11
N GLN B 332 35.61 21.37 30.97
CA GLN B 332 34.80 20.23 30.56
C GLN B 332 34.29 20.43 29.13
N ALA B 333 33.42 21.41 28.91
CA ALA B 333 32.84 21.67 27.59
C ALA B 333 33.77 22.58 26.81
N LEU B 334 34.19 22.12 25.63
CA LEU B 334 35.06 22.88 24.74
C LEU B 334 34.40 23.04 23.37
N GLU B 335 34.75 24.12 22.69
CA GLU B 335 34.21 24.40 21.37
C GLU B 335 35.34 24.71 20.41
N PRO B 336 35.19 24.38 19.14
CA PRO B 336 36.26 24.60 18.17
C PRO B 336 36.29 26.05 17.71
N LEU B 337 37.33 26.37 16.95
CA LEU B 337 37.52 27.70 16.38
C LEU B 337 37.92 27.59 14.93
N PRO B 338 37.07 27.98 13.99
CA PRO B 338 37.49 28.02 12.59
C PRO B 338 38.27 29.29 12.29
N ILE B 339 39.34 29.14 11.50
CA ILE B 339 40.18 30.26 11.14
C ILE B 339 40.41 30.23 9.63
N VAL B 340 40.84 31.38 9.10
CA VAL B 340 41.21 31.52 7.70
C VAL B 340 42.57 32.19 7.65
N TYR B 341 43.53 31.56 6.99
CA TYR B 341 44.88 32.11 6.86
C TYR B 341 45.49 31.66 5.55
N TYR B 342 46.61 32.29 5.20
CA TYR B 342 47.29 32.07 3.94
C TYR B 342 48.66 31.45 4.17
N VAL B 343 49.03 30.50 3.32
CA VAL B 343 50.40 29.98 3.25
C VAL B 343 50.89 30.22 1.83
N GLY B 344 51.58 31.33 1.62
CA GLY B 344 52.00 31.69 0.27
C GLY B 344 50.83 32.22 -0.54
N ARG B 345 50.61 31.65 -1.73
CA ARG B 345 49.50 32.08 -2.57
C ARG B 345 48.19 31.35 -2.30
N LYS B 346 48.21 30.23 -1.58
CA LYS B 346 47.01 29.42 -1.46
C LYS B 346 46.28 29.75 -0.16
N PRO B 347 45.02 30.18 -0.22
CA PRO B 347 44.26 30.39 1.02
C PRO B 347 43.78 29.07 1.59
N LYS B 348 43.83 28.96 2.92
CA LYS B 348 43.44 27.75 3.62
C LYS B 348 42.48 28.09 4.75
N VAL B 349 41.37 27.36 4.81
CA VAL B 349 40.41 27.45 5.91
C VAL B 349 40.53 26.15 6.70
N GLU B 350 40.86 26.28 7.99
CA GLU B 350 41.06 25.12 8.85
C GLU B 350 40.31 25.30 10.15
N GLN B 351 40.01 24.18 10.80
CA GLN B 351 39.30 24.16 12.07
C GLN B 351 40.20 23.59 13.14
N LEU B 352 40.34 24.32 14.25
CA LEU B 352 41.17 23.92 15.37
C LEU B 352 40.26 23.54 16.52
N SER B 353 40.52 22.37 17.11
CA SER B 353 39.63 21.82 18.14
C SER B 353 39.99 22.32 19.52
N ASN B 354 38.97 22.40 20.38
CA ASN B 354 39.17 22.65 21.81
C ASN B 354 39.89 23.96 22.07
N MET B 355 39.44 25.02 21.39
CA MET B 355 40.00 26.35 21.58
C MET B 355 39.22 27.18 22.58
N ILE B 356 37.90 27.00 22.64
CA ILE B 356 37.01 27.84 23.41
C ILE B 356 36.51 27.07 24.62
N VAL B 357 36.85 27.55 25.81
CA VAL B 357 36.41 26.94 27.07
C VAL B 357 35.01 27.43 27.40
N ARG B 358 34.07 26.49 27.49
CA ARG B 358 32.69 26.83 27.84
C ARG B 358 32.33 26.53 29.29
N SER B 359 32.93 25.51 29.90
CA SER B 359 32.66 25.18 31.29
C SER B 359 33.93 24.65 31.93
N CYS B 360 33.98 24.73 33.27
CA CYS B 360 35.11 24.24 34.04
C CYS B 360 34.63 23.30 35.14
N LYS B 361 35.51 22.38 35.54
CA LYS B 361 35.20 21.43 36.59
C LYS B 361 36.44 21.14 37.43
N CYS B 362 36.20 20.65 38.64
CA CYS B 362 37.24 20.15 39.52
C CYS B 362 37.38 18.64 39.28
N SER B 363 38.56 18.20 38.87
CA SER B 363 38.72 16.79 38.60
C SER B 363 40.03 16.23 39.11
N LEU C 3 -44.86 -9.07 -64.81
CA LEU C 3 -43.86 -8.16 -64.28
C LEU C 3 -43.96 -8.02 -62.75
N SER C 4 -42.90 -7.50 -62.15
CA SER C 4 -42.85 -7.19 -60.72
C SER C 4 -43.85 -6.10 -60.34
N THR C 5 -44.62 -5.59 -61.30
CA THR C 5 -45.70 -4.68 -60.94
C THR C 5 -46.61 -5.33 -59.91
N SER C 6 -46.78 -6.64 -60.00
CA SER C 6 -47.52 -7.39 -58.99
C SER C 6 -46.62 -7.88 -57.88
N LYS C 7 -45.36 -7.46 -57.87
CA LYS C 7 -44.44 -7.62 -56.76
C LYS C 7 -44.33 -6.35 -55.93
N THR C 8 -44.36 -5.20 -56.61
CA THR C 8 -44.43 -3.93 -55.91
C THR C 8 -45.72 -3.85 -55.11
N ILE C 9 -46.82 -4.29 -55.71
CA ILE C 9 -48.11 -4.26 -55.03
C ILE C 9 -48.12 -5.26 -53.89
N ASP C 10 -47.53 -6.45 -54.10
CA ASP C 10 -47.43 -7.39 -53.00
C ASP C 10 -46.61 -6.82 -51.86
N MET C 11 -45.51 -6.14 -52.18
CA MET C 11 -44.70 -5.53 -51.15
C MET C 11 -45.47 -4.40 -50.45
N GLU C 12 -46.16 -3.56 -51.23
CA GLU C 12 -46.95 -2.49 -50.62
C GLU C 12 -48.09 -3.05 -49.76
N LEU C 13 -48.68 -4.17 -50.16
CA LEU C 13 -49.71 -4.79 -49.34
C LEU C 13 -49.13 -5.33 -48.03
N VAL C 14 -47.94 -5.93 -48.08
CA VAL C 14 -47.28 -6.38 -46.87
C VAL C 14 -46.86 -5.19 -46.01
N LYS C 15 -46.28 -4.15 -46.63
CA LYS C 15 -45.83 -2.99 -45.87
C LYS C 15 -46.98 -2.29 -45.15
N ARG C 16 -48.14 -2.19 -45.80
CA ARG C 16 -49.27 -1.52 -45.16
C ARG C 16 -49.86 -2.36 -44.04
N LYS C 17 -49.87 -3.68 -44.17
CA LYS C 17 -50.32 -4.52 -43.07
C LYS C 17 -49.43 -4.33 -41.85
N ARG C 18 -48.12 -4.25 -42.06
CA ARG C 18 -47.21 -3.95 -40.97
C ARG C 18 -47.48 -2.56 -40.39
N ILE C 19 -47.70 -1.56 -41.26
CA ILE C 19 -47.97 -0.21 -40.77
C ILE C 19 -49.23 -0.19 -39.93
N GLU C 20 -50.27 -0.90 -40.37
CA GLU C 20 -51.51 -0.93 -39.59
C GLU C 20 -51.30 -1.67 -38.28
N ALA C 21 -50.49 -2.72 -38.30
CA ALA C 21 -50.16 -3.43 -37.07
C ALA C 21 -49.36 -2.54 -36.12
N ILE C 22 -48.43 -1.75 -36.66
CA ILE C 22 -47.64 -0.83 -35.85
C ILE C 22 -48.53 0.22 -35.19
N ARG C 23 -49.62 0.60 -35.87
CA ARG C 23 -50.57 1.52 -35.26
C ARG C 23 -51.13 0.93 -33.96
N GLY C 24 -51.50 -0.36 -33.98
CA GLY C 24 -51.98 -1.00 -32.77
C GLY C 24 -50.87 -1.30 -31.78
N GLN C 25 -49.67 -1.59 -32.29
CA GLN C 25 -48.55 -1.89 -31.41
C GLN C 25 -48.20 -0.69 -30.54
N ILE C 26 -47.99 0.47 -31.16
CA ILE C 26 -47.63 1.66 -30.40
C ILE C 26 -48.73 2.03 -29.42
N LEU C 27 -49.98 2.00 -29.89
CA LEU C 27 -51.09 2.39 -29.02
C LEU C 27 -51.28 1.41 -27.87
N SER C 28 -51.08 0.12 -28.12
CA SER C 28 -51.27 -0.87 -27.06
C SER C 28 -50.15 -0.80 -26.04
N LYS C 29 -48.92 -0.53 -26.48
CA LYS C 29 -47.81 -0.36 -25.54
C LYS C 29 -48.04 0.86 -24.65
N LEU C 30 -48.48 1.97 -25.24
CA LEU C 30 -48.84 3.12 -24.43
C LEU C 30 -50.17 2.92 -23.72
N ARG C 31 -50.84 1.80 -23.97
CA ARG C 31 -52.11 1.47 -23.35
C ARG C 31 -53.14 2.58 -23.60
N LEU C 32 -53.24 2.98 -24.87
CA LEU C 32 -54.18 3.99 -25.32
C LEU C 32 -55.09 3.39 -26.39
N ALA C 33 -56.39 3.68 -26.29
CA ALA C 33 -57.32 3.21 -27.30
C ALA C 33 -57.25 4.05 -28.57
N SER C 34 -56.96 5.34 -28.43
CA SER C 34 -56.82 6.26 -29.55
C SER C 34 -55.73 7.25 -29.19
N PRO C 35 -55.15 7.92 -30.19
CA PRO C 35 -54.15 8.97 -29.90
C PRO C 35 -54.75 10.04 -29.00
N PRO C 36 -53.99 10.55 -28.04
CA PRO C 36 -54.54 11.53 -27.10
C PRO C 36 -54.80 12.87 -27.77
N SER C 37 -55.77 13.60 -27.24
CA SER C 37 -56.14 14.90 -27.80
C SER C 37 -54.99 15.88 -27.64
N GLN C 38 -54.80 16.73 -28.64
CA GLN C 38 -53.70 17.69 -28.63
C GLN C 38 -54.16 19.12 -28.50
N GLY C 39 -55.46 19.34 -28.24
CA GLY C 39 -55.93 20.70 -28.05
C GLY C 39 -55.22 21.41 -26.91
N ASP C 40 -54.73 20.63 -25.94
CA ASP C 40 -54.04 21.17 -24.77
C ASP C 40 -52.54 21.29 -24.98
N VAL C 41 -52.02 20.80 -26.09
CA VAL C 41 -50.56 20.71 -26.26
C VAL C 41 -49.99 22.12 -26.43
N PRO C 42 -48.93 22.47 -25.73
CA PRO C 42 -48.35 23.80 -25.88
C PRO C 42 -47.67 23.96 -27.24
N PRO C 43 -47.94 25.07 -27.93
CA PRO C 43 -47.21 25.34 -29.16
C PRO C 43 -45.80 25.80 -28.84
N GLY C 44 -44.90 25.62 -29.80
CA GLY C 44 -43.54 26.04 -29.63
C GLY C 44 -42.61 24.86 -29.46
N PRO C 45 -41.37 25.14 -29.06
CA PRO C 45 -40.39 24.08 -28.86
C PRO C 45 -40.63 23.30 -27.57
N LEU C 46 -40.15 22.06 -27.56
CA LEU C 46 -40.22 21.26 -26.35
C LEU C 46 -39.28 21.85 -25.29
N PRO C 47 -39.63 21.72 -24.01
CA PRO C 47 -38.74 22.26 -22.97
C PRO C 47 -37.34 21.67 -23.06
N GLU C 48 -36.39 22.41 -22.49
CA GLU C 48 -34.99 22.00 -22.55
C GLU C 48 -34.76 20.69 -21.80
N ALA C 49 -35.40 20.53 -20.63
CA ALA C 49 -35.18 19.32 -19.85
C ALA C 49 -35.80 18.09 -20.52
N VAL C 50 -36.86 18.28 -21.32
CA VAL C 50 -37.48 17.16 -22.01
C VAL C 50 -36.56 16.64 -23.11
N LEU C 51 -35.96 17.56 -23.89
CA LEU C 51 -35.05 17.14 -24.95
C LEU C 51 -33.80 16.47 -24.37
N ALA C 52 -33.25 17.02 -23.28
CA ALA C 52 -32.07 16.41 -22.67
C ALA C 52 -32.39 15.01 -22.16
N LEU C 53 -33.58 14.85 -21.57
CA LEU C 53 -34.01 13.53 -21.14
C LEU C 53 -34.15 12.59 -22.31
N TYR C 54 -34.80 13.03 -23.38
CA TYR C 54 -34.96 12.19 -24.55
C TYR C 54 -33.63 11.91 -25.24
N ASN C 55 -32.70 12.87 -25.25
CA ASN C 55 -31.39 12.62 -25.83
C ASN C 55 -30.63 11.54 -25.08
N SER C 56 -30.64 11.60 -23.75
CA SER C 56 -29.86 10.65 -22.98
C SER C 56 -30.41 9.24 -23.11
N THR C 57 -31.72 9.11 -23.35
CA THR C 57 -32.32 7.79 -23.59
C THR C 57 -31.82 7.18 -24.90
N ARG C 58 -31.51 8.01 -25.91
CA ARG C 58 -30.99 7.49 -27.17
C ARG C 58 -29.48 7.34 -27.19
N ASP C 59 -28.74 8.09 -26.35
CA ASP C 59 -27.29 8.10 -26.46
C ASP C 59 -26.71 6.71 -26.29
N ARG C 60 -25.81 6.32 -27.20
CA ARG C 60 -25.07 5.09 -27.05
C ARG C 60 -24.00 5.28 -25.99
N VAL C 61 -24.04 4.44 -24.96
CA VAL C 61 -23.15 4.56 -23.82
C VAL C 61 -22.48 3.21 -23.58
N ALA C 62 -21.38 3.25 -22.84
CA ALA C 62 -20.64 2.05 -22.50
C ALA C 62 -21.06 1.62 -21.11
N GLY C 63 -21.62 0.42 -21.00
CA GLY C 63 -22.03 -0.14 -19.72
C GLY C 63 -21.69 -1.62 -19.58
N GLU C 71 -33.56 -9.46 -11.39
CA GLU C 71 -34.35 -8.53 -12.19
C GLU C 71 -35.00 -9.22 -13.38
N PRO C 72 -36.33 -9.17 -13.44
CA PRO C 72 -37.04 -9.81 -14.55
C PRO C 72 -36.83 -9.07 -15.85
N GLU C 73 -37.32 -9.69 -16.93
CA GLU C 73 -37.23 -9.08 -18.25
C GLU C 73 -38.23 -7.93 -18.36
N ALA C 74 -37.94 -7.02 -19.28
CA ALA C 74 -38.82 -5.89 -19.53
C ALA C 74 -40.17 -6.34 -20.08
N ASP C 75 -41.21 -5.58 -19.74
CA ASP C 75 -42.58 -5.88 -20.15
C ASP C 75 -42.85 -5.40 -21.58
N TYR C 76 -44.04 -5.74 -22.06
CA TYR C 76 -44.46 -5.29 -23.39
C TYR C 76 -44.76 -3.79 -23.37
N TYR C 77 -45.36 -3.31 -22.28
CA TYR C 77 -45.86 -1.94 -22.20
C TYR C 77 -44.72 -0.96 -21.92
N ALA C 78 -44.95 0.28 -22.33
CA ALA C 78 -43.95 1.32 -22.24
C ALA C 78 -43.65 1.71 -20.80
N LYS C 79 -42.42 2.18 -20.58
CA LYS C 79 -41.94 2.67 -19.29
C LYS C 79 -41.67 4.17 -19.37
N GLU C 80 -42.16 4.90 -18.37
CA GLU C 80 -41.88 6.33 -18.29
C GLU C 80 -40.44 6.58 -17.88
N VAL C 81 -39.74 7.43 -18.63
CA VAL C 81 -38.34 7.71 -18.40
C VAL C 81 -38.23 9.02 -17.63
N THR C 82 -37.53 8.98 -16.49
CA THR C 82 -37.25 10.16 -15.69
C THR C 82 -35.78 10.14 -15.29
N ARG C 83 -35.28 11.29 -14.85
CA ARG C 83 -33.92 11.37 -14.34
C ARG C 83 -33.86 12.32 -13.17
N VAL C 84 -32.91 12.07 -12.27
CA VAL C 84 -32.70 12.87 -11.08
C VAL C 84 -31.22 13.20 -10.98
N LEU C 85 -30.89 14.49 -11.03
CA LEU C 85 -29.51 14.93 -10.99
C LEU C 85 -28.93 14.80 -9.58
N MET C 86 -27.62 14.60 -9.51
CA MET C 86 -26.95 14.48 -8.23
C MET C 86 -26.94 15.81 -7.49
N VAL C 87 -26.57 15.75 -6.21
CA VAL C 87 -26.43 16.96 -5.40
C VAL C 87 -25.28 17.80 -5.93
N GLU C 88 -25.47 19.13 -5.94
CA GLU C 88 -24.51 20.03 -6.54
C GLU C 88 -23.15 19.95 -5.83
N SER C 89 -22.12 20.39 -6.53
CA SER C 89 -20.75 20.31 -6.03
C SER C 89 -20.53 21.22 -4.83
N GLY C 90 -20.92 22.49 -4.94
CA GLY C 90 -20.48 23.49 -3.98
C GLY C 90 -20.84 23.22 -2.54
N ASN C 91 -21.92 22.47 -2.29
CA ASN C 91 -22.47 22.34 -0.94
C ASN C 91 -22.51 20.89 -0.47
N GLN C 92 -22.05 20.66 0.77
CA GLN C 92 -22.28 19.47 1.57
C GLN C 92 -21.47 18.23 1.18
N ILE C 93 -21.30 17.94 -0.10
CA ILE C 93 -20.75 16.64 -0.50
C ILE C 93 -19.22 16.62 -0.56
N TYR C 94 -18.56 17.75 -0.32
CA TYR C 94 -17.10 17.78 -0.34
C TYR C 94 -16.45 17.90 1.04
N ASP C 95 -17.13 18.51 2.01
CA ASP C 95 -16.49 18.76 3.30
C ASP C 95 -16.30 17.46 4.08
N LYS C 96 -17.20 16.48 3.90
CA LYS C 96 -17.07 15.19 4.56
C LYS C 96 -16.10 14.28 3.83
N PHE C 97 -15.84 14.52 2.55
CA PHE C 97 -14.90 13.74 1.75
C PHE C 97 -13.81 14.69 1.26
N LYS C 98 -12.95 15.11 2.19
CA LYS C 98 -11.98 16.17 1.98
C LYS C 98 -10.69 15.61 1.38
N GLY C 99 -10.34 16.12 0.19
CA GLY C 99 -9.05 15.82 -0.41
C GLY C 99 -8.89 14.44 -0.99
N THR C 100 -9.96 13.85 -1.51
CA THR C 100 -9.87 12.55 -2.17
C THR C 100 -9.42 12.72 -3.62
N PRO C 101 -8.20 12.28 -3.96
CA PRO C 101 -7.65 12.58 -5.30
C PRO C 101 -8.21 11.72 -6.42
N HIS C 102 -8.54 10.46 -6.14
CA HIS C 102 -8.98 9.50 -7.15
C HIS C 102 -10.29 8.84 -6.75
N SER C 103 -11.20 9.62 -6.21
CA SER C 103 -12.51 9.11 -5.81
C SER C 103 -13.54 10.19 -6.12
N LEU C 104 -14.61 9.79 -6.79
CA LEU C 104 -15.69 10.68 -7.18
C LEU C 104 -16.95 10.25 -6.46
N TYR C 105 -17.66 11.21 -5.87
CA TYR C 105 -18.83 10.92 -5.06
C TYR C 105 -20.07 11.46 -5.74
N MET C 106 -21.11 10.64 -5.80
CA MET C 106 -22.38 11.01 -6.42
C MET C 106 -23.48 10.65 -5.44
N LEU C 107 -24.15 11.66 -4.90
CA LEU C 107 -25.19 11.48 -3.91
C LEU C 107 -26.48 12.09 -4.44
N PHE C 108 -27.61 11.49 -4.05
CA PHE C 108 -28.90 11.89 -4.59
C PHE C 108 -29.88 12.11 -3.46
N ASN C 109 -30.77 13.08 -3.66
CA ASN C 109 -31.87 13.29 -2.72
C ASN C 109 -32.90 12.19 -2.96
N THR C 110 -33.12 11.35 -1.96
CA THR C 110 -33.99 10.20 -2.13
C THR C 110 -35.44 10.61 -2.34
N SER C 111 -35.83 11.78 -1.83
CA SER C 111 -37.20 12.23 -2.03
C SER C 111 -37.45 12.58 -3.49
N GLU C 112 -36.44 13.15 -4.16
CA GLU C 112 -36.55 13.40 -5.60
C GLU C 112 -36.73 12.09 -6.38
N LEU C 113 -36.12 11.00 -5.91
CA LEU C 113 -36.34 9.70 -6.54
C LEU C 113 -37.76 9.22 -6.29
N ARG C 114 -38.25 9.41 -5.06
CA ARG C 114 -39.63 9.06 -4.77
C ARG C 114 -40.62 9.95 -5.49
N GLU C 115 -40.22 11.16 -5.87
CA GLU C 115 -41.08 11.99 -6.70
C GLU C 115 -41.16 11.44 -8.11
N ALA C 116 -40.04 10.92 -8.63
CA ALA C 116 -40.04 10.30 -9.95
C ALA C 116 -40.68 8.92 -9.91
N VAL C 117 -40.31 8.11 -8.93
CA VAL C 117 -40.86 6.77 -8.76
C VAL C 117 -41.50 6.68 -7.37
N PRO C 118 -42.83 6.85 -7.29
CA PRO C 118 -43.47 6.84 -5.97
C PRO C 118 -43.29 5.53 -5.21
N GLU C 119 -43.51 4.39 -5.87
CA GLU C 119 -43.43 3.11 -5.18
C GLU C 119 -42.34 2.23 -5.80
N PRO C 120 -41.60 1.49 -4.99
CA PRO C 120 -40.44 0.75 -5.51
C PRO C 120 -40.80 -0.32 -6.53
N VAL C 121 -42.00 -0.91 -6.43
CA VAL C 121 -42.38 -1.99 -7.35
C VAL C 121 -42.45 -1.49 -8.78
N LEU C 122 -42.71 -0.20 -8.97
CA LEU C 122 -42.87 0.35 -10.32
C LEU C 122 -41.54 0.43 -11.06
N LEU C 123 -40.43 0.62 -10.35
CA LEU C 123 -39.13 0.78 -11.00
C LEU C 123 -38.73 -0.49 -11.73
N SER C 124 -38.30 -0.34 -12.98
CA SER C 124 -37.83 -1.46 -13.78
C SER C 124 -36.36 -1.37 -14.16
N ARG C 125 -35.79 -0.17 -14.22
CA ARG C 125 -34.38 -0.01 -14.57
C ARG C 125 -33.89 1.31 -14.03
N ALA C 126 -32.66 1.30 -13.50
CA ALA C 126 -32.02 2.51 -13.01
C ALA C 126 -30.55 2.48 -13.40
N GLU C 127 -30.09 3.52 -14.09
CA GLU C 127 -28.72 3.61 -14.55
C GLU C 127 -28.04 4.84 -13.96
N LEU C 128 -26.79 4.68 -13.53
CA LEU C 128 -25.95 5.78 -13.10
C LEU C 128 -25.10 6.20 -14.29
N ARG C 129 -25.14 7.49 -14.63
CA ARG C 129 -24.53 7.99 -15.85
C ARG C 129 -23.44 9.00 -15.54
N LEU C 130 -22.30 8.86 -16.21
CA LEU C 130 -21.12 9.69 -16.02
C LEU C 130 -20.62 10.18 -17.38
N LEU C 131 -20.11 11.40 -17.42
CA LEU C 131 -19.52 11.95 -18.63
C LEU C 131 -18.01 11.89 -18.49
N ARG C 132 -17.41 10.82 -19.02
CA ARG C 132 -15.97 10.63 -18.94
C ARG C 132 -15.26 11.65 -19.83
N LEU C 133 -14.19 12.26 -19.31
CA LEU C 133 -13.57 13.37 -20.02
C LEU C 133 -12.11 13.18 -20.37
N LYS C 134 -11.29 12.61 -19.48
CA LYS C 134 -9.87 12.47 -19.76
C LYS C 134 -9.68 11.38 -20.82
N LEU C 135 -9.34 11.82 -22.03
CA LEU C 135 -9.49 11.03 -23.25
C LEU C 135 -8.44 9.94 -23.42
N LYS C 136 -7.18 10.20 -23.09
CA LYS C 136 -6.08 9.50 -23.72
C LYS C 136 -5.59 8.25 -23.00
N VAL C 137 -5.90 8.06 -21.71
CA VAL C 137 -5.27 7.01 -20.92
C VAL C 137 -6.31 5.96 -20.54
N GLU C 138 -5.88 4.69 -20.53
CA GLU C 138 -6.72 3.61 -20.06
C GLU C 138 -6.78 3.65 -18.53
N GLN C 139 -7.96 3.43 -17.99
CA GLN C 139 -8.15 3.52 -16.55
C GLN C 139 -9.13 2.45 -16.09
N HIS C 140 -8.92 2.00 -14.86
CA HIS C 140 -9.73 0.95 -14.23
C HIS C 140 -10.38 1.52 -12.98
N VAL C 141 -11.71 1.49 -12.95
CA VAL C 141 -12.47 2.12 -11.88
C VAL C 141 -13.34 1.06 -11.20
N GLU C 142 -13.88 1.43 -10.04
CA GLU C 142 -14.77 0.56 -9.27
C GLU C 142 -15.89 1.40 -8.68
N LEU C 143 -17.08 0.81 -8.60
CA LEU C 143 -18.25 1.50 -8.08
C LEU C 143 -18.62 0.93 -6.72
N TYR C 144 -19.00 1.82 -5.81
CA TYR C 144 -19.36 1.45 -4.45
C TYR C 144 -20.67 2.12 -4.08
N GLN C 145 -21.41 1.47 -3.20
CA GLN C 145 -22.70 1.98 -2.75
C GLN C 145 -22.60 2.46 -1.31
N LYS C 146 -23.17 3.63 -1.05
CA LYS C 146 -23.22 4.17 0.32
C LYS C 146 -24.33 3.43 1.05
N TYR C 147 -23.96 2.27 1.60
CA TYR C 147 -24.92 1.48 2.37
C TYR C 147 -25.36 2.24 3.61
N SER C 148 -24.41 2.54 4.49
CA SER C 148 -24.63 3.37 5.67
C SER C 148 -23.70 4.58 5.59
N GLN C 149 -23.84 5.47 6.57
CA GLN C 149 -22.95 6.63 6.64
C GLN C 149 -21.52 6.27 7.01
N ASP C 150 -21.25 5.01 7.37
CA ASP C 150 -19.93 4.63 7.84
C ASP C 150 -19.17 3.71 6.90
N SER C 151 -19.87 2.81 6.19
CA SER C 151 -19.20 1.79 5.40
C SER C 151 -19.62 1.88 3.94
N TRP C 152 -18.73 1.40 3.05
CA TRP C 152 -19.05 1.24 1.65
C TRP C 152 -18.92 -0.22 1.26
N ARG C 153 -19.75 -0.64 0.32
CA ARG C 153 -19.74 -2.01 -0.18
C ARG C 153 -19.59 -2.00 -1.69
N TYR C 154 -18.73 -2.89 -2.19
CA TYR C 154 -18.44 -2.96 -3.61
C TYR C 154 -19.67 -3.38 -4.40
N LEU C 155 -19.91 -2.68 -5.52
CA LEU C 155 -20.97 -3.02 -6.47
C LEU C 155 -20.40 -3.64 -7.74
N SER C 156 -19.59 -2.88 -8.48
CA SER C 156 -19.02 -3.39 -9.72
C SER C 156 -17.74 -2.63 -10.02
N ASN C 157 -17.11 -3.00 -11.14
CA ASN C 157 -15.93 -2.31 -11.65
C ASN C 157 -16.04 -2.29 -13.17
N ARG C 158 -15.14 -1.52 -13.80
CA ARG C 158 -15.14 -1.44 -15.26
C ARG C 158 -13.76 -1.03 -15.75
N LEU C 159 -13.22 -1.79 -16.69
CA LEU C 159 -11.98 -1.43 -17.36
C LEU C 159 -12.34 -0.55 -18.55
N LEU C 160 -11.86 0.70 -18.53
CA LEU C 160 -12.27 1.72 -19.48
C LEU C 160 -11.13 1.95 -20.46
N ALA C 161 -11.35 1.57 -21.73
CA ALA C 161 -10.36 1.81 -22.76
C ALA C 161 -10.35 3.29 -23.15
N PRO C 162 -9.22 3.78 -23.67
CA PRO C 162 -9.15 5.19 -24.06
C PRO C 162 -10.05 5.51 -25.23
N SER C 163 -10.63 6.72 -25.20
CA SER C 163 -11.52 7.20 -26.25
C SER C 163 -11.21 8.67 -26.51
N ASP C 164 -11.02 9.01 -27.79
CA ASP C 164 -10.61 10.36 -28.17
C ASP C 164 -11.65 11.42 -27.84
N SER C 165 -12.91 11.02 -27.67
CA SER C 165 -14.00 11.96 -27.43
C SER C 165 -14.58 11.72 -26.04
N PRO C 166 -15.14 12.75 -25.40
CA PRO C 166 -15.87 12.52 -24.16
C PRO C 166 -16.96 11.50 -24.36
N GLU C 167 -17.06 10.55 -23.43
CA GLU C 167 -17.93 9.40 -23.56
C GLU C 167 -18.82 9.30 -22.34
N TRP C 168 -20.07 8.89 -22.55
CA TRP C 168 -21.01 8.68 -21.46
C TRP C 168 -20.90 7.26 -20.92
N LEU C 169 -20.62 7.13 -19.63
CA LEU C 169 -20.57 5.84 -18.96
C LEU C 169 -21.90 5.56 -18.27
N SER C 170 -22.29 4.29 -18.25
CA SER C 170 -23.53 3.88 -17.60
C SER C 170 -23.26 2.74 -16.64
N PHE C 171 -23.91 2.77 -15.49
CA PHE C 171 -23.80 1.70 -14.50
C PHE C 171 -25.20 1.27 -14.10
N ASP C 172 -25.50 -0.01 -14.30
CA ASP C 172 -26.79 -0.55 -13.90
C ASP C 172 -26.86 -0.65 -12.39
N VAL C 173 -27.66 0.22 -11.77
CA VAL C 173 -27.80 0.24 -10.31
C VAL C 173 -29.27 0.04 -9.94
N THR C 174 -29.98 -0.71 -10.77
CA THR C 174 -31.41 -0.91 -10.57
C THR C 174 -31.70 -1.48 -9.18
N GLY C 175 -31.04 -2.59 -8.84
CA GLY C 175 -31.29 -3.22 -7.56
C GLY C 175 -31.00 -2.31 -6.38
N VAL C 176 -29.99 -1.45 -6.51
CA VAL C 176 -29.65 -0.53 -5.43
C VAL C 176 -30.70 0.57 -5.31
N VAL C 177 -31.06 1.18 -6.45
CA VAL C 177 -32.03 2.28 -6.42
C VAL C 177 -33.41 1.80 -6.00
N ARG C 178 -33.78 0.56 -6.33
CA ARG C 178 -35.06 0.02 -5.89
C ARG C 178 -35.12 -0.08 -4.37
N GLN C 179 -34.04 -0.56 -3.75
CA GLN C 179 -33.99 -0.60 -2.28
C GLN C 179 -34.02 0.79 -1.68
N TRP C 180 -33.44 1.78 -2.37
CA TRP C 180 -33.49 3.15 -1.89
C TRP C 180 -34.93 3.65 -1.80
N LEU C 181 -35.75 3.28 -2.78
CA LEU C 181 -37.15 3.71 -2.77
C LEU C 181 -37.92 3.11 -1.59
N THR C 182 -37.51 1.93 -1.12
CA THR C 182 -38.12 1.37 0.09
C THR C 182 -37.73 2.20 1.31
N ARG C 183 -36.47 2.61 1.40
CA ARG C 183 -36.02 3.42 2.52
C ARG C 183 -36.51 4.85 2.36
N ARG C 184 -36.78 5.51 3.49
CA ARG C 184 -37.13 6.92 3.48
C ARG C 184 -35.93 7.84 3.73
N GLU C 185 -34.77 7.28 4.06
CA GLU C 185 -33.59 8.08 4.37
C GLU C 185 -33.31 9.07 3.26
N ALA C 186 -33.06 10.33 3.65
CA ALA C 186 -33.07 11.44 2.70
C ALA C 186 -31.94 11.36 1.68
N ILE C 187 -30.77 10.86 2.08
CA ILE C 187 -29.59 10.91 1.23
C ILE C 187 -29.08 9.51 0.98
N GLU C 188 -28.75 9.22 -0.28
CA GLU C 188 -28.09 7.98 -0.71
C GLU C 188 -27.07 8.36 -1.76
N GLY C 189 -26.11 7.47 -2.01
CA GLY C 189 -25.08 7.84 -2.96
C GLY C 189 -24.18 6.69 -3.35
N PHE C 190 -23.32 6.99 -4.33
CA PHE C 190 -22.34 6.06 -4.88
C PHE C 190 -20.94 6.64 -4.70
N ARG C 191 -19.93 5.80 -4.95
CA ARG C 191 -18.54 6.21 -4.94
C ARG C 191 -17.82 5.52 -6.07
N LEU C 192 -17.20 6.30 -6.95
CA LEU C 192 -16.39 5.77 -8.04
C LEU C 192 -14.93 6.05 -7.71
N SER C 193 -14.15 4.98 -7.50
CA SER C 193 -12.76 5.10 -7.14
C SER C 193 -11.91 4.29 -8.10
N ALA C 194 -10.62 4.63 -8.15
CA ALA C 194 -9.72 3.92 -9.04
C ALA C 194 -9.42 2.52 -8.51
N HIS C 195 -9.09 1.62 -9.43
CA HIS C 195 -8.84 0.24 -9.08
C HIS C 195 -7.54 0.13 -8.30
N CYS C 196 -7.58 -0.60 -7.20
CA CYS C 196 -6.41 -0.85 -6.37
C CYS C 196 -5.83 -2.21 -6.75
N SER C 197 -4.54 -2.24 -7.06
CA SER C 197 -3.85 -3.46 -7.44
C SER C 197 -2.66 -3.67 -6.51
N CYS C 198 -2.67 -4.78 -5.77
CA CYS C 198 -1.59 -5.06 -4.84
C CYS C 198 -1.37 -6.57 -4.75
N ASP C 199 -0.19 -6.93 -4.24
CA ASP C 199 0.20 -8.32 -4.03
C ASP C 199 1.33 -8.35 -3.01
N SER C 200 1.31 -9.35 -2.14
CA SER C 200 2.31 -9.52 -1.10
C SER C 200 3.36 -10.54 -1.55
N LYS C 201 4.62 -10.27 -1.22
CA LYS C 201 5.71 -11.15 -1.64
C LYS C 201 6.93 -10.91 -0.76
N ASP C 202 7.28 -11.90 0.07
CA ASP C 202 8.49 -11.88 0.89
C ASP C 202 8.60 -10.59 1.71
N ASN C 203 7.63 -10.41 2.62
CA ASN C 203 7.53 -9.26 3.50
C ASN C 203 7.44 -7.92 2.76
N THR C 204 7.23 -7.94 1.44
CA THR C 204 7.04 -6.73 0.67
C THR C 204 5.60 -6.66 0.15
N LEU C 205 5.23 -5.48 -0.33
CA LEU C 205 3.88 -5.27 -0.85
C LEU C 205 3.92 -4.08 -1.79
N HIS C 206 3.50 -4.29 -3.04
CA HIS C 206 3.41 -3.23 -4.04
C HIS C 206 1.95 -2.86 -4.27
N VAL C 207 1.68 -1.57 -4.40
CA VAL C 207 0.34 -1.04 -4.61
C VAL C 207 0.39 -0.06 -5.77
N GLU C 208 -0.55 -0.21 -6.71
CA GLU C 208 -0.68 0.71 -7.82
C GLU C 208 -2.12 1.21 -7.94
N ILE C 209 -2.26 2.41 -8.47
CA ILE C 209 -3.54 3.07 -8.69
C ILE C 209 -3.71 3.34 -10.19
N ASN C 210 -4.98 3.42 -10.62
CA ASN C 210 -5.36 3.63 -12.02
C ASN C 210 -4.87 2.48 -12.89
N ARG C 217 -4.22 14.48 -12.48
CA ARG C 217 -3.99 15.90 -12.74
C ARG C 217 -5.31 16.67 -12.82
N GLY C 218 -6.30 16.05 -13.45
CA GLY C 218 -7.60 16.66 -13.60
C GLY C 218 -8.71 15.68 -13.26
N ASP C 219 -9.91 16.23 -13.04
CA ASP C 219 -11.08 15.41 -12.76
C ASP C 219 -11.36 14.43 -13.89
N LEU C 220 -11.81 13.23 -13.51
CA LEU C 220 -12.07 12.19 -14.50
C LEU C 220 -13.31 12.49 -15.32
N ALA C 221 -14.37 13.01 -14.70
CA ALA C 221 -15.63 13.21 -15.38
C ALA C 221 -16.19 14.58 -15.03
N THR C 222 -17.16 15.03 -15.84
CA THR C 222 -17.86 16.26 -15.54
C THR C 222 -18.64 16.11 -14.25
N ILE C 223 -18.49 17.05 -13.32
CA ILE C 223 -19.04 16.85 -11.99
C ILE C 223 -19.96 18.00 -11.56
N HIS C 224 -19.94 19.11 -12.29
CA HIS C 224 -20.67 20.28 -11.83
C HIS C 224 -21.56 20.82 -12.94
N GLY C 225 -22.67 21.44 -12.56
CA GLY C 225 -23.58 22.06 -13.50
C GLY C 225 -24.32 21.04 -14.34
N MET C 226 -24.72 21.46 -15.53
CA MET C 226 -25.39 20.56 -16.45
C MET C 226 -24.42 19.48 -16.94
N ASN C 227 -24.99 18.34 -17.34
CA ASN C 227 -24.25 17.16 -17.75
C ASN C 227 -23.45 16.53 -16.61
N ARG C 228 -23.79 16.85 -15.37
CA ARG C 228 -23.22 16.17 -14.22
C ARG C 228 -23.88 14.80 -14.05
N PRO C 229 -23.29 13.92 -13.24
CA PRO C 229 -23.86 12.57 -13.08
C PRO C 229 -25.31 12.59 -12.60
N PHE C 230 -26.08 11.63 -13.09
CA PHE C 230 -27.50 11.54 -12.76
C PHE C 230 -27.93 10.09 -12.84
N LEU C 231 -29.12 9.83 -12.30
CA LEU C 231 -29.75 8.51 -12.37
C LEU C 231 -30.87 8.55 -13.41
N LEU C 232 -30.82 7.61 -14.36
CA LEU C 232 -31.84 7.50 -15.39
C LEU C 232 -32.82 6.39 -15.01
N LEU C 233 -34.08 6.76 -14.79
CA LEU C 233 -35.09 5.86 -14.24
C LEU C 233 -36.12 5.49 -15.30
N MET C 234 -36.33 4.19 -15.48
CA MET C 234 -37.39 3.68 -16.34
C MET C 234 -38.35 2.88 -15.47
N ALA C 235 -39.59 3.34 -15.38
CA ALA C 235 -40.53 2.73 -14.46
C ALA C 235 -41.93 2.72 -15.07
N THR C 236 -42.76 1.81 -14.56
CA THR C 236 -44.16 1.79 -14.92
C THR C 236 -44.83 3.03 -14.31
N PRO C 237 -45.61 3.78 -15.08
CA PRO C 237 -46.22 5.00 -14.53
C PRO C 237 -47.18 4.67 -13.40
N LEU C 238 -47.37 5.65 -12.52
CA LEU C 238 -48.29 5.44 -11.41
C LEU C 238 -49.71 5.25 -11.90
N GLU C 239 -50.08 5.97 -12.97
CA GLU C 239 -51.43 5.86 -13.52
C GLU C 239 -51.70 4.48 -14.12
N ARG C 240 -50.65 3.80 -14.60
CA ARG C 240 -50.80 2.48 -15.21
C ARG C 240 -50.53 1.35 -14.24
N ALA C 241 -50.72 1.57 -12.94
CA ALA C 241 -50.57 0.54 -11.93
C ALA C 241 -51.85 0.24 -11.20
N GLN C 242 -52.62 1.28 -10.83
CA GLN C 242 -53.84 1.09 -10.07
C GLN C 242 -54.97 0.50 -10.92
N HIS C 243 -54.87 0.60 -12.24
CA HIS C 243 -55.92 0.08 -13.12
C HIS C 243 -55.71 -1.42 -13.38
N ALA C 252 -40.07 -14.60 -20.70
CA ALA C 252 -41.18 -15.36 -21.28
C ALA C 252 -41.80 -16.33 -20.29
N LEU C 253 -42.21 -17.49 -20.79
CA LEU C 253 -42.74 -18.56 -19.96
C LEU C 253 -41.79 -19.75 -20.05
N ASP C 254 -41.23 -20.15 -18.91
CA ASP C 254 -40.25 -21.22 -18.86
C ASP C 254 -40.90 -22.50 -18.33
N THR C 255 -40.10 -23.56 -18.27
CA THR C 255 -40.61 -24.87 -17.87
C THR C 255 -41.18 -24.88 -16.46
N ASN C 256 -40.74 -23.96 -15.59
CA ASN C 256 -41.23 -23.96 -14.21
C ASN C 256 -42.68 -23.50 -14.09
N TYR C 257 -43.28 -23.00 -15.17
CA TYR C 257 -44.68 -22.62 -15.21
C TYR C 257 -45.48 -23.43 -16.20
N CYS C 258 -44.82 -23.91 -17.25
CA CYS C 258 -45.46 -24.60 -18.35
C CYS C 258 -45.72 -26.06 -18.04
N PHE C 259 -44.85 -26.67 -17.25
CA PHE C 259 -45.00 -28.06 -16.89
C PHE C 259 -45.98 -28.24 -15.73
N SER C 260 -46.11 -27.21 -14.88
CA SER C 260 -46.98 -27.27 -13.73
C SER C 260 -48.45 -27.15 -14.11
N SER C 261 -48.76 -26.22 -15.02
CA SER C 261 -50.13 -25.91 -15.39
C SER C 261 -50.40 -26.30 -16.84
N THR C 262 -51.65 -26.66 -17.11
CA THR C 262 -52.10 -26.92 -18.47
C THR C 262 -52.62 -25.60 -19.05
N GLU C 263 -51.97 -25.13 -20.12
CA GLU C 263 -52.22 -23.81 -20.67
C GLU C 263 -52.78 -23.95 -22.07
N LYS C 264 -53.84 -23.19 -22.37
CA LYS C 264 -54.37 -23.15 -23.72
C LYS C 264 -53.45 -22.36 -24.64
N ASN C 265 -52.83 -21.30 -24.12
CA ASN C 265 -52.00 -20.40 -24.91
C ASN C 265 -50.60 -20.98 -25.09
N CYS C 266 -49.78 -20.23 -25.84
CA CYS C 266 -48.42 -20.64 -26.16
C CYS C 266 -47.59 -20.87 -24.92
N CYS C 267 -46.93 -22.02 -24.87
CA CYS C 267 -46.21 -22.42 -23.68
C CYS C 267 -45.25 -23.57 -24.03
N VAL C 268 -44.40 -23.94 -23.09
CA VAL C 268 -43.48 -25.04 -23.30
C VAL C 268 -44.18 -26.36 -23.07
N ARG C 269 -43.88 -27.34 -23.90
CA ARG C 269 -44.49 -28.66 -23.79
C ARG C 269 -43.38 -29.68 -23.58
N GLN C 270 -43.62 -30.61 -22.65
CA GLN C 270 -42.60 -31.59 -22.32
C GLN C 270 -42.44 -32.59 -23.46
N LEU C 271 -41.18 -32.92 -23.78
CA LEU C 271 -40.91 -33.97 -24.75
C LEU C 271 -39.52 -34.51 -24.51
N TYR C 272 -39.42 -35.71 -23.95
CA TYR C 272 -38.15 -36.42 -23.87
C TYR C 272 -37.92 -37.21 -25.14
N ILE C 273 -36.70 -37.15 -25.66
CA ILE C 273 -36.34 -37.78 -26.93
C ILE C 273 -35.29 -38.85 -26.63
N ASP C 274 -35.66 -40.11 -26.82
CA ASP C 274 -34.73 -41.22 -26.68
C ASP C 274 -34.12 -41.53 -28.04
N PHE C 275 -32.78 -41.50 -28.11
CA PHE C 275 -32.09 -41.66 -29.39
C PHE C 275 -32.33 -43.02 -30.01
N ARG C 276 -32.61 -44.04 -29.20
CA ARG C 276 -32.88 -45.36 -29.73
C ARG C 276 -34.37 -45.56 -30.00
N LYS C 277 -35.22 -45.18 -29.04
CA LYS C 277 -36.65 -45.44 -29.14
C LYS C 277 -37.35 -44.50 -30.11
N ASP C 278 -36.96 -43.22 -30.13
CA ASP C 278 -37.66 -42.23 -30.93
C ASP C 278 -36.99 -41.93 -32.26
N LEU C 279 -35.65 -41.97 -32.31
CA LEU C 279 -34.92 -41.69 -33.54
C LEU C 279 -34.36 -42.94 -34.20
N GLY C 280 -34.32 -44.07 -33.49
CA GLY C 280 -33.74 -45.26 -34.05
C GLY C 280 -32.25 -45.20 -34.21
N TRP C 281 -31.59 -44.37 -33.42
CA TRP C 281 -30.15 -44.17 -33.50
C TRP C 281 -29.46 -44.94 -32.38
N LYS C 282 -28.31 -45.52 -32.70
CA LYS C 282 -27.48 -46.21 -31.72
C LYS C 282 -26.09 -45.62 -31.58
N TRP C 283 -25.76 -44.60 -32.38
CA TRP C 283 -24.39 -44.07 -32.43
C TRP C 283 -24.10 -43.02 -31.38
N ILE C 284 -25.12 -42.49 -30.70
CA ILE C 284 -24.92 -41.52 -29.63
C ILE C 284 -24.82 -42.30 -28.32
N HIS C 285 -23.59 -42.45 -27.83
CA HIS C 285 -23.35 -43.24 -26.62
C HIS C 285 -23.81 -42.49 -25.36
N GLU C 286 -23.59 -41.17 -25.31
CA GLU C 286 -24.02 -40.37 -24.19
C GLU C 286 -24.59 -39.07 -24.73
N PRO C 287 -25.75 -38.62 -24.23
CA PRO C 287 -26.55 -39.37 -23.27
C PRO C 287 -27.44 -40.39 -23.99
N LYS C 288 -28.29 -41.10 -23.24
CA LYS C 288 -29.26 -41.97 -23.89
C LYS C 288 -30.49 -41.21 -24.37
N GLY C 289 -30.58 -39.93 -24.03
CA GLY C 289 -31.70 -39.11 -24.42
C GLY C 289 -31.62 -37.80 -23.69
N TYR C 290 -32.57 -36.92 -24.00
CA TYR C 290 -32.58 -35.60 -23.38
C TYR C 290 -33.96 -34.99 -23.53
N HIS C 291 -34.23 -33.96 -22.73
CA HIS C 291 -35.52 -33.28 -22.75
C HIS C 291 -35.47 -32.15 -23.77
N ALA C 292 -35.73 -32.49 -25.03
CA ALA C 292 -35.87 -31.50 -26.08
C ALA C 292 -37.34 -31.11 -26.11
N ASN C 293 -37.68 -30.04 -25.42
CA ASN C 293 -39.06 -29.62 -25.41
C ASN C 293 -39.36 -28.84 -26.68
N PHE C 294 -40.65 -28.72 -26.98
CA PHE C 294 -41.07 -27.91 -28.11
C PHE C 294 -42.01 -26.79 -27.65
N CYS C 295 -42.16 -25.79 -28.50
CA CYS C 295 -43.12 -24.73 -28.29
C CYS C 295 -44.41 -25.01 -29.06
N LEU C 296 -45.54 -24.85 -28.40
CA LEU C 296 -46.83 -25.09 -29.06
C LEU C 296 -47.92 -24.32 -28.35
N GLY C 297 -48.72 -23.58 -29.11
CA GLY C 297 -49.82 -22.85 -28.55
C GLY C 297 -50.12 -21.59 -29.31
N PRO C 298 -51.38 -21.19 -29.30
CA PRO C 298 -51.78 -19.99 -30.04
C PRO C 298 -51.16 -18.75 -29.43
N CYS C 299 -50.88 -17.78 -30.29
CA CYS C 299 -50.33 -16.48 -29.90
C CYS C 299 -51.24 -15.38 -30.42
N PRO C 300 -52.38 -15.15 -29.79
CA PRO C 300 -53.26 -14.09 -30.24
C PRO C 300 -52.59 -12.73 -30.05
N TYR C 301 -53.00 -11.77 -30.86
CA TYR C 301 -52.51 -10.42 -30.69
C TYR C 301 -52.90 -9.89 -29.32
N ILE C 302 -51.94 -9.27 -28.63
CA ILE C 302 -52.11 -8.93 -27.23
C ILE C 302 -53.28 -7.99 -27.00
N TRP C 303 -53.68 -7.21 -28.02
CA TRP C 303 -54.84 -6.36 -27.86
C TRP C 303 -56.14 -7.16 -27.90
N SER C 304 -56.16 -8.28 -28.61
CA SER C 304 -57.32 -9.16 -28.65
C SER C 304 -57.36 -10.14 -27.49
N LEU C 305 -56.29 -10.22 -26.70
CA LEU C 305 -56.25 -11.10 -25.55
C LEU C 305 -56.93 -10.44 -24.35
N ASP C 306 -57.29 -11.26 -23.37
CA ASP C 306 -58.00 -10.79 -22.19
C ASP C 306 -57.15 -9.76 -21.42
N THR C 307 -57.77 -9.16 -20.41
CA THR C 307 -57.09 -8.17 -19.59
C THR C 307 -55.84 -8.78 -18.97
N GLN C 308 -54.85 -7.93 -18.73
CA GLN C 308 -53.50 -8.43 -18.47
C GLN C 308 -53.43 -9.14 -17.12
N TYR C 309 -52.95 -10.38 -17.15
CA TYR C 309 -52.66 -11.17 -15.97
C TYR C 309 -51.16 -11.44 -15.88
N SER C 310 -50.69 -11.71 -14.66
CA SER C 310 -49.26 -11.80 -14.42
C SER C 310 -48.61 -12.90 -15.25
N LYS C 311 -49.28 -14.04 -15.40
CA LYS C 311 -48.68 -15.17 -16.08
C LYS C 311 -48.71 -15.01 -17.60
N VAL C 312 -49.73 -14.34 -18.13
CA VAL C 312 -49.84 -14.21 -19.58
C VAL C 312 -48.93 -13.12 -20.12
N LEU C 313 -48.72 -12.05 -19.34
CA LEU C 313 -47.93 -10.92 -19.80
C LEU C 313 -46.53 -11.31 -20.24
N ALA C 314 -45.97 -12.35 -19.61
CA ALA C 314 -44.58 -12.74 -19.88
C ALA C 314 -44.36 -13.11 -21.34
N LEU C 315 -45.33 -13.83 -21.95
CA LEU C 315 -45.18 -14.27 -23.33
C LEU C 315 -44.91 -13.11 -24.28
N TYR C 316 -45.70 -12.05 -24.16
CA TYR C 316 -45.64 -10.90 -25.04
C TYR C 316 -44.51 -9.91 -24.75
N ASN C 317 -43.49 -10.28 -23.97
CA ASN C 317 -42.43 -9.31 -23.68
C ASN C 317 -41.69 -8.88 -24.94
N GLN C 318 -41.40 -9.82 -25.84
CA GLN C 318 -40.75 -9.50 -27.10
C GLN C 318 -41.74 -9.44 -28.27
N HIS C 319 -43.01 -9.15 -27.98
CA HIS C 319 -44.05 -9.20 -28.99
C HIS C 319 -43.95 -8.02 -29.94
N ASN C 320 -44.03 -8.31 -31.23
CA ASN C 320 -43.91 -7.33 -32.30
C ASN C 320 -44.92 -7.73 -33.36
N PRO C 321 -46.16 -7.23 -33.25
CA PRO C 321 -47.26 -7.78 -34.07
C PRO C 321 -47.05 -7.72 -35.57
N GLY C 322 -46.50 -6.63 -36.10
CA GLY C 322 -46.38 -6.54 -37.54
C GLY C 322 -45.15 -7.18 -38.15
N ALA C 323 -44.14 -7.50 -37.33
CA ALA C 323 -42.88 -7.95 -37.91
C ALA C 323 -42.92 -9.35 -38.49
N SER C 324 -44.09 -10.00 -38.49
CA SER C 324 -44.20 -11.35 -39.05
C SER C 324 -45.57 -11.63 -39.61
N ALA C 325 -46.51 -10.68 -39.57
CA ALA C 325 -47.87 -10.84 -40.08
C ALA C 325 -48.67 -11.85 -39.26
N ALA C 326 -48.01 -12.91 -38.80
CA ALA C 326 -48.62 -13.94 -37.96
C ALA C 326 -47.68 -14.27 -36.81
N PRO C 327 -48.03 -13.93 -35.57
CA PRO C 327 -47.14 -14.24 -34.45
C PRO C 327 -47.13 -15.74 -34.17
N CYS C 328 -45.96 -16.25 -33.81
CA CYS C 328 -45.76 -17.67 -33.57
C CYS C 328 -45.27 -17.93 -32.16
N CYS C 329 -45.53 -19.16 -31.71
CA CYS C 329 -45.05 -19.65 -30.41
C CYS C 329 -43.67 -20.24 -30.65
N VAL C 330 -42.65 -19.42 -30.42
CA VAL C 330 -41.27 -19.80 -30.70
C VAL C 330 -40.54 -19.81 -29.37
N PRO C 331 -39.44 -20.55 -29.28
CA PRO C 331 -38.67 -20.56 -28.03
C PRO C 331 -37.90 -19.26 -27.86
N GLN C 332 -37.71 -18.88 -26.60
CA GLN C 332 -36.84 -17.74 -26.28
C GLN C 332 -35.57 -18.26 -25.63
N ALA C 333 -35.66 -18.86 -24.45
CA ALA C 333 -34.49 -19.41 -23.77
C ALA C 333 -34.24 -20.84 -24.23
N LEU C 334 -33.05 -21.09 -24.76
CA LEU C 334 -32.62 -22.41 -25.19
C LEU C 334 -31.33 -22.82 -24.48
N GLU C 335 -31.11 -24.12 -24.39
CA GLU C 335 -29.98 -24.72 -23.69
C GLU C 335 -29.29 -25.74 -24.60
N PRO C 336 -27.98 -25.88 -24.47
CA PRO C 336 -27.23 -26.81 -25.34
C PRO C 336 -27.30 -28.26 -24.86
N LEU C 337 -26.77 -29.15 -25.71
CA LEU C 337 -26.70 -30.57 -25.39
C LEU C 337 -25.33 -31.13 -25.73
N PRO C 338 -24.54 -31.51 -24.73
CA PRO C 338 -23.29 -32.23 -25.00
C PRO C 338 -23.56 -33.71 -25.21
N ILE C 339 -22.87 -34.29 -26.20
CA ILE C 339 -23.07 -35.69 -26.57
C ILE C 339 -21.72 -36.36 -26.71
N VAL C 340 -21.76 -37.70 -26.75
CA VAL C 340 -20.59 -38.53 -26.99
C VAL C 340 -20.92 -39.51 -28.10
N TYR C 341 -20.11 -39.51 -29.15
CA TYR C 341 -20.30 -40.44 -30.25
C TYR C 341 -18.93 -40.74 -30.85
N TYR C 342 -18.91 -41.72 -31.76
CA TYR C 342 -17.68 -42.19 -32.36
C TYR C 342 -17.63 -41.82 -33.84
N VAL C 343 -16.44 -41.45 -34.30
CA VAL C 343 -16.15 -41.27 -35.72
C VAL C 343 -15.05 -42.27 -36.03
N GLY C 344 -15.45 -43.46 -36.46
CA GLY C 344 -14.45 -44.50 -36.68
C GLY C 344 -13.95 -45.05 -35.36
N ARG C 345 -12.63 -45.00 -35.17
CA ARG C 345 -11.95 -45.53 -34.00
C ARG C 345 -11.86 -44.53 -32.85
N LYS C 346 -12.17 -43.25 -33.10
CA LYS C 346 -11.93 -42.17 -32.15
C LYS C 346 -13.21 -41.78 -31.42
N PRO C 347 -13.24 -41.81 -30.09
CA PRO C 347 -14.40 -41.26 -29.37
C PRO C 347 -14.35 -39.73 -29.36
N LYS C 348 -15.53 -39.11 -29.50
CA LYS C 348 -15.65 -37.68 -29.63
C LYS C 348 -16.67 -37.12 -28.64
N VAL C 349 -16.30 -36.03 -27.96
CA VAL C 349 -17.21 -35.28 -27.11
C VAL C 349 -17.50 -33.95 -27.80
N GLU C 350 -18.78 -33.70 -28.10
CA GLU C 350 -19.15 -32.47 -28.79
C GLU C 350 -20.38 -31.84 -28.13
N GLN C 351 -20.53 -30.53 -28.32
CA GLN C 351 -21.67 -29.80 -27.75
C GLN C 351 -22.44 -29.14 -28.89
N LEU C 352 -23.75 -29.36 -28.90
CA LEU C 352 -24.65 -28.84 -29.94
C LEU C 352 -25.54 -27.76 -29.35
N SER C 353 -25.67 -26.65 -30.05
CA SER C 353 -26.41 -25.49 -29.57
C SER C 353 -27.90 -25.57 -29.88
N ASN C 354 -28.68 -24.91 -29.04
CA ASN C 354 -30.12 -24.72 -29.28
C ASN C 354 -30.85 -26.05 -29.37
N MET C 355 -30.53 -26.98 -28.47
CA MET C 355 -31.17 -28.29 -28.45
C MET C 355 -32.31 -28.37 -27.45
N ILE C 356 -32.21 -27.69 -26.31
CA ILE C 356 -33.16 -27.81 -25.23
C ILE C 356 -33.97 -26.52 -25.14
N VAL C 357 -35.28 -26.63 -25.34
CA VAL C 357 -36.17 -25.48 -25.23
C VAL C 357 -36.56 -25.29 -23.77
N ARG C 358 -36.13 -24.16 -23.19
CA ARG C 358 -36.44 -23.86 -21.80
C ARG C 358 -37.61 -22.92 -21.63
N SER C 359 -37.83 -22.01 -22.58
CA SER C 359 -38.96 -21.11 -22.51
C SER C 359 -39.48 -20.85 -23.91
N CYS C 360 -40.76 -20.45 -23.99
CA CYS C 360 -41.38 -20.09 -25.26
C CYS C 360 -41.96 -18.69 -25.15
N LYS C 361 -42.04 -18.02 -26.29
CA LYS C 361 -42.58 -16.67 -26.36
C LYS C 361 -43.42 -16.52 -27.61
N CYS C 362 -44.30 -15.52 -27.58
CA CYS C 362 -45.11 -15.16 -28.74
C CYS C 362 -44.39 -14.07 -29.53
N SER C 363 -44.04 -14.38 -30.78
CA SER C 363 -43.36 -13.46 -31.67
C SER C 363 -44.18 -12.22 -32.04
N PRO D 2 -66.98 -30.79 -29.20
CA PRO D 2 -66.08 -31.75 -28.54
C PRO D 2 -64.72 -31.84 -29.22
N LEU D 3 -63.90 -30.81 -29.04
CA LEU D 3 -62.58 -30.76 -29.66
C LEU D 3 -61.46 -31.25 -28.75
N SER D 4 -61.72 -31.44 -27.46
CA SER D 4 -60.67 -31.91 -26.56
C SER D 4 -60.49 -33.43 -26.61
N THR D 5 -61.42 -34.16 -27.23
CA THR D 5 -61.23 -35.59 -27.43
C THR D 5 -60.08 -35.88 -28.38
N SER D 6 -59.98 -35.09 -29.45
CA SER D 6 -58.93 -35.22 -30.48
C SER D 6 -57.77 -34.27 -30.23
N LYS D 7 -57.43 -34.02 -28.97
CA LYS D 7 -56.27 -33.19 -28.66
C LYS D 7 -55.00 -34.00 -28.42
N THR D 8 -55.11 -35.18 -27.82
CA THR D 8 -53.95 -36.06 -27.64
C THR D 8 -53.34 -36.47 -28.98
N ILE D 9 -54.18 -36.82 -29.97
CA ILE D 9 -53.66 -37.27 -31.26
C ILE D 9 -52.98 -36.14 -32.00
N ASP D 10 -53.55 -34.93 -31.95
CA ASP D 10 -52.90 -33.78 -32.55
C ASP D 10 -51.57 -33.50 -31.88
N MET D 11 -51.51 -33.64 -30.55
CA MET D 11 -50.27 -33.41 -29.82
C MET D 11 -49.20 -34.41 -30.22
N GLU D 12 -49.58 -35.69 -30.34
CA GLU D 12 -48.63 -36.72 -30.73
C GLU D 12 -48.08 -36.48 -32.13
N LEU D 13 -48.92 -35.95 -33.02
CA LEU D 13 -48.46 -35.64 -34.36
C LEU D 13 -47.46 -34.48 -34.35
N VAL D 14 -47.69 -33.49 -33.50
CA VAL D 14 -46.72 -32.40 -33.35
C VAL D 14 -45.41 -32.95 -32.83
N LYS D 15 -45.49 -33.84 -31.82
CA LYS D 15 -44.29 -34.43 -31.24
C LYS D 15 -43.50 -35.21 -32.29
N ARG D 16 -44.20 -35.87 -33.21
CA ARG D 16 -43.51 -36.60 -34.26
C ARG D 16 -42.83 -35.64 -35.24
N LYS D 17 -43.47 -34.51 -35.52
CA LYS D 17 -42.81 -33.50 -36.35
C LYS D 17 -41.57 -32.96 -35.65
N ARG D 18 -41.69 -32.69 -34.35
CA ARG D 18 -40.54 -32.22 -33.58
C ARG D 18 -39.41 -33.24 -33.59
N ILE D 19 -39.75 -34.52 -33.37
CA ILE D 19 -38.70 -35.54 -33.37
C ILE D 19 -38.02 -35.59 -34.72
N GLU D 20 -38.81 -35.51 -35.79
CA GLU D 20 -38.25 -35.55 -37.14
C GLU D 20 -37.38 -34.33 -37.41
N ALA D 21 -37.80 -33.16 -36.90
CA ALA D 21 -36.95 -31.97 -37.03
C ALA D 21 -35.65 -32.13 -36.26
N ILE D 22 -35.72 -32.75 -35.08
CA ILE D 22 -34.52 -33.00 -34.28
C ILE D 22 -33.56 -33.92 -35.02
N ARG D 23 -34.11 -34.85 -35.81
CA ARG D 23 -33.28 -35.73 -36.63
C ARG D 23 -32.43 -34.93 -37.60
N GLY D 24 -33.02 -33.93 -38.27
CA GLY D 24 -32.25 -33.11 -39.18
C GLY D 24 -31.33 -32.14 -38.47
N GLN D 25 -31.73 -31.65 -37.29
CA GLN D 25 -30.88 -30.74 -36.54
C GLN D 25 -29.57 -31.42 -36.14
N ILE D 26 -29.66 -32.58 -35.49
CA ILE D 26 -28.46 -33.28 -35.03
C ILE D 26 -27.55 -33.65 -36.20
N LEU D 27 -28.13 -34.20 -37.28
CA LEU D 27 -27.32 -34.62 -38.41
C LEU D 27 -26.66 -33.44 -39.11
N SER D 28 -27.37 -32.32 -39.22
CA SER D 28 -26.81 -31.15 -39.91
C SER D 28 -25.77 -30.44 -39.04
N LYS D 29 -25.98 -30.41 -37.72
CA LYS D 29 -25.00 -29.79 -36.85
C LYS D 29 -23.68 -30.55 -36.85
N LEU D 30 -23.74 -31.88 -36.79
CA LEU D 30 -22.55 -32.70 -36.92
C LEU D 30 -22.06 -32.81 -38.35
N ARG D 31 -22.77 -32.19 -39.31
CA ARG D 31 -22.42 -32.22 -40.72
C ARG D 31 -22.29 -33.65 -41.24
N LEU D 32 -23.32 -34.44 -40.96
CA LEU D 32 -23.40 -35.82 -41.42
C LEU D 32 -24.66 -35.97 -42.27
N ALA D 33 -24.51 -36.65 -43.41
CA ALA D 33 -25.66 -36.91 -44.26
C ALA D 33 -26.51 -38.06 -43.73
N SER D 34 -25.88 -39.02 -43.08
CA SER D 34 -26.53 -40.18 -42.50
C SER D 34 -25.83 -40.52 -41.20
N PRO D 35 -26.46 -41.28 -40.32
CA PRO D 35 -25.80 -41.70 -39.08
C PRO D 35 -24.50 -42.42 -39.39
N PRO D 36 -23.46 -42.17 -38.60
CA PRO D 36 -22.14 -42.74 -38.91
C PRO D 36 -22.07 -44.22 -38.60
N SER D 37 -21.19 -44.91 -39.32
CA SER D 37 -20.99 -46.33 -39.13
C SER D 37 -20.33 -46.61 -37.79
N GLN D 38 -20.74 -47.69 -37.15
CA GLN D 38 -20.24 -48.07 -35.82
C GLN D 38 -19.43 -49.34 -35.86
N GLY D 39 -19.14 -49.86 -37.06
CA GLY D 39 -18.37 -51.10 -37.17
C GLY D 39 -16.98 -51.02 -36.58
N ASP D 40 -16.39 -49.83 -36.54
CA ASP D 40 -15.04 -49.64 -36.03
C ASP D 40 -15.00 -49.37 -34.53
N VAL D 41 -16.16 -49.17 -33.90
CA VAL D 41 -16.21 -48.71 -32.51
C VAL D 41 -15.85 -49.87 -31.59
N PRO D 42 -14.95 -49.69 -30.63
CA PRO D 42 -14.69 -50.73 -29.65
C PRO D 42 -15.87 -50.85 -28.69
N PRO D 43 -16.33 -52.06 -28.42
CA PRO D 43 -17.43 -52.23 -27.46
C PRO D 43 -16.97 -51.99 -26.03
N GLY D 44 -17.94 -51.71 -25.16
CA GLY D 44 -17.68 -51.52 -23.76
C GLY D 44 -17.85 -50.09 -23.30
N PRO D 45 -17.38 -49.81 -22.08
CA PRO D 45 -17.53 -48.46 -21.53
C PRO D 45 -16.54 -47.48 -22.14
N LEU D 46 -16.92 -46.20 -22.09
CA LEU D 46 -16.04 -45.14 -22.59
C LEU D 46 -14.81 -45.02 -21.69
N PRO D 47 -13.68 -44.62 -22.25
CA PRO D 47 -12.48 -44.43 -21.43
C PRO D 47 -12.73 -43.40 -20.34
N GLU D 48 -11.90 -43.46 -19.29
CA GLU D 48 -12.08 -42.54 -18.17
C GLU D 48 -11.89 -41.09 -18.60
N ALA D 49 -10.90 -40.83 -19.47
CA ALA D 49 -10.66 -39.46 -19.90
C ALA D 49 -11.78 -38.96 -20.81
N VAL D 50 -12.43 -39.86 -21.54
CA VAL D 50 -13.55 -39.46 -22.38
C VAL D 50 -14.75 -39.11 -21.52
N LEU D 51 -15.03 -39.94 -20.51
CA LEU D 51 -16.15 -39.66 -19.61
C LEU D 51 -15.87 -38.38 -18.81
N ALA D 52 -14.65 -38.23 -18.28
CA ALA D 52 -14.35 -37.04 -17.49
C ALA D 52 -14.49 -35.77 -18.35
N LEU D 53 -14.08 -35.84 -19.62
CA LEU D 53 -14.25 -34.71 -20.53
C LEU D 53 -15.73 -34.39 -20.74
N TYR D 54 -16.53 -35.43 -21.01
CA TYR D 54 -17.96 -35.22 -21.24
C TYR D 54 -18.67 -34.70 -19.99
N ASN D 55 -18.20 -35.13 -18.82
CA ASN D 55 -18.83 -34.74 -17.57
C ASN D 55 -18.68 -33.27 -17.29
N SER D 56 -17.47 -32.72 -17.43
CA SER D 56 -17.26 -31.33 -17.08
C SER D 56 -18.02 -30.41 -18.04
N THR D 57 -18.25 -30.84 -19.28
CA THR D 57 -19.08 -30.07 -20.18
C THR D 57 -20.52 -30.03 -19.70
N ARG D 58 -20.98 -31.09 -19.04
CA ARG D 58 -22.33 -31.17 -18.51
C ARG D 58 -22.44 -30.60 -17.11
N ASP D 59 -21.33 -30.57 -16.34
CA ASP D 59 -21.39 -30.13 -14.95
C ASP D 59 -21.85 -28.67 -14.86
N ARG D 60 -22.80 -28.42 -13.98
CA ARG D 60 -23.27 -27.06 -13.72
C ARG D 60 -22.24 -26.31 -12.89
N VAL D 61 -21.77 -25.17 -13.41
CA VAL D 61 -20.76 -24.38 -12.74
C VAL D 61 -21.26 -22.94 -12.61
N ALA D 62 -20.71 -22.24 -11.64
CA ALA D 62 -21.07 -20.85 -11.36
C ALA D 62 -19.97 -19.92 -11.89
N GLY D 63 -20.33 -19.04 -12.81
CA GLY D 63 -19.39 -18.04 -13.25
C GLY D 63 -19.78 -17.40 -14.56
N GLU D 64 -19.18 -16.24 -14.81
CA GLU D 64 -19.37 -15.52 -16.06
C GLU D 64 -18.52 -16.14 -17.17
N ASP D 75 -21.73 -20.63 -32.72
CA ASP D 75 -22.24 -20.88 -34.06
C ASP D 75 -23.28 -22.01 -34.04
N TYR D 76 -23.93 -22.23 -35.21
CA TYR D 76 -24.95 -23.28 -35.31
C TYR D 76 -24.35 -24.68 -35.24
N TYR D 77 -23.17 -24.87 -35.84
CA TYR D 77 -22.61 -26.20 -35.95
C TYR D 77 -21.98 -26.65 -34.62
N ALA D 78 -21.90 -27.96 -34.44
CA ALA D 78 -21.44 -28.51 -33.18
C ALA D 78 -19.95 -28.23 -33.01
N LYS D 79 -19.51 -28.10 -31.76
CA LYS D 79 -18.11 -27.83 -31.47
C LYS D 79 -17.50 -29.01 -30.74
N GLU D 80 -16.30 -29.40 -31.16
CA GLU D 80 -15.54 -30.43 -30.47
C GLU D 80 -14.97 -29.85 -29.18
N VAL D 81 -15.24 -30.50 -28.05
CA VAL D 81 -14.79 -30.01 -26.75
C VAL D 81 -13.60 -30.84 -26.29
N THR D 82 -12.53 -30.16 -25.90
CA THR D 82 -11.33 -30.78 -25.35
C THR D 82 -10.91 -30.01 -24.10
N ARG D 83 -10.04 -30.63 -23.29
CA ARG D 83 -9.55 -29.96 -22.10
C ARG D 83 -8.07 -30.27 -21.89
N VAL D 84 -7.37 -29.31 -21.30
CA VAL D 84 -5.94 -29.39 -21.04
C VAL D 84 -5.72 -28.93 -19.60
N LEU D 85 -5.18 -29.83 -18.78
CA LEU D 85 -4.91 -29.51 -17.38
C LEU D 85 -3.69 -28.60 -17.28
N MET D 86 -3.65 -27.81 -16.21
CA MET D 86 -2.52 -26.92 -15.98
C MET D 86 -1.27 -27.73 -15.67
N VAL D 87 -0.12 -27.05 -15.70
CA VAL D 87 1.12 -27.68 -15.30
C VAL D 87 1.06 -28.04 -13.82
N GLU D 88 1.55 -29.23 -13.50
CA GLU D 88 1.40 -29.78 -12.15
C GLU D 88 2.10 -28.89 -11.11
N SER D 89 1.69 -29.06 -9.86
CA SER D 89 2.20 -28.21 -8.78
C SER D 89 3.70 -28.42 -8.59
N GLY D 90 4.15 -29.68 -8.58
CA GLY D 90 5.52 -30.03 -8.22
C GLY D 90 6.58 -29.35 -9.07
N ASN D 91 6.22 -28.90 -10.28
CA ASN D 91 7.19 -28.46 -11.27
C ASN D 91 7.01 -26.97 -11.57
N GLN D 92 8.12 -26.22 -11.50
CA GLN D 92 8.26 -24.88 -12.06
C GLN D 92 7.50 -23.78 -11.32
N ILE D 93 6.30 -24.08 -10.81
CA ILE D 93 5.41 -23.03 -10.32
C ILE D 93 5.68 -22.64 -8.87
N TYR D 94 6.65 -23.26 -8.20
CA TYR D 94 6.95 -22.89 -6.81
C TYR D 94 8.16 -21.99 -6.66
N ASP D 95 9.19 -22.13 -7.49
CA ASP D 95 10.41 -21.35 -7.26
C ASP D 95 10.23 -19.90 -7.66
N LYS D 96 9.50 -19.62 -8.74
CA LYS D 96 9.31 -18.23 -9.16
C LYS D 96 8.16 -17.53 -8.44
N PHE D 97 7.17 -18.27 -7.96
CA PHE D 97 6.05 -17.69 -7.23
C PHE D 97 5.95 -18.39 -5.88
N LYS D 98 6.96 -18.16 -5.03
CA LYS D 98 7.13 -18.89 -3.77
C LYS D 98 6.43 -18.15 -2.64
N GLY D 99 5.49 -18.82 -1.98
CA GLY D 99 4.92 -18.30 -0.76
C GLY D 99 3.96 -17.14 -0.93
N THR D 100 3.24 -17.11 -2.04
CA THR D 100 2.24 -16.06 -2.21
C THR D 100 1.00 -16.43 -1.43
N PRO D 101 0.67 -15.69 -0.36
CA PRO D 101 -0.40 -16.13 0.53
C PRO D 101 -1.79 -15.98 -0.08
N HIS D 102 -1.97 -15.02 -0.98
CA HIS D 102 -3.28 -14.71 -1.53
C HIS D 102 -3.23 -14.71 -3.05
N SER D 103 -2.48 -15.66 -3.63
CA SER D 103 -2.32 -15.73 -5.07
C SER D 103 -2.22 -17.18 -5.51
N LEU D 104 -3.00 -17.56 -6.51
CA LEU D 104 -2.99 -18.89 -7.09
C LEU D 104 -2.55 -18.80 -8.54
N TYR D 105 -1.60 -19.65 -8.92
CA TYR D 105 -0.98 -19.61 -10.25
C TYR D 105 -1.36 -20.86 -11.03
N MET D 106 -1.77 -20.66 -12.28
CA MET D 106 -2.18 -21.74 -13.17
C MET D 106 -1.48 -21.54 -14.50
N LEU D 107 -0.61 -22.49 -14.86
CA LEU D 107 0.20 -22.37 -16.06
C LEU D 107 -0.11 -23.52 -17.01
N PHE D 108 -0.06 -23.24 -18.31
CA PHE D 108 -0.45 -24.20 -19.33
C PHE D 108 0.61 -24.29 -20.42
N ASN D 109 0.78 -25.48 -20.95
CA ASN D 109 1.65 -25.70 -22.11
C ASN D 109 0.92 -25.25 -23.37
N THR D 110 1.49 -24.27 -24.07
CA THR D 110 0.81 -23.72 -25.24
C THR D 110 0.70 -24.73 -26.37
N SER D 111 1.65 -25.66 -26.47
CA SER D 111 1.59 -26.66 -27.54
C SER D 111 0.46 -27.65 -27.30
N GLU D 112 0.22 -28.02 -26.04
CA GLU D 112 -0.93 -28.88 -25.73
C GLU D 112 -2.24 -28.20 -26.10
N LEU D 113 -2.28 -26.87 -25.98
CA LEU D 113 -3.46 -26.13 -26.43
C LEU D 113 -3.55 -26.17 -27.95
N ARG D 114 -2.42 -26.00 -28.65
CA ARG D 114 -2.43 -26.11 -30.10
C ARG D 114 -2.69 -27.54 -30.56
N GLU D 115 -2.39 -28.54 -29.72
CA GLU D 115 -2.77 -29.90 -30.06
C GLU D 115 -4.28 -30.10 -29.97
N ALA D 116 -4.91 -29.47 -28.98
CA ALA D 116 -6.36 -29.57 -28.85
C ALA D 116 -7.07 -28.74 -29.90
N VAL D 117 -6.63 -27.51 -30.11
CA VAL D 117 -7.19 -26.61 -31.11
C VAL D 117 -6.08 -26.26 -32.09
N PRO D 118 -6.03 -26.92 -33.25
CA PRO D 118 -4.94 -26.67 -34.20
C PRO D 118 -4.87 -25.23 -34.68
N GLU D 119 -6.01 -24.63 -35.05
CA GLU D 119 -5.95 -23.29 -35.61
C GLU D 119 -6.75 -22.32 -34.75
N PRO D 120 -6.24 -21.10 -34.56
CA PRO D 120 -6.90 -20.16 -33.64
C PRO D 120 -8.28 -19.74 -34.10
N VAL D 121 -8.52 -19.68 -35.41
CA VAL D 121 -9.82 -19.26 -35.91
C VAL D 121 -10.89 -20.26 -35.52
N LEU D 122 -10.49 -21.52 -35.32
CA LEU D 122 -11.44 -22.58 -35.01
C LEU D 122 -12.00 -22.46 -33.60
N LEU D 123 -11.23 -21.89 -32.67
CA LEU D 123 -11.66 -21.80 -31.28
C LEU D 123 -12.90 -20.92 -31.14
N SER D 124 -13.90 -21.41 -30.40
CA SER D 124 -15.12 -20.66 -30.17
C SER D 124 -15.34 -20.27 -28.70
N ARG D 125 -14.81 -21.05 -27.77
CA ARG D 125 -14.97 -20.72 -26.36
C ARG D 125 -13.88 -21.44 -25.57
N ALA D 126 -13.36 -20.75 -24.56
CA ALA D 126 -12.36 -21.33 -23.66
C ALA D 126 -12.68 -20.92 -22.23
N GLU D 127 -12.80 -21.89 -21.34
CA GLU D 127 -13.16 -21.64 -19.96
C GLU D 127 -12.05 -22.10 -19.03
N LEU D 128 -11.76 -21.29 -18.01
CA LEU D 128 -10.84 -21.66 -16.95
C LEU D 128 -11.67 -22.17 -15.78
N ARG D 129 -11.34 -23.37 -15.28
CA ARG D 129 -12.16 -24.06 -14.29
C ARG D 129 -11.39 -24.23 -12.99
N LEU D 130 -12.05 -23.89 -11.88
CA LEU D 130 -11.49 -23.99 -10.53
C LEU D 130 -12.50 -24.68 -9.62
N LEU D 131 -11.99 -25.51 -8.71
CA LEU D 131 -12.82 -26.16 -7.70
C LEU D 131 -12.60 -25.41 -6.38
N ARG D 132 -13.48 -24.46 -6.09
CA ARG D 132 -13.34 -23.65 -4.88
C ARG D 132 -13.64 -24.48 -3.63
N LEU D 133 -12.87 -24.25 -2.59
CA LEU D 133 -12.95 -25.03 -1.36
C LEU D 133 -13.33 -24.22 -0.13
N LYS D 134 -13.00 -22.92 -0.09
CA LYS D 134 -13.31 -22.10 1.09
C LYS D 134 -14.82 -21.98 1.21
N LEU D 135 -15.40 -22.75 2.14
CA LEU D 135 -16.85 -22.89 2.19
C LEU D 135 -17.52 -21.72 2.89
N LYS D 136 -16.98 -21.28 4.03
CA LYS D 136 -17.76 -20.51 4.98
C LYS D 136 -17.60 -19.00 4.85
N VAL D 137 -16.55 -18.50 4.22
CA VAL D 137 -16.25 -17.08 4.20
C VAL D 137 -16.38 -16.55 2.77
N GLU D 138 -16.95 -15.36 2.65
CA GLU D 138 -17.07 -14.68 1.36
C GLU D 138 -15.74 -14.08 0.93
N GLN D 139 -15.42 -14.20 -0.34
CA GLN D 139 -14.15 -13.73 -0.87
C GLN D 139 -14.35 -13.07 -2.23
N HIS D 140 -13.47 -12.11 -2.54
CA HIS D 140 -13.48 -11.37 -3.78
C HIS D 140 -12.17 -11.63 -4.50
N VAL D 141 -12.23 -12.18 -5.70
CA VAL D 141 -11.02 -12.60 -6.41
C VAL D 141 -10.93 -11.84 -7.73
N GLU D 142 -9.72 -11.89 -8.33
CA GLU D 142 -9.45 -11.29 -9.62
C GLU D 142 -8.55 -12.21 -10.43
N LEU D 143 -8.79 -12.27 -11.75
CA LEU D 143 -8.04 -13.11 -12.66
C LEU D 143 -7.12 -12.26 -13.53
N TYR D 144 -5.91 -12.76 -13.76
CA TYR D 144 -4.91 -12.01 -14.53
C TYR D 144 -4.28 -12.90 -15.58
N GLN D 145 -3.85 -12.27 -16.67
CA GLN D 145 -3.18 -12.93 -17.77
C GLN D 145 -1.71 -12.54 -17.79
N LYS D 146 -0.84 -13.49 -18.07
CA LYS D 146 0.59 -13.21 -18.23
C LYS D 146 0.79 -12.53 -19.59
N TYR D 147 0.58 -11.22 -19.60
CA TYR D 147 0.76 -10.41 -20.82
C TYR D 147 2.21 -10.39 -21.27
N SER D 148 3.12 -9.91 -20.42
CA SER D 148 4.53 -9.86 -20.73
C SER D 148 5.29 -10.77 -19.78
N GLN D 149 6.61 -10.83 -19.98
CA GLN D 149 7.44 -11.70 -19.13
C GLN D 149 7.53 -11.18 -17.70
N ASP D 150 7.15 -9.92 -17.46
CA ASP D 150 7.22 -9.29 -16.16
C ASP D 150 5.88 -8.87 -15.59
N SER D 151 4.91 -8.51 -16.43
CA SER D 151 3.69 -7.87 -15.98
C SER D 151 2.47 -8.75 -16.28
N TRP D 152 1.41 -8.51 -15.52
CA TRP D 152 0.12 -9.16 -15.68
C TRP D 152 -0.94 -8.14 -16.06
N ARG D 153 -1.99 -8.63 -16.73
CA ARG D 153 -3.08 -7.80 -17.19
C ARG D 153 -4.37 -8.24 -16.51
N TYR D 154 -5.13 -7.27 -16.02
CA TYR D 154 -6.40 -7.57 -15.38
C TYR D 154 -7.36 -8.16 -16.40
N LEU D 155 -8.03 -9.25 -16.03
CA LEU D 155 -9.07 -9.84 -16.86
C LEU D 155 -10.45 -9.62 -16.28
N SER D 156 -10.73 -10.16 -15.11
CA SER D 156 -12.06 -10.07 -14.52
C SER D 156 -11.95 -10.19 -13.01
N ASN D 157 -13.11 -10.15 -12.36
CA ASN D 157 -13.22 -10.32 -10.92
C ASN D 157 -14.46 -11.18 -10.65
N ARG D 158 -14.61 -11.60 -9.40
CA ARG D 158 -15.75 -12.43 -9.03
C ARG D 158 -16.00 -12.27 -7.53
N LEU D 159 -17.23 -11.96 -7.18
CA LEU D 159 -17.67 -11.94 -5.80
C LEU D 159 -18.21 -13.33 -5.45
N LEU D 160 -17.56 -14.00 -4.52
CA LEU D 160 -17.85 -15.40 -4.21
C LEU D 160 -18.57 -15.48 -2.86
N ALA D 161 -19.85 -15.84 -2.90
CA ALA D 161 -20.60 -16.03 -1.67
C ALA D 161 -20.23 -17.35 -0.99
N PRO D 162 -20.42 -17.45 0.32
CA PRO D 162 -20.12 -18.72 1.01
C PRO D 162 -21.09 -19.81 0.59
N SER D 163 -20.57 -21.04 0.48
CA SER D 163 -21.37 -22.18 0.08
C SER D 163 -20.97 -23.40 0.90
N ASP D 164 -21.97 -24.11 1.43
CA ASP D 164 -21.70 -25.25 2.30
C ASP D 164 -20.99 -26.38 1.57
N SER D 165 -21.09 -26.43 0.24
CA SER D 165 -20.51 -27.48 -0.57
C SER D 165 -19.43 -26.92 -1.50
N PRO D 166 -18.43 -27.73 -1.84
CA PRO D 166 -17.44 -27.29 -2.85
C PRO D 166 -18.12 -26.96 -4.17
N GLU D 167 -17.68 -25.87 -4.79
CA GLU D 167 -18.31 -25.32 -5.98
C GLU D 167 -17.28 -25.17 -7.08
N TRP D 168 -17.69 -25.43 -8.31
CA TRP D 168 -16.83 -25.27 -9.48
C TRP D 168 -16.97 -23.85 -10.03
N LEU D 169 -15.85 -23.15 -10.14
CA LEU D 169 -15.83 -21.82 -10.74
C LEU D 169 -15.40 -21.90 -12.20
N SER D 170 -15.96 -21.00 -13.01
CA SER D 170 -15.64 -20.92 -14.42
C SER D 170 -15.27 -19.48 -14.76
N PHE D 171 -14.28 -19.32 -15.63
CA PHE D 171 -13.86 -18.01 -16.11
C PHE D 171 -13.74 -18.06 -17.63
N ASP D 172 -14.49 -17.17 -18.29
CA ASP D 172 -14.44 -17.05 -19.75
C ASP D 172 -13.13 -16.39 -20.16
N VAL D 173 -12.23 -17.17 -20.76
CA VAL D 173 -10.93 -16.68 -21.19
C VAL D 173 -10.77 -16.90 -22.68
N THR D 174 -11.89 -16.87 -23.40
CA THR D 174 -11.87 -17.16 -24.84
C THR D 174 -10.92 -16.25 -25.57
N GLY D 175 -11.08 -14.93 -25.38
CA GLY D 175 -10.21 -14.00 -26.06
C GLY D 175 -8.75 -14.17 -25.72
N VAL D 176 -8.45 -14.53 -24.47
CA VAL D 176 -7.05 -14.70 -24.07
C VAL D 176 -6.45 -15.96 -24.69
N VAL D 177 -7.16 -17.09 -24.62
CA VAL D 177 -6.61 -18.34 -25.13
C VAL D 177 -6.45 -18.28 -26.64
N ARG D 178 -7.34 -17.57 -27.34
CA ARG D 178 -7.22 -17.40 -28.78
C ARG D 178 -5.94 -16.65 -29.12
N GLN D 179 -5.61 -15.62 -28.32
CA GLN D 179 -4.35 -14.90 -28.50
C GLN D 179 -3.15 -15.80 -28.27
N TRP D 180 -3.25 -16.75 -27.34
CA TRP D 180 -2.16 -17.68 -27.08
C TRP D 180 -1.84 -18.52 -28.31
N LEU D 181 -2.87 -18.95 -29.04
CA LEU D 181 -2.64 -19.79 -30.22
C LEU D 181 -1.91 -19.02 -31.31
N THR D 182 -2.13 -17.71 -31.41
CA THR D 182 -1.37 -16.90 -32.37
C THR D 182 0.09 -16.79 -31.95
N ARG D 183 0.34 -16.61 -30.67
CA ARG D 183 1.70 -16.41 -30.16
C ARG D 183 2.49 -17.71 -30.16
N ARG D 184 3.81 -17.57 -30.32
CA ARG D 184 4.74 -18.69 -30.29
C ARG D 184 5.30 -19.00 -28.90
N GLU D 185 5.08 -18.11 -27.93
CA GLU D 185 5.62 -18.34 -26.59
C GLU D 185 5.16 -19.68 -26.04
N ALA D 186 6.12 -20.45 -25.50
CA ALA D 186 5.86 -21.85 -25.17
C ALA D 186 4.90 -22.00 -23.99
N ILE D 187 4.98 -21.08 -23.02
CA ILE D 187 4.21 -21.22 -21.78
C ILE D 187 3.35 -19.98 -21.58
N GLU D 188 2.11 -20.20 -21.14
CA GLU D 188 1.18 -19.15 -20.79
C GLU D 188 0.48 -19.53 -19.49
N GLY D 189 -0.11 -18.56 -18.82
CA GLY D 189 -0.74 -18.88 -17.56
C GLY D 189 -1.58 -17.74 -17.01
N PHE D 190 -2.29 -18.06 -15.94
CA PHE D 190 -3.19 -17.15 -15.24
C PHE D 190 -2.72 -16.97 -13.80
N ARG D 191 -3.31 -15.98 -13.14
CA ARG D 191 -3.06 -15.71 -11.73
C ARG D 191 -4.36 -15.28 -11.08
N LEU D 192 -4.77 -15.97 -10.03
CA LEU D 192 -5.95 -15.60 -9.26
C LEU D 192 -5.49 -15.03 -7.91
N SER D 193 -5.76 -13.75 -7.68
CA SER D 193 -5.36 -13.06 -6.48
C SER D 193 -6.57 -12.41 -5.82
N ALA D 194 -6.42 -12.09 -4.54
CA ALA D 194 -7.51 -11.46 -3.80
C ALA D 194 -7.67 -10.00 -4.21
N HIS D 195 -8.89 -9.50 -4.05
CA HIS D 195 -9.19 -8.12 -4.44
C HIS D 195 -8.54 -7.14 -3.48
N CYS D 196 -7.88 -6.14 -4.03
CA CYS D 196 -7.23 -5.10 -3.24
C CYS D 196 -8.15 -3.90 -3.14
N SER D 197 -8.40 -3.43 -1.92
CA SER D 197 -9.26 -2.27 -1.68
C SER D 197 -8.46 -1.23 -0.91
N CYS D 198 -8.30 -0.05 -1.51
CA CYS D 198 -7.52 1.00 -0.88
C CYS D 198 -8.07 2.37 -1.29
N ASP D 199 -7.68 3.39 -0.53
CA ASP D 199 -8.06 4.76 -0.86
C ASP D 199 -7.08 5.73 -0.21
N SER D 200 -6.69 6.75 -0.96
CA SER D 200 -5.76 7.77 -0.51
C SER D 200 -6.50 9.05 -0.11
N LYS D 201 -5.96 9.72 0.90
CA LYS D 201 -6.57 10.95 1.41
C LYS D 201 -5.48 11.71 2.15
N ASP D 202 -5.12 12.89 1.63
CA ASP D 202 -4.05 13.71 2.18
C ASP D 202 -2.75 12.91 2.20
N ASN D 203 -2.39 12.36 3.37
CA ASN D 203 -1.17 11.58 3.51
C ASN D 203 -1.42 10.22 4.15
N THR D 204 -2.67 9.79 4.28
CA THR D 204 -3.00 8.49 4.83
C THR D 204 -3.47 7.55 3.71
N LEU D 205 -3.50 6.26 4.04
CA LEU D 205 -3.88 5.24 3.07
C LEU D 205 -4.33 3.99 3.82
N HIS D 206 -5.55 3.52 3.53
CA HIS D 206 -6.09 2.30 4.08
C HIS D 206 -6.04 1.20 3.03
N VAL D 207 -5.63 0.00 3.42
CA VAL D 207 -5.59 -1.14 2.52
C VAL D 207 -6.24 -2.32 3.21
N GLU D 208 -7.18 -2.97 2.51
CA GLU D 208 -7.86 -4.16 3.00
C GLU D 208 -7.84 -5.24 1.93
N ILE D 209 -7.99 -6.49 2.37
CA ILE D 209 -8.00 -7.65 1.49
C ILE D 209 -9.39 -8.28 1.58
N ASN D 210 -10.02 -8.49 0.43
CA ASN D 210 -11.40 -8.97 0.32
C ASN D 210 -12.35 -8.01 1.03
N GLY D 218 -5.79 -21.96 4.90
CA GLY D 218 -5.41 -23.18 4.19
C GLY D 218 -5.43 -23.02 2.68
N ASP D 219 -5.81 -24.08 1.99
CA ASP D 219 -5.87 -24.06 0.53
C ASP D 219 -7.16 -23.42 0.06
N LEU D 220 -7.05 -22.54 -0.94
CA LEU D 220 -8.24 -21.89 -1.48
C LEU D 220 -8.95 -22.82 -2.47
N ALA D 221 -8.20 -23.48 -3.35
CA ALA D 221 -8.75 -24.32 -4.39
C ALA D 221 -7.89 -25.57 -4.53
N THR D 222 -8.47 -26.60 -5.14
CA THR D 222 -7.73 -27.82 -5.43
C THR D 222 -6.65 -27.55 -6.48
N ILE D 223 -5.42 -27.99 -6.19
CA ILE D 223 -4.28 -27.67 -7.02
C ILE D 223 -3.52 -28.91 -7.49
N HIS D 224 -3.84 -30.07 -6.90
CA HIS D 224 -3.03 -31.25 -7.10
C HIS D 224 -3.88 -32.41 -7.61
N GLY D 225 -3.23 -33.27 -8.40
CA GLY D 225 -3.85 -34.46 -8.95
C GLY D 225 -4.94 -34.14 -9.94
N MET D 226 -5.88 -35.06 -10.09
CA MET D 226 -7.05 -34.80 -10.91
C MET D 226 -7.92 -33.75 -10.24
N ASN D 227 -8.76 -33.10 -11.04
CA ASN D 227 -9.61 -31.99 -10.63
C ASN D 227 -8.82 -30.73 -10.31
N ARG D 228 -7.58 -30.64 -10.78
CA ARG D 228 -6.83 -29.40 -10.70
C ARG D 228 -7.31 -28.45 -11.80
N PRO D 229 -6.95 -27.16 -11.72
CA PRO D 229 -7.44 -26.21 -12.72
C PRO D 229 -7.08 -26.61 -14.14
N PHE D 230 -7.99 -26.36 -15.07
CA PHE D 230 -7.79 -26.71 -16.47
C PHE D 230 -8.55 -25.75 -17.36
N LEU D 231 -8.23 -25.80 -18.65
CA LEU D 231 -8.93 -25.04 -19.68
C LEU D 231 -9.84 -25.98 -20.46
N LEU D 232 -11.12 -25.64 -20.54
CA LEU D 232 -12.09 -26.40 -21.34
C LEU D 232 -12.30 -25.68 -22.66
N LEU D 233 -11.93 -26.34 -23.76
CA LEU D 233 -11.89 -25.74 -25.08
C LEU D 233 -12.99 -26.27 -25.98
N MET D 234 -13.79 -25.37 -26.57
CA MET D 234 -14.78 -25.73 -27.57
C MET D 234 -14.41 -25.09 -28.90
N ALA D 235 -14.16 -25.92 -29.91
CA ALA D 235 -13.67 -25.44 -31.20
C ALA D 235 -14.31 -26.24 -32.33
N THR D 236 -14.36 -25.62 -33.50
CA THR D 236 -14.83 -26.31 -34.69
C THR D 236 -13.79 -27.33 -35.15
N PRO D 237 -14.18 -28.57 -35.42
CA PRO D 237 -13.22 -29.58 -35.88
C PRO D 237 -12.63 -29.22 -37.24
N LEU D 238 -11.45 -29.76 -37.51
CA LEU D 238 -10.79 -29.50 -38.79
C LEU D 238 -11.59 -30.04 -39.95
N GLU D 239 -12.26 -31.18 -39.76
CA GLU D 239 -13.05 -31.77 -40.83
C GLU D 239 -14.20 -30.89 -41.26
N ARG D 240 -14.72 -30.06 -40.34
CA ARG D 240 -15.83 -29.16 -40.63
C ARG D 240 -15.36 -27.75 -40.97
N ALA D 241 -14.16 -27.61 -41.49
CA ALA D 241 -13.64 -26.31 -41.89
C ALA D 241 -13.39 -26.19 -43.38
N GLN D 242 -13.06 -27.29 -44.06
CA GLN D 242 -12.90 -27.25 -45.51
C GLN D 242 -14.21 -26.99 -46.22
N HIS D 243 -15.33 -27.13 -45.53
CA HIS D 243 -16.66 -26.91 -46.12
C HIS D 243 -17.18 -25.56 -45.62
N LEU D 244 -16.66 -24.49 -46.23
CA LEU D 244 -17.00 -23.12 -45.89
C LEU D 244 -16.72 -22.83 -44.41
N THR D 255 -28.63 -5.94 -39.61
CA THR D 255 -29.24 -5.28 -40.76
C THR D 255 -28.25 -4.93 -41.87
N ASN D 256 -26.97 -4.83 -41.52
CA ASN D 256 -25.92 -4.45 -42.46
C ASN D 256 -25.66 -5.52 -43.53
N TYR D 257 -26.37 -6.64 -43.51
CA TYR D 257 -26.17 -7.72 -44.46
C TYR D 257 -27.35 -7.93 -45.40
N CYS D 258 -28.57 -7.61 -44.95
CA CYS D 258 -29.77 -7.87 -45.73
C CYS D 258 -30.11 -6.81 -46.77
N PHE D 259 -29.72 -5.55 -46.58
CA PHE D 259 -30.13 -4.48 -47.50
C PHE D 259 -29.23 -4.36 -48.72
N SER D 260 -27.97 -4.79 -48.61
CA SER D 260 -27.08 -4.70 -49.75
C SER D 260 -27.48 -5.73 -50.80
N SER D 261 -27.88 -6.93 -50.37
CA SER D 261 -28.22 -8.03 -51.25
C SER D 261 -29.72 -8.32 -51.19
N THR D 262 -30.29 -8.71 -52.31
CA THR D 262 -31.68 -9.15 -52.37
C THR D 262 -31.71 -10.65 -52.21
N GLU D 263 -32.34 -11.13 -51.13
CA GLU D 263 -32.28 -12.53 -50.75
C GLU D 263 -33.68 -13.15 -50.78
N LYS D 264 -33.75 -14.37 -51.33
CA LYS D 264 -35.00 -15.13 -51.36
C LYS D 264 -35.39 -15.70 -50.00
N ASN D 265 -34.42 -16.08 -49.17
CA ASN D 265 -34.70 -16.78 -47.92
C ASN D 265 -35.14 -15.81 -46.82
N CYS D 266 -35.52 -16.36 -45.66
CA CYS D 266 -35.98 -15.57 -44.52
C CYS D 266 -34.90 -14.58 -44.08
N CYS D 267 -35.28 -13.31 -44.00
CA CYS D 267 -34.38 -12.20 -43.75
C CYS D 267 -35.20 -11.00 -43.28
N VAL D 268 -34.50 -9.95 -42.81
CA VAL D 268 -35.11 -8.70 -42.38
C VAL D 268 -35.26 -7.79 -43.59
N ARG D 269 -36.37 -7.03 -43.64
CA ARG D 269 -36.68 -6.15 -44.76
C ARG D 269 -36.88 -4.70 -44.32
N GLN D 270 -36.43 -3.74 -45.15
CA GLN D 270 -36.52 -2.33 -44.78
C GLN D 270 -37.96 -1.88 -44.66
N LEU D 271 -38.24 -1.09 -43.62
CA LEU D 271 -39.51 -0.38 -43.55
C LEU D 271 -39.32 0.77 -42.57
N TYR D 272 -39.17 1.98 -43.11
CA TYR D 272 -39.16 3.18 -42.30
C TYR D 272 -40.59 3.63 -42.13
N ILE D 273 -40.93 4.01 -40.90
CA ILE D 273 -42.29 4.39 -40.56
C ILE D 273 -42.26 5.86 -40.22
N ASP D 274 -42.90 6.68 -41.05
CA ASP D 274 -43.05 8.09 -40.77
C ASP D 274 -44.34 8.28 -40.00
N PHE D 275 -44.25 8.84 -38.80
CA PHE D 275 -45.43 8.96 -37.95
C PHE D 275 -46.48 9.85 -38.59
N ARG D 276 -46.08 10.78 -39.44
CA ARG D 276 -47.03 11.65 -40.12
C ARG D 276 -47.47 11.05 -41.46
N LYS D 277 -46.51 10.58 -42.28
CA LYS D 277 -46.82 10.15 -43.63
C LYS D 277 -47.48 8.77 -43.67
N ASP D 278 -47.06 7.84 -42.83
CA ASP D 278 -47.56 6.48 -42.90
C ASP D 278 -48.66 6.17 -41.90
N LEU D 279 -48.63 6.79 -40.72
CA LEU D 279 -49.64 6.55 -39.70
C LEU D 279 -50.64 7.69 -39.56
N GLY D 280 -50.36 8.86 -40.12
CA GLY D 280 -51.25 9.99 -39.94
C GLY D 280 -51.27 10.54 -38.54
N TRP D 281 -50.18 10.39 -37.80
CA TRP D 281 -50.10 10.83 -36.42
C TRP D 281 -49.32 12.13 -36.34
N LYS D 282 -49.77 13.03 -35.47
CA LYS D 282 -49.06 14.27 -35.20
C LYS D 282 -48.66 14.41 -33.73
N TRP D 283 -49.03 13.46 -32.87
CA TRP D 283 -48.82 13.57 -31.44
C TRP D 283 -47.44 13.08 -31.00
N ILE D 284 -46.71 12.38 -31.85
CA ILE D 284 -45.36 11.92 -31.51
C ILE D 284 -44.41 13.02 -31.99
N HIS D 285 -43.94 13.85 -31.05
CA HIS D 285 -43.09 14.97 -31.42
C HIS D 285 -41.70 14.49 -31.79
N GLU D 286 -41.21 13.47 -31.09
CA GLU D 286 -39.91 12.91 -31.37
C GLU D 286 -40.00 11.40 -31.23
N PRO D 287 -39.45 10.64 -32.19
CA PRO D 287 -38.83 11.14 -33.42
C PRO D 287 -39.84 11.40 -34.54
N LYS D 288 -39.34 11.75 -35.73
CA LYS D 288 -40.20 11.86 -36.89
C LYS D 288 -40.44 10.51 -37.55
N GLY D 289 -39.75 9.47 -37.09
CA GLY D 289 -39.90 8.15 -37.65
C GLY D 289 -38.82 7.23 -37.13
N TYR D 290 -38.91 5.97 -37.53
CA TYR D 290 -37.92 5.00 -37.08
C TYR D 290 -37.94 3.81 -38.02
N HIS D 291 -36.88 3.02 -37.97
CA HIS D 291 -36.72 1.85 -38.82
C HIS D 291 -37.31 0.63 -38.13
N ALA D 292 -38.62 0.44 -38.28
CA ALA D 292 -39.30 -0.77 -37.81
C ALA D 292 -39.30 -1.76 -38.96
N ASN D 293 -38.33 -2.67 -38.97
CA ASN D 293 -38.32 -3.63 -40.06
C ASN D 293 -39.24 -4.80 -39.74
N PHE D 294 -39.56 -5.56 -40.77
CA PHE D 294 -40.37 -6.76 -40.64
C PHE D 294 -39.57 -7.96 -41.13
N CYS D 295 -40.01 -9.15 -40.71
CA CYS D 295 -39.43 -10.40 -41.17
C CYS D 295 -40.26 -10.96 -42.32
N LEU D 296 -39.58 -11.42 -43.36
CA LEU D 296 -40.25 -11.96 -44.53
C LEU D 296 -39.32 -12.97 -45.20
N GLY D 297 -39.86 -14.13 -45.56
CA GLY D 297 -39.09 -15.16 -46.20
C GLY D 297 -39.59 -16.56 -45.85
N PRO D 298 -39.38 -17.49 -46.77
CA PRO D 298 -39.86 -18.86 -46.57
C PRO D 298 -39.14 -19.58 -45.44
N CYS D 299 -39.88 -20.45 -44.77
CA CYS D 299 -39.37 -21.35 -43.73
C CYS D 299 -39.74 -22.78 -44.11
N PRO D 300 -39.04 -23.36 -45.08
CA PRO D 300 -39.39 -24.71 -45.55
C PRO D 300 -39.11 -25.76 -44.48
N TYR D 301 -40.16 -26.44 -44.05
CA TYR D 301 -40.08 -27.66 -43.25
C TYR D 301 -40.62 -28.87 -43.99
N ILE D 302 -41.76 -28.72 -44.68
CA ILE D 302 -42.39 -29.84 -45.38
C ILE D 302 -41.74 -30.00 -46.75
N TRP D 303 -41.30 -31.22 -47.04
CA TRP D 303 -40.56 -31.50 -48.27
C TRP D 303 -41.23 -32.62 -49.03
N SER D 304 -40.98 -32.65 -50.33
CA SER D 304 -41.46 -33.73 -51.19
C SER D 304 -40.45 -34.86 -51.23
N LEU D 305 -40.84 -35.98 -51.86
CA LEU D 305 -39.97 -37.13 -51.92
C LEU D 305 -38.80 -36.95 -52.89
N ASP D 306 -38.83 -35.91 -53.73
CA ASP D 306 -37.79 -35.74 -54.74
C ASP D 306 -36.53 -35.09 -54.16
N THR D 307 -36.71 -34.10 -53.27
CA THR D 307 -35.58 -33.34 -52.77
C THR D 307 -34.63 -34.25 -51.98
N GLN D 308 -33.33 -34.09 -52.25
CA GLN D 308 -32.33 -34.85 -51.52
C GLN D 308 -32.34 -34.46 -50.05
N TYR D 309 -32.02 -35.43 -49.19
CA TYR D 309 -32.01 -35.16 -47.76
C TYR D 309 -30.78 -34.35 -47.37
N SER D 310 -29.63 -34.68 -47.94
CA SER D 310 -28.41 -33.92 -47.65
C SER D 310 -28.52 -32.47 -48.07
N LYS D 311 -29.27 -32.20 -49.15
CA LYS D 311 -29.54 -30.82 -49.53
C LYS D 311 -30.36 -30.11 -48.45
N VAL D 312 -31.32 -30.82 -47.85
CA VAL D 312 -32.10 -30.25 -46.76
C VAL D 312 -31.25 -30.10 -45.50
N LEU D 313 -30.31 -31.04 -45.29
CA LEU D 313 -29.42 -30.96 -44.14
C LEU D 313 -28.44 -29.79 -44.29
N ALA D 314 -27.93 -29.58 -45.50
CA ALA D 314 -26.99 -28.48 -45.72
C ALA D 314 -27.61 -27.14 -45.38
N LEU D 315 -28.81 -26.89 -45.88
CA LEU D 315 -29.53 -25.64 -45.64
C LEU D 315 -30.23 -25.60 -44.29
N TYR D 316 -30.02 -26.60 -43.43
CA TYR D 316 -30.75 -26.59 -42.17
C TYR D 316 -30.30 -25.46 -41.27
N ASN D 317 -29.33 -24.66 -41.74
CA ASN D 317 -28.83 -23.49 -41.01
C ASN D 317 -29.88 -22.40 -40.99
N GLN D 318 -30.54 -22.19 -42.13
CA GLN D 318 -31.56 -21.18 -42.37
C GLN D 318 -32.97 -21.70 -42.27
N HIS D 319 -33.20 -22.98 -42.56
CA HIS D 319 -34.57 -23.50 -42.60
C HIS D 319 -35.11 -23.80 -41.21
N ASN D 320 -34.45 -24.67 -40.43
CA ASN D 320 -34.93 -24.98 -39.09
C ASN D 320 -33.79 -25.20 -38.11
N PRO D 321 -33.15 -24.12 -37.64
CA PRO D 321 -32.07 -24.29 -36.66
C PRO D 321 -32.56 -24.80 -35.32
N GLY D 322 -33.75 -24.36 -34.89
CA GLY D 322 -34.32 -24.74 -33.61
C GLY D 322 -35.02 -26.08 -33.59
N ALA D 323 -35.25 -26.67 -34.77
CA ALA D 323 -36.02 -27.90 -34.96
C ALA D 323 -37.41 -27.79 -34.33
N SER D 324 -38.21 -26.92 -34.95
CA SER D 324 -39.58 -26.69 -34.53
C SER D 324 -40.53 -27.48 -35.42
N ALA D 325 -41.67 -27.87 -34.85
CA ALA D 325 -42.64 -28.62 -35.64
C ALA D 325 -43.07 -27.79 -36.84
N ALA D 326 -43.27 -26.48 -36.63
CA ALA D 326 -43.56 -25.54 -37.71
C ALA D 326 -42.72 -24.30 -37.48
N PRO D 327 -41.62 -24.13 -38.22
CA PRO D 327 -40.79 -22.93 -38.07
C PRO D 327 -41.40 -21.70 -38.74
N CYS D 328 -41.18 -20.55 -38.10
CA CYS D 328 -41.63 -19.27 -38.60
C CYS D 328 -40.45 -18.35 -38.79
N CYS D 329 -40.59 -17.39 -39.70
CA CYS D 329 -39.58 -16.36 -39.89
C CYS D 329 -39.93 -15.22 -38.93
N VAL D 330 -39.34 -15.25 -37.75
CA VAL D 330 -39.65 -14.31 -36.69
C VAL D 330 -38.40 -13.51 -36.38
N PRO D 331 -38.53 -12.34 -35.77
CA PRO D 331 -37.34 -11.55 -35.44
C PRO D 331 -36.54 -12.18 -34.32
N GLN D 332 -35.22 -11.97 -34.38
CA GLN D 332 -34.32 -12.42 -33.33
C GLN D 332 -33.79 -11.24 -32.53
N ALA D 333 -32.99 -10.36 -33.14
CA ALA D 333 -32.45 -9.18 -32.48
C ALA D 333 -33.45 -8.04 -32.56
N LEU D 334 -33.82 -7.48 -31.42
CA LEU D 334 -34.74 -6.35 -31.35
C LEU D 334 -34.11 -5.22 -30.57
N GLU D 335 -34.53 -3.99 -30.88
CA GLU D 335 -34.04 -2.79 -30.24
C GLU D 335 -35.18 -1.89 -29.80
N PRO D 336 -35.00 -1.14 -28.72
CA PRO D 336 -36.07 -0.28 -28.20
C PRO D 336 -36.17 1.04 -28.95
N LEU D 337 -37.25 1.77 -28.68
CA LEU D 337 -37.50 3.06 -29.30
C LEU D 337 -38.03 4.06 -28.27
N PRO D 338 -37.25 5.09 -27.92
CA PRO D 338 -37.78 6.17 -27.09
C PRO D 338 -38.54 7.19 -27.93
N ILE D 339 -39.66 7.66 -27.38
CA ILE D 339 -40.51 8.64 -28.05
C ILE D 339 -40.86 9.76 -27.07
N VAL D 340 -41.35 10.88 -27.62
CA VAL D 340 -41.79 12.03 -26.84
C VAL D 340 -43.18 12.42 -27.30
N TYR D 341 -44.13 12.47 -26.37
CA TYR D 341 -45.50 12.86 -26.69
C TYR D 341 -46.12 13.52 -25.46
N TYR D 342 -47.30 14.10 -25.67
CA TYR D 342 -48.00 14.87 -24.65
C TYR D 342 -49.29 14.19 -24.25
N VAL D 343 -49.59 14.24 -22.95
CA VAL D 343 -50.89 13.84 -22.40
C VAL D 343 -51.45 15.10 -21.74
N GLY D 344 -52.26 15.84 -22.48
CA GLY D 344 -52.70 17.15 -22.02
C GLY D 344 -51.57 18.12 -22.20
N ARG D 345 -51.22 18.85 -21.14
CA ARG D 345 -50.09 19.76 -21.21
C ARG D 345 -48.78 19.10 -20.83
N LYS D 346 -48.82 17.87 -20.31
CA LYS D 346 -47.64 17.28 -19.69
C LYS D 346 -46.83 16.53 -20.74
N PRO D 347 -45.58 16.92 -20.98
CA PRO D 347 -44.74 16.13 -21.88
C PRO D 347 -44.25 14.89 -21.18
N LYS D 348 -44.23 13.79 -21.93
CA LYS D 348 -43.83 12.51 -21.37
C LYS D 348 -42.79 11.89 -22.29
N VAL D 349 -41.69 11.42 -21.70
CA VAL D 349 -40.66 10.67 -22.40
C VAL D 349 -40.79 9.23 -21.95
N GLU D 350 -41.06 8.35 -22.90
CA GLU D 350 -41.26 6.94 -22.60
C GLU D 350 -40.47 6.11 -23.61
N GLN D 351 -40.14 4.89 -23.20
CA GLN D 351 -39.38 3.97 -24.05
C GLN D 351 -40.22 2.74 -24.30
N LEU D 352 -40.30 2.34 -25.57
CA LEU D 352 -41.08 1.18 -26.01
C LEU D 352 -40.11 0.06 -26.36
N SER D 353 -40.38 -1.13 -25.84
CA SER D 353 -39.46 -2.24 -26.06
C SER D 353 -39.77 -2.95 -27.37
N ASN D 354 -38.73 -3.50 -27.99
CA ASN D 354 -38.87 -4.42 -29.11
C ASN D 354 -39.63 -3.79 -30.27
N MET D 355 -39.27 -2.56 -30.61
CA MET D 355 -39.88 -1.86 -31.72
C MET D 355 -39.12 -2.03 -33.02
N ILE D 356 -37.80 -2.14 -32.95
CA ILE D 356 -36.94 -2.14 -34.12
C ILE D 356 -36.43 -3.56 -34.35
N VAL D 357 -36.81 -4.17 -35.46
CA VAL D 357 -36.33 -5.50 -35.80
C VAL D 357 -34.95 -5.38 -36.41
N ARG D 358 -33.96 -5.96 -35.75
CA ARG D 358 -32.59 -5.89 -36.23
C ARG D 358 -32.17 -7.14 -36.98
N SER D 359 -32.71 -8.29 -36.60
CA SER D 359 -32.40 -9.53 -37.31
C SER D 359 -33.63 -10.42 -37.27
N CYS D 360 -33.64 -11.36 -38.21
CA CYS D 360 -34.68 -12.38 -38.27
C CYS D 360 -34.00 -13.74 -38.32
N LYS D 361 -34.69 -14.73 -37.79
CA LYS D 361 -34.25 -16.11 -37.87
C LYS D 361 -35.49 -16.94 -38.10
N CYS D 362 -35.31 -18.06 -38.75
CA CYS D 362 -36.43 -18.97 -39.00
C CYS D 362 -36.44 -20.01 -37.90
N SER D 363 -37.44 -19.94 -37.03
CA SER D 363 -37.58 -20.85 -35.89
C SER D 363 -38.76 -20.44 -35.03
C1 NAG E . 23.31 -11.90 39.26
C2 NAG E . 22.75 -13.33 39.02
C3 NAG E . 23.49 -14.37 39.83
C4 NAG E . 24.97 -14.34 39.45
C5 NAG E . 25.61 -12.96 39.64
C6 NAG E . 26.95 -12.91 38.96
C7 NAG E . 20.34 -14.13 39.65
C8 NAG E . 20.74 -14.80 40.96
N2 NAG E . 21.27 -13.46 38.93
O3 NAG E . 22.92 -15.60 39.44
O4 NAG E . 25.77 -15.23 40.21
O5 NAG E . 24.80 -11.91 39.06
O6 NAG E . 27.84 -14.00 39.21
O7 NAG E . 19.19 -14.19 39.24
C1 NAG E . 25.48 -16.59 39.89
C2 NAG E . 26.63 -17.35 40.44
C3 NAG E . 26.54 -18.80 39.97
C4 NAG E . 25.19 -19.41 40.36
C5 NAG E . 24.02 -18.50 39.93
C6 NAG E . 22.67 -18.89 40.50
C7 NAG E . 29.05 -16.90 40.47
C8 NAG E . 30.16 -16.15 39.79
N2 NAG E . 27.85 -16.74 39.93
O3 NAG E . 27.64 -19.55 40.50
O4 NAG E . 25.04 -20.70 39.78
O5 NAG E . 24.26 -17.16 40.39
O6 NAG E . 22.30 -20.23 40.25
O7 NAG E . 29.24 -17.62 41.43
C1 BMA E . 25.36 -21.72 40.77
C2 BMA E . 24.14 -22.19 41.63
C3 BMA E . 24.58 -23.27 42.62
C4 BMA E . 25.44 -24.35 41.94
C5 BMA E . 26.58 -23.72 41.11
C6 BMA E . 27.35 -24.74 40.30
O2 BMA E . 23.15 -22.80 40.83
O3 BMA E . 23.46 -23.88 43.24
O4 BMA E . 26.02 -25.17 42.93
O5 BMA E . 26.00 -22.81 40.17
O6 BMA E . 28.33 -24.04 39.53
C1 NAG F . -29.13 16.11 -28.54
C2 NAG F . -29.27 16.11 -30.06
C3 NAG F . -28.59 17.34 -30.64
C4 NAG F . -29.17 18.59 -29.98
C5 NAG F . -29.21 18.52 -28.44
C6 NAG F . -30.02 19.63 -27.80
C7 NAG F . -28.29 14.42 -31.80
C8 NAG F . -26.99 15.13 -32.03
N2 NAG F . -29.13 14.86 -30.82
O3 NAG F . -28.79 17.35 -32.05
O4 NAG F . -28.39 19.76 -30.25
O5 NAG F . -29.78 17.28 -28.00
O6 NAG F . -29.79 20.93 -28.32
O7 NAG F . -28.54 13.37 -32.42
C1 NAG F . -28.60 20.10 -31.61
C2 NAG F . -28.23 21.55 -31.76
C3 NAG F . -28.62 22.03 -33.16
C4 NAG F . -28.03 21.13 -34.23
C5 NAG F . -28.33 19.65 -33.95
C6 NAG F . -27.59 18.68 -34.84
C7 NAG F . -28.60 23.50 -30.30
C8 NAG F . -29.46 24.07 -29.23
N2 NAG F . -28.95 22.29 -30.75
O3 NAG F . -28.21 23.39 -33.32
O4 NAG F . -28.54 21.49 -35.51
O5 NAG F . -27.92 19.34 -32.60
O6 NAG F . -27.53 19.09 -36.20
O7 NAG F . -27.63 24.09 -30.76
C1 NAG G . -20.03 -38.38 -15.05
C2 NAG G . -19.63 -38.53 -13.61
C3 NAG G . -20.02 -39.92 -13.08
C4 NAG G . -21.46 -40.24 -13.47
C5 NAG G . -21.76 -39.86 -14.94
C6 NAG G . -23.21 -39.89 -15.36
C7 NAG G . -17.21 -38.85 -14.10
C8 NAG G . -15.83 -38.36 -13.79
N2 NAG G . -18.20 -38.25 -13.43
O3 NAG G . -19.93 -39.85 -11.66
O4 NAG G . -21.78 -41.58 -13.10
O5 NAG G . -21.36 -38.51 -15.16
O6 NAG G . -23.51 -41.02 -16.18
O7 NAG G . -17.41 -39.77 -14.89
C1 NAG G . -23.17 -41.30 -12.64
C2 NAG G . -24.10 -42.47 -12.90
C3 NAG G . -25.53 -41.95 -12.77
C4 NAG G . -25.71 -41.24 -11.43
C5 NAG G . -24.56 -40.32 -10.98
C6 NAG G . -24.62 -39.90 -9.54
C7 NAG G . -24.51 -44.14 -14.68
C8 NAG G . -24.11 -44.56 -16.08
N2 NAG G . -23.90 -43.05 -14.21
O3 NAG G . -26.49 -43.00 -12.95
O4 NAG G . -26.89 -40.47 -11.46
O5 NAG G . -23.27 -40.90 -11.21
O6 NAG G . -25.83 -39.27 -9.17
O7 NAG G . -25.34 -44.73 -14.02
#